data_4AOY
#
_entry.id   4AOY
#
_cell.length_a   56.130
_cell.length_b   106.840
_cell.length_c   154.500
_cell.angle_alpha   90.00
_cell.angle_beta   93.63
_cell.angle_gamma   90.00
#
_symmetry.space_group_name_H-M   'P 1 21 1'
#
loop_
_entity.id
_entity.type
_entity.pdbx_description
1 polymer 'ISOCITRATE DEHYDROGENASE [NADP]'
2 water water
#
_entity_poly.entity_id   1
_entity_poly.type   'polypeptide(L)'
_entity_poly.pdbx_seq_one_letter_code
;MSKIKMKVPLVEMDGDEMTRIIWRLIKENLLEPYIELNTEYYDLGLENRDKTEDQVTIDAARAIQKYGVGVKCATITPNA
QRVEEYNLKKMWKSPNGTIRAILDGTVFRAPIVVNSIKPFVKGWKKPISIARHAYGDVYKNVEYYVPSAGKAELVFTSEN
GEVSRQTIHEFDGPGVIMGMHNTDKSIRSFARACFNYALDMNQDLWFSTKDTISKTYDHRFKDIFQEIYENEYKEKFEAK
NLQYFYTLIDDAVARIIRSEGGMVWACKNYDGDVMSDMVASAFGSLAMMTSVLVSPDGKYEFEAAHGTVTRHYYKHLKGE
ETSTNSMATIFAWTGALKKRGELDGIKELVDFATKLEQASVQTIENGVMTKDLASLSEVPEKKIVNTEDFLKEIRKTFEG
MA
;
_entity_poly.pdbx_strand_id   A,B,C,D
#
# COMPACT_ATOMS: atom_id res chain seq x y z
N SER A 2 -17.02 2.19 18.82
CA SER A 2 -16.24 1.93 17.58
C SER A 2 -15.59 3.17 17.01
N LYS A 3 -15.00 4.02 17.85
CA LYS A 3 -14.03 5.01 17.34
C LYS A 3 -12.71 4.27 17.06
N ILE A 4 -11.85 4.80 16.18
CA ILE A 4 -10.58 4.13 15.92
C ILE A 4 -9.73 4.09 17.19
N LYS A 5 -9.06 2.98 17.46
CA LYS A 5 -8.27 2.90 18.67
C LYS A 5 -6.81 3.09 18.34
N MET A 6 -6.08 3.81 19.19
CA MET A 6 -4.66 4.06 19.01
C MET A 6 -3.82 3.14 19.90
N LYS A 7 -2.52 3.06 19.64
CA LYS A 7 -1.68 2.11 20.35
C LYS A 7 -0.69 2.95 21.12
N VAL A 8 0.45 3.23 20.52
CA VAL A 8 1.34 4.16 21.17
C VAL A 8 0.90 5.62 20.92
N PRO A 9 1.05 6.44 21.96
CA PRO A 9 0.48 7.79 21.91
C PRO A 9 1.28 8.66 20.95
N LEU A 10 0.64 9.68 20.41
CA LEU A 10 1.34 10.70 19.64
C LEU A 10 1.88 11.67 20.70
N VAL A 11 3.06 12.27 20.49
CA VAL A 11 3.47 13.41 21.33
C VAL A 11 2.76 14.67 20.81
N GLU A 12 1.87 15.27 21.59
CA GLU A 12 1.13 16.43 21.13
C GLU A 12 1.61 17.70 21.78
N MET A 13 2.03 18.65 20.98
CA MET A 13 2.47 19.88 21.60
C MET A 13 1.65 21.12 21.22
N ASP A 14 1.05 21.69 22.24
CA ASP A 14 0.12 22.80 22.06
C ASP A 14 0.88 24.11 21.82
N GLY A 15 0.23 25.09 21.19
CA GLY A 15 0.93 26.31 20.80
C GLY A 15 0.25 27.61 21.23
N ASP A 16 0.35 28.65 20.40
CA ASP A 16 0.07 29.98 20.87
C ASP A 16 -1.07 30.67 20.16
N GLU A 17 -1.81 31.51 20.90
CA GLU A 17 -2.63 32.54 20.27
C GLU A 17 -3.73 31.91 19.43
N MET A 18 -3.90 32.37 18.19
CA MET A 18 -5.04 31.94 17.41
C MET A 18 -4.87 30.48 17.01
N THR A 19 -3.65 30.09 16.66
CA THR A 19 -3.41 28.71 16.22
C THR A 19 -3.76 27.67 17.31
N ARG A 20 -3.55 28.05 18.57
CA ARG A 20 -3.96 27.26 19.71
C ARG A 20 -5.47 27.08 19.65
N ILE A 21 -6.20 28.16 19.34
CA ILE A 21 -7.65 28.04 19.19
C ILE A 21 -8.00 27.02 18.10
N ILE A 22 -7.39 27.17 16.94
CA ILE A 22 -7.67 26.28 15.83
C ILE A 22 -7.33 24.83 16.14
N TRP A 23 -6.22 24.65 16.86
CA TRP A 23 -5.72 23.32 17.15
C TRP A 23 -6.82 22.54 17.85
N ARG A 24 -7.41 23.18 18.87
CA ARG A 24 -8.48 22.57 19.62
C ARG A 24 -9.71 22.38 18.75
N LEU A 25 -10.06 23.39 17.97
CA LEU A 25 -11.20 23.32 17.07
C LEU A 25 -11.15 22.11 16.13
N ILE A 26 -9.94 21.84 15.61
CA ILE A 26 -9.70 20.73 14.71
C ILE A 26 -9.91 19.41 15.44
N LYS A 27 -9.35 19.28 16.64
CA LYS A 27 -9.53 18.08 17.46
C LYS A 27 -11.01 17.81 17.68
N GLU A 28 -11.71 18.84 18.18
CA GLU A 28 -13.15 18.71 18.50
C GLU A 28 -14.00 18.32 17.30
N ASN A 29 -13.78 18.99 16.17
CA ASN A 29 -14.67 18.86 15.00
C ASN A 29 -14.27 17.79 13.99
N LEU A 30 -12.98 17.44 13.95
CA LEU A 30 -12.46 16.48 12.97
C LEU A 30 -11.86 15.19 13.54
N LEU A 31 -11.19 15.26 14.68
CA LEU A 31 -10.51 14.05 15.14
C LEU A 31 -11.33 13.24 16.17
N GLU A 32 -11.66 13.83 17.30
CA GLU A 32 -12.23 13.10 18.43
C GLU A 32 -13.51 12.30 18.16
N PRO A 33 -14.39 12.82 17.27
CA PRO A 33 -15.59 12.11 16.81
C PRO A 33 -15.26 10.81 16.08
N TYR A 34 -14.02 10.54 15.77
CA TYR A 34 -13.73 9.38 14.96
C TYR A 34 -12.63 8.57 15.56
N ILE A 35 -11.88 9.22 16.44
CA ILE A 35 -10.71 8.57 16.99
C ILE A 35 -10.64 8.63 18.51
N GLU A 36 -10.15 7.56 19.12
CA GLU A 36 -9.89 7.56 20.54
C GLU A 36 -8.49 8.06 20.65
N LEU A 37 -8.34 9.37 20.58
CA LEU A 37 -7.02 10.01 20.56
C LEU A 37 -6.16 9.59 21.74
N ASN A 38 -4.94 9.18 21.47
CA ASN A 38 -4.06 8.88 22.58
C ASN A 38 -2.82 9.72 22.40
N THR A 39 -2.57 10.67 23.32
CA THR A 39 -1.43 11.61 23.19
C THR A 39 -0.76 11.91 24.52
N GLU A 40 0.57 12.11 24.54
CA GLU A 40 1.16 12.77 25.74
C GLU A 40 1.16 14.23 25.42
N TYR A 41 0.55 15.00 26.30
CA TYR A 41 0.32 16.40 26.05
C TYR A 41 1.41 17.31 26.66
N TYR A 42 2.12 18.07 25.80
CA TYR A 42 3.09 19.08 26.21
C TYR A 42 2.62 20.44 25.72
N ASP A 43 2.56 21.37 26.64
CA ASP A 43 2.02 22.67 26.34
C ASP A 43 3.17 23.63 26.08
N LEU A 44 3.37 23.94 24.81
CA LEU A 44 4.49 24.74 24.39
C LEU A 44 4.01 26.15 24.15
N GLY A 45 2.80 26.43 24.57
CA GLY A 45 2.36 27.82 24.69
C GLY A 45 3.46 28.66 25.32
N LEU A 46 3.48 29.96 25.01
CA LEU A 46 4.57 30.80 25.46
C LEU A 46 4.52 30.98 26.99
N GLU A 47 3.31 31.11 27.53
CA GLU A 47 3.14 31.23 28.97
C GLU A 47 3.76 30.02 29.65
N ASN A 48 3.46 28.82 29.16
CA ASN A 48 4.01 27.61 29.80
C ASN A 48 5.51 27.37 29.61
N ARG A 49 6.05 27.76 28.46
CA ARG A 49 7.49 27.72 28.29
C ARG A 49 8.16 28.62 29.33
N ASP A 50 7.61 29.80 29.51
CA ASP A 50 8.17 30.72 30.48
C ASP A 50 8.11 30.11 31.90
N LYS A 51 6.94 29.60 32.25
CA LYS A 51 6.67 29.04 33.55
C LYS A 51 7.57 27.84 33.91
N THR A 52 7.94 27.06 32.88
CA THR A 52 8.80 25.90 33.09
C THR A 52 10.23 26.26 32.71
N GLU A 53 10.44 27.50 32.29
CA GLU A 53 11.76 27.96 31.82
C GLU A 53 12.24 27.08 30.68
N ASP A 54 11.29 26.75 29.82
CA ASP A 54 11.54 26.05 28.58
C ASP A 54 11.94 24.59 28.73
N GLN A 55 11.92 24.06 29.95
CA GLN A 55 12.13 22.62 30.17
C GLN A 55 11.01 21.83 29.44
N VAL A 56 9.80 22.39 29.41
CA VAL A 56 8.71 21.71 28.76
C VAL A 56 9.07 21.39 27.30
N THR A 57 9.84 22.28 26.68
CA THR A 57 10.15 22.09 25.28
C THR A 57 11.11 20.94 25.08
N ILE A 58 12.18 20.94 25.88
CA ILE A 58 13.18 19.88 25.89
C ILE A 58 12.51 18.49 26.13
N ASP A 59 11.56 18.43 27.08
CA ASP A 59 10.93 17.16 27.44
C ASP A 59 10.09 16.62 26.23
N ALA A 60 9.42 17.54 25.53
CA ALA A 60 8.59 17.16 24.41
C ALA A 60 9.47 16.47 23.39
N ALA A 61 10.63 17.06 23.16
CA ALA A 61 11.57 16.52 22.21
C ALA A 61 12.03 15.14 22.65
N ARG A 62 12.41 14.99 23.91
CA ARG A 62 12.74 13.66 24.44
C ARG A 62 11.59 12.64 24.35
N ALA A 63 10.37 13.13 24.46
CA ALA A 63 9.20 12.26 24.32
C ALA A 63 9.09 11.80 22.90
N ILE A 64 9.45 12.65 21.96
CA ILE A 64 9.39 12.26 20.56
C ILE A 64 10.45 11.19 20.29
N GLN A 65 11.59 11.28 20.95
CA GLN A 65 12.63 10.28 20.81
C GLN A 65 12.08 8.96 21.32
N LYS A 66 11.19 9.10 22.29
CA LYS A 66 10.73 7.96 23.02
C LYS A 66 9.63 7.23 22.27
N TYR A 67 8.70 7.95 21.65
CA TYR A 67 7.52 7.31 21.05
C TYR A 67 7.62 7.17 19.56
N GLY A 68 8.19 8.20 18.92
CA GLY A 68 8.45 8.16 17.51
C GLY A 68 7.87 9.32 16.73
N VAL A 69 6.75 9.86 17.21
CA VAL A 69 6.05 10.85 16.39
C VAL A 69 5.44 11.96 17.19
N GLY A 70 5.60 13.18 16.72
CA GLY A 70 5.02 14.34 17.40
C GLY A 70 4.24 15.20 16.44
N VAL A 71 3.23 15.87 16.93
CA VAL A 71 2.51 16.81 16.11
C VAL A 71 2.49 18.06 16.96
N LYS A 72 2.88 19.18 16.35
CA LYS A 72 3.08 20.42 17.09
C LYS A 72 2.39 21.64 16.46
N CYS A 73 1.79 22.43 17.31
CA CYS A 73 1.05 23.60 16.92
C CYS A 73 2.01 24.79 16.80
N ALA A 74 1.66 25.80 16.02
CA ALA A 74 2.58 26.93 15.82
C ALA A 74 2.85 27.64 17.14
N THR A 75 4.10 28.03 17.33
CA THR A 75 4.49 28.72 18.55
C THR A 75 5.03 30.13 18.27
N ILE A 76 5.12 30.95 19.31
CA ILE A 76 5.74 32.26 19.22
C ILE A 76 7.18 32.12 19.66
N THR A 77 8.10 32.52 18.77
CA THR A 77 9.45 32.85 19.14
C THR A 77 9.48 34.29 19.69
N PRO A 78 9.82 34.45 20.96
CA PRO A 78 9.84 35.77 21.56
C PRO A 78 10.95 36.67 20.98
N ASN A 79 10.61 37.93 20.79
CA ASN A 79 11.56 38.98 20.47
C ASN A 79 11.36 40.09 21.53
N ALA A 80 11.99 41.25 21.33
CA ALA A 80 11.91 42.34 22.29
C ALA A 80 10.46 42.64 22.65
N GLN A 81 9.62 42.80 21.63
CA GLN A 81 8.21 43.13 21.83
C GLN A 81 7.49 42.14 22.75
N ARG A 82 7.76 40.86 22.53
CA ARG A 82 7.11 39.75 23.19
C ARG A 82 7.47 39.63 24.65
N VAL A 83 8.70 39.97 24.98
CA VAL A 83 9.16 39.89 26.34
C VAL A 83 8.23 40.62 27.31
N GLU A 84 7.82 41.82 26.93
CA GLU A 84 6.96 42.65 27.77
C GLU A 84 5.49 42.22 27.77
N GLU A 85 4.94 41.93 26.59
CA GLU A 85 3.56 41.43 26.51
C GLU A 85 3.32 40.28 27.49
N TYR A 86 4.30 39.40 27.66
CA TYR A 86 4.12 38.26 28.51
C TYR A 86 5.02 38.27 29.75
N ASN A 87 5.66 39.41 30.07
CA ASN A 87 6.65 39.41 31.15
C ASN A 87 7.54 38.18 31.10
N LEU A 88 8.31 38.00 30.02
CA LEU A 88 9.21 36.83 29.96
C LEU A 88 10.45 37.06 30.83
N LYS A 89 11.01 35.97 31.37
CA LYS A 89 12.17 36.11 32.25
C LYS A 89 13.46 36.05 31.45
N LYS A 90 13.37 35.46 30.27
CA LYS A 90 14.47 35.43 29.34
C LYS A 90 13.95 35.48 27.91
N MET A 91 14.87 35.61 26.96
CA MET A 91 14.51 35.50 25.54
C MET A 91 14.46 34.05 25.07
N TRP A 92 13.62 33.23 25.65
CA TRP A 92 13.54 31.82 25.27
C TRP A 92 13.77 31.61 23.76
N LYS A 93 14.62 30.64 23.44
CA LYS A 93 14.94 30.24 22.06
C LYS A 93 13.75 29.66 21.32
N SER A 94 13.73 29.85 20.01
CA SER A 94 12.76 29.15 19.18
C SER A 94 12.56 27.71 19.66
N PRO A 95 11.32 27.31 19.91
CA PRO A 95 11.00 25.94 20.24
C PRO A 95 11.32 25.00 19.07
N ASN A 96 10.95 25.37 17.85
CA ASN A 96 11.31 24.55 16.69
C ASN A 96 12.82 24.30 16.62
N GLY A 97 13.60 25.33 16.91
CA GLY A 97 15.06 25.18 16.99
C GLY A 97 15.52 24.26 18.12
N THR A 98 14.86 24.28 19.25
CA THR A 98 15.32 23.40 20.32
C THR A 98 15.00 21.95 19.95
N ILE A 99 13.81 21.74 19.42
CA ILE A 99 13.41 20.38 19.09
C ILE A 99 14.33 19.78 18.03
N ARG A 100 14.59 20.51 16.95
CA ARG A 100 15.52 20.11 15.89
C ARG A 100 16.84 19.61 16.42
N ALA A 101 17.50 20.53 17.11
CA ALA A 101 18.82 20.30 17.69
C ALA A 101 18.84 19.00 18.52
N ILE A 102 17.80 18.77 19.31
CA ILE A 102 17.79 17.62 20.20
C ILE A 102 17.60 16.36 19.42
N LEU A 103 16.69 16.41 18.45
CA LEU A 103 16.38 15.29 17.59
C LEU A 103 17.48 15.17 16.55
N ASP A 104 18.26 16.24 16.43
CA ASP A 104 19.23 16.34 15.37
C ASP A 104 18.61 16.19 13.97
N GLY A 105 17.52 16.91 13.75
CA GLY A 105 16.64 16.62 12.61
C GLY A 105 16.77 17.49 11.38
N THR A 106 16.02 17.17 10.35
CA THR A 106 16.03 17.98 9.14
C THR A 106 14.59 18.34 8.81
N VAL A 107 14.33 19.58 8.42
CA VAL A 107 12.98 19.99 8.17
C VAL A 107 12.69 19.94 6.69
N PHE A 108 11.54 19.37 6.37
CA PHE A 108 11.12 19.26 4.98
C PHE A 108 9.82 20.04 4.82
N ARG A 109 9.84 21.06 3.96
CA ARG A 109 8.65 21.83 3.68
C ARG A 109 8.20 21.61 2.24
N ALA A 110 6.90 21.41 2.10
CA ALA A 110 6.25 21.04 0.88
C ALA A 110 4.88 21.70 0.81
N PRO A 111 4.45 22.00 -0.38
CA PRO A 111 3.15 22.62 -0.51
C PRO A 111 2.03 21.60 -0.40
N ILE A 112 0.84 22.09 -0.07
CA ILE A 112 -0.39 21.31 -0.16
C ILE A 112 -1.10 21.76 -1.43
N VAL A 113 -1.24 20.89 -2.41
CA VAL A 113 -1.84 21.35 -3.66
C VAL A 113 -3.35 21.08 -3.84
N VAL A 114 -4.04 22.03 -4.44
CA VAL A 114 -5.43 21.87 -4.77
C VAL A 114 -5.60 22.44 -6.16
N ASN A 115 -6.18 21.62 -7.03
CA ASN A 115 -6.37 22.00 -8.44
C ASN A 115 -6.85 23.42 -8.67
N SER A 116 -7.85 23.84 -7.91
CA SER A 116 -8.46 25.14 -8.14
C SER A 116 -7.52 26.31 -7.85
N ILE A 117 -6.41 26.03 -7.18
CA ILE A 117 -5.36 27.02 -6.94
C ILE A 117 -4.22 26.89 -7.95
N LYS A 118 -4.23 27.75 -8.96
CA LYS A 118 -3.25 27.73 -10.04
C LYS A 118 -1.88 28.08 -9.54
N PRO A 119 -0.89 27.22 -9.83
CA PRO A 119 0.51 27.48 -9.51
C PRO A 119 1.12 28.42 -10.56
N PHE A 120 2.24 29.04 -10.24
CA PHE A 120 2.80 30.08 -11.08
C PHE A 120 3.77 29.48 -12.10
N VAL A 121 4.47 28.42 -11.69
CA VAL A 121 5.27 27.60 -12.58
C VAL A 121 4.36 26.55 -13.19
N LYS A 122 4.16 26.66 -14.49
CA LYS A 122 3.13 25.87 -15.15
C LYS A 122 2.98 24.39 -14.68
N GLY A 123 4.02 23.59 -14.89
CA GLY A 123 3.90 22.13 -14.70
C GLY A 123 4.01 21.59 -13.27
N TRP A 124 4.27 22.45 -12.30
CA TRP A 124 4.45 21.98 -10.96
C TRP A 124 3.15 21.55 -10.27
N LYS A 125 2.62 20.36 -10.58
CA LYS A 125 1.41 19.90 -9.88
C LYS A 125 1.60 19.00 -8.64
N LYS A 126 2.82 18.55 -8.37
CA LYS A 126 3.06 17.55 -7.34
C LYS A 126 4.00 18.20 -6.35
N PRO A 127 3.67 18.11 -5.06
CA PRO A 127 4.48 18.93 -4.16
C PRO A 127 5.93 18.59 -4.38
N ILE A 128 6.79 19.58 -4.18
CA ILE A 128 8.21 19.37 -4.15
C ILE A 128 8.66 19.62 -2.73
N SER A 129 9.60 18.82 -2.26
CA SER A 129 9.96 18.84 -0.88
C SER A 129 11.35 19.48 -0.69
N ILE A 130 11.37 20.60 0.02
CA ILE A 130 12.60 21.31 0.28
C ILE A 130 13.18 20.90 1.65
N ALA A 131 14.40 20.38 1.65
CA ALA A 131 15.06 19.92 2.86
C ALA A 131 16.08 20.94 3.34
N ARG A 132 15.97 21.34 4.61
CA ARG A 132 16.85 22.34 5.27
C ARG A 132 17.34 21.73 6.60
N HIS A 133 18.64 21.69 6.83
CA HIS A 133 19.14 20.90 7.95
C HIS A 133 19.07 21.61 9.31
N LYS A 140 23.65 31.69 13.48
CA LYS A 140 24.86 31.11 14.03
C LYS A 140 26.21 31.56 13.40
N ASN A 141 26.19 32.44 12.42
CA ASN A 141 27.45 32.90 11.83
C ASN A 141 28.06 33.93 12.77
N VAL A 142 29.39 34.06 12.83
CA VAL A 142 29.96 35.23 13.47
C VAL A 142 30.40 36.22 12.41
N GLU A 143 30.21 37.50 12.71
CA GLU A 143 30.48 38.60 11.77
C GLU A 143 31.29 39.65 12.51
N TYR A 144 31.99 40.49 11.75
CA TYR A 144 32.72 41.60 12.32
C TYR A 144 32.88 42.73 11.27
N TYR A 145 32.52 43.96 11.67
CA TYR A 145 32.72 45.15 10.86
C TYR A 145 34.16 45.57 11.02
N VAL A 146 34.91 45.54 9.92
CA VAL A 146 36.33 45.91 9.92
C VAL A 146 36.35 47.41 9.83
N PRO A 147 36.98 48.07 10.82
CA PRO A 147 36.83 49.54 10.86
C PRO A 147 37.99 50.29 10.20
N SER A 148 39.02 49.59 9.73
CA SER A 148 40.07 50.35 9.11
C SER A 148 41.32 49.63 8.60
N ALA A 149 41.35 48.37 8.31
CA ALA A 149 42.64 48.00 7.68
C ALA A 149 43.49 47.24 8.61
N GLY A 150 43.98 46.12 8.10
CA GLY A 150 44.61 45.15 8.95
C GLY A 150 44.23 43.88 8.26
N LYS A 151 44.58 42.76 8.89
CA LYS A 151 44.48 41.47 8.26
C LYS A 151 43.36 40.65 8.91
N ALA A 152 42.36 40.24 8.14
CA ALA A 152 41.34 39.28 8.60
C ALA A 152 41.81 37.85 8.26
N GLU A 153 41.63 36.91 9.18
CA GLU A 153 42.15 35.53 9.06
C GLU A 153 41.14 34.56 9.62
N LEU A 154 41.09 33.33 9.07
CA LEU A 154 40.48 32.19 9.81
C LEU A 154 41.62 31.52 10.53
N VAL A 155 41.45 31.30 11.82
CA VAL A 155 42.47 30.64 12.60
C VAL A 155 41.81 29.41 13.17
N PHE A 156 42.57 28.33 13.20
CA PHE A 156 42.09 27.14 13.83
C PHE A 156 43.14 26.58 14.80
N THR A 157 42.78 26.34 16.05
CA THR A 157 43.73 25.80 17.02
C THR A 157 43.32 24.41 17.43
N SER A 158 44.11 23.44 17.04
CA SER A 158 43.68 22.11 17.25
C SER A 158 44.00 21.80 18.69
N GLU A 159 43.40 20.71 19.16
CA GLU A 159 43.46 20.38 20.56
C GLU A 159 44.88 19.90 20.93
N ASN A 160 45.75 19.72 19.95
CA ASN A 160 47.13 19.39 20.29
C ASN A 160 48.03 20.63 20.29
N GLY A 161 47.44 21.80 20.10
CA GLY A 161 48.18 23.07 20.29
C GLY A 161 48.59 23.73 18.98
N GLU A 162 48.57 22.95 17.92
CA GLU A 162 48.93 23.43 16.61
C GLU A 162 47.93 24.51 16.11
N VAL A 163 48.44 25.58 15.51
CA VAL A 163 47.62 26.68 15.02
C VAL A 163 47.84 26.85 13.52
N SER A 164 46.74 26.88 12.77
CA SER A 164 46.82 27.22 11.36
C SER A 164 45.97 28.44 11.06
N ARG A 165 46.34 29.13 9.98
CA ARG A 165 45.80 30.41 9.61
C ARG A 165 45.66 30.47 8.11
N GLN A 166 44.57 31.11 7.69
CA GLN A 166 44.24 31.38 6.30
C GLN A 166 43.82 32.82 6.25
N THR A 167 44.46 33.62 5.41
CA THR A 167 44.09 35.00 5.26
C THR A 167 42.71 35.13 4.56
N ILE A 168 41.82 35.93 5.11
CA ILE A 168 40.54 36.16 4.40
C ILE A 168 40.77 37.29 3.45
N HIS A 169 41.49 38.31 3.92
CA HIS A 169 41.75 39.45 3.10
C HIS A 169 42.59 40.47 3.84
N GLU A 170 43.46 41.15 3.11
CA GLU A 170 44.17 42.32 3.58
C GLU A 170 43.35 43.53 3.19
N PHE A 171 42.85 44.24 4.20
CA PHE A 171 41.99 45.37 4.07
C PHE A 171 42.82 46.62 4.10
N ASP A 172 42.58 47.55 3.20
CA ASP A 172 43.16 48.86 3.42
C ASP A 172 42.06 49.88 3.69
N GLY A 173 40.89 49.40 4.07
CA GLY A 173 39.74 50.26 4.27
C GLY A 173 38.71 49.41 4.98
N PRO A 174 37.66 50.04 5.48
CA PRO A 174 36.61 49.34 6.22
C PRO A 174 35.81 48.33 5.37
N GLY A 175 35.14 47.40 6.03
CA GLY A 175 34.34 46.40 5.34
C GLY A 175 33.83 45.41 6.37
N VAL A 176 33.37 44.25 5.91
CA VAL A 176 32.79 43.28 6.81
C VAL A 176 33.40 41.93 6.55
N ILE A 177 33.47 41.10 7.59
CA ILE A 177 33.90 39.76 7.44
C ILE A 177 32.93 38.86 8.19
N MET A 178 32.89 37.59 7.80
CA MET A 178 32.01 36.62 8.40
C MET A 178 32.74 35.28 8.40
N GLY A 179 32.40 34.41 9.36
CA GLY A 179 32.99 33.08 9.44
C GLY A 179 31.88 32.06 9.59
N MET A 180 32.06 30.87 9.03
CA MET A 180 30.99 29.86 9.06
C MET A 180 31.60 28.48 9.31
N HIS A 181 30.77 27.48 9.58
CA HIS A 181 31.30 26.15 9.84
C HIS A 181 30.30 25.03 9.55
N ASN A 182 30.83 23.85 9.31
CA ASN A 182 30.01 22.64 9.20
C ASN A 182 30.81 21.45 9.65
N THR A 183 30.27 20.65 10.56
CA THR A 183 30.94 19.43 10.94
C THR A 183 30.55 18.37 9.95
N ASP A 184 31.43 17.41 9.74
CA ASP A 184 31.10 16.17 9.06
C ASP A 184 29.88 15.46 9.69
N LYS A 185 29.87 15.37 11.03
CA LYS A 185 28.79 14.72 11.79
C LYS A 185 27.47 15.35 11.33
N SER A 186 27.44 16.66 11.27
CA SER A 186 26.26 17.32 10.80
C SER A 186 25.84 16.99 9.35
N ILE A 187 26.81 16.83 8.47
CA ILE A 187 26.48 16.49 7.10
C ILE A 187 25.90 15.07 6.99
N ARG A 188 26.39 14.18 7.87
CA ARG A 188 25.98 12.82 7.90
C ARG A 188 24.57 12.72 8.42
N SER A 189 24.23 13.53 9.43
CA SER A 189 22.83 13.54 9.86
C SER A 189 21.90 14.06 8.80
N PHE A 190 22.37 15.05 8.04
CA PHE A 190 21.54 15.74 7.05
C PHE A 190 21.24 14.69 5.99
N ALA A 191 22.29 14.06 5.52
CA ALA A 191 22.15 13.09 4.46
C ALA A 191 21.16 12.03 4.92
N ARG A 192 21.40 11.49 6.11
CA ARG A 192 20.56 10.38 6.59
C ARG A 192 19.08 10.74 6.68
N ALA A 193 18.80 11.89 7.29
CA ALA A 193 17.42 12.35 7.36
C ALA A 193 16.78 12.54 5.98
N CYS A 194 17.58 12.98 4.99
CA CYS A 194 17.07 13.20 3.63
C CYS A 194 16.72 11.89 2.99
N PHE A 195 17.61 10.91 3.11
CA PHE A 195 17.28 9.63 2.52
C PHE A 195 16.07 9.01 3.23
N ASN A 196 16.09 9.03 4.56
CA ASN A 196 14.95 8.51 5.29
C ASN A 196 13.71 9.11 4.68
N TYR A 197 13.74 10.43 4.49
CA TYR A 197 12.50 11.11 4.18
C TYR A 197 12.04 10.68 2.80
N ALA A 198 13.01 10.61 1.90
CA ALA A 198 12.73 10.26 0.51
C ALA A 198 12.19 8.85 0.43
N LEU A 199 12.85 7.91 1.11
CA LEU A 199 12.31 6.55 1.23
C LEU A 199 10.86 6.61 1.64
N ASP A 200 10.62 7.34 2.71
CA ASP A 200 9.31 7.43 3.35
C ASP A 200 8.20 7.99 2.45
N MET A 201 8.57 8.78 1.43
CA MET A 201 7.62 9.50 0.60
C MET A 201 7.57 8.84 -0.74
N ASN A 202 8.37 7.80 -0.87
CA ASN A 202 8.53 7.16 -2.13
C ASN A 202 8.85 8.21 -3.19
N GLN A 203 9.98 8.89 -3.03
CA GLN A 203 10.42 9.91 -3.99
C GLN A 203 11.91 9.88 -4.16
N ASP A 204 12.37 10.53 -5.22
CA ASP A 204 13.79 10.70 -5.51
C ASP A 204 14.37 11.81 -4.66
N LEU A 205 15.64 11.65 -4.28
CA LEU A 205 16.36 12.69 -3.58
C LEU A 205 17.32 13.38 -4.54
N TRP A 206 17.18 14.69 -4.68
CA TRP A 206 18.11 15.51 -5.45
C TRP A 206 18.96 16.31 -4.47
N PHE A 207 20.28 16.33 -4.71
CA PHE A 207 21.21 17.13 -3.95
C PHE A 207 22.13 17.89 -4.89
N SER A 208 22.38 19.16 -4.58
CA SER A 208 23.24 20.01 -5.43
C SER A 208 24.01 21.05 -4.64
N THR A 209 25.25 21.30 -5.06
CA THR A 209 26.11 22.35 -4.54
C THR A 209 26.69 23.08 -5.71
N LYS A 210 27.66 23.96 -5.46
CA LYS A 210 28.48 24.47 -6.55
C LYS A 210 29.83 23.71 -6.60
N ASP A 211 29.84 22.45 -6.14
CA ASP A 211 31.08 21.71 -5.73
C ASP A 211 32.33 21.64 -6.59
N THR A 212 32.25 21.99 -7.87
CA THR A 212 33.45 21.98 -8.68
C THR A 212 34.34 23.16 -8.24
N ILE A 213 33.70 24.13 -7.58
CA ILE A 213 34.29 25.44 -7.26
C ILE A 213 34.67 25.58 -5.78
N SER A 214 33.72 25.30 -4.87
CA SER A 214 33.96 25.28 -3.43
C SER A 214 34.58 23.94 -3.01
N LYS A 215 35.89 23.81 -3.15
CA LYS A 215 36.57 22.51 -3.04
C LYS A 215 36.34 21.80 -1.70
N THR A 216 36.63 22.48 -0.60
CA THR A 216 36.51 21.86 0.72
C THR A 216 35.06 21.81 1.24
N TYR A 217 34.35 22.93 1.14
CA TYR A 217 32.98 23.00 1.69
C TYR A 217 32.00 22.07 0.95
N ASP A 218 31.82 22.30 -0.35
CA ASP A 218 30.88 21.52 -1.16
C ASP A 218 31.34 20.10 -1.43
N HIS A 219 32.65 19.92 -1.61
CA HIS A 219 33.16 18.59 -1.92
C HIS A 219 33.00 17.63 -0.74
N ARG A 220 33.18 18.13 0.48
CA ARG A 220 32.90 17.33 1.66
C ARG A 220 31.43 16.89 1.58
N PHE A 221 30.53 17.86 1.40
CA PHE A 221 29.09 17.61 1.30
C PHE A 221 28.75 16.51 0.30
N LYS A 222 29.33 16.58 -0.87
CA LYS A 222 29.02 15.61 -1.92
C LYS A 222 29.58 14.21 -1.62
N ASP A 223 30.82 14.16 -1.12
CA ASP A 223 31.45 12.88 -0.78
C ASP A 223 30.72 12.22 0.37
N ILE A 224 30.28 13.02 1.34
CA ILE A 224 29.60 12.44 2.47
C ILE A 224 28.24 11.87 2.08
N PHE A 225 27.55 12.54 1.18
CA PHE A 225 26.24 12.05 0.73
C PHE A 225 26.38 10.73 -0.05
N GLN A 226 27.35 10.68 -0.96
CA GLN A 226 27.63 9.45 -1.70
C GLN A 226 27.92 8.28 -0.72
N GLU A 227 28.87 8.50 0.19
CA GLU A 227 29.23 7.46 1.17
C GLU A 227 27.98 7.01 1.88
N ILE A 228 27.28 7.95 2.47
CA ILE A 228 26.10 7.53 3.18
C ILE A 228 25.13 6.83 2.22
N TYR A 229 25.11 7.25 0.95
CA TYR A 229 24.17 6.63 0.05
C TYR A 229 24.59 5.17 -0.11
N GLU A 230 25.83 4.94 -0.50
CA GLU A 230 26.23 3.58 -0.81
C GLU A 230 26.75 2.76 0.38
N ASN A 231 26.41 3.12 1.60
CA ASN A 231 26.61 2.21 2.73
C ASN A 231 25.29 1.89 3.43
N GLU A 232 24.28 2.73 3.18
CA GLU A 232 23.07 2.66 4.02
C GLU A 232 21.74 2.77 3.29
N TYR A 233 21.75 3.13 2.01
CA TYR A 233 20.49 3.39 1.31
C TYR A 233 20.43 2.97 -0.19
N LYS A 234 21.56 2.64 -0.80
CA LYS A 234 21.50 2.23 -2.19
C LYS A 234 20.38 1.19 -2.39
N GLU A 235 20.44 0.07 -1.65
CA GLU A 235 19.55 -1.07 -1.87
C GLU A 235 18.12 -0.79 -1.35
N LYS A 236 18.01 0.02 -0.32
CA LYS A 236 16.67 0.41 0.06
C LYS A 236 16.06 1.24 -1.08
N PHE A 237 16.85 2.16 -1.63
CA PHE A 237 16.40 2.99 -2.76
C PHE A 237 16.11 2.18 -4.04
N GLU A 238 17.04 1.33 -4.44
CA GLU A 238 16.80 0.45 -5.60
C GLU A 238 15.62 -0.52 -5.37
N ALA A 239 15.37 -0.89 -4.12
CA ALA A 239 14.22 -1.74 -3.83
C ALA A 239 12.89 -1.02 -4.02
N LYS A 240 12.86 0.30 -3.73
CA LYS A 240 11.59 1.06 -3.92
C LYS A 240 11.55 1.83 -5.26
N ASN A 241 12.51 1.56 -6.11
CA ASN A 241 12.56 2.18 -7.41
C ASN A 241 12.74 3.69 -7.37
N LEU A 242 13.63 4.17 -6.50
CA LEU A 242 13.94 5.57 -6.57
C LEU A 242 15.42 5.88 -6.57
N GLN A 243 15.74 6.99 -7.22
CA GLN A 243 17.10 7.36 -7.48
C GLN A 243 17.61 8.44 -6.52
N TYR A 244 18.93 8.43 -6.29
CA TYR A 244 19.66 9.53 -5.67
C TYR A 244 20.40 10.34 -6.75
N PHE A 245 19.93 11.55 -6.97
CA PHE A 245 20.40 12.37 -8.07
C PHE A 245 21.28 13.50 -7.55
N TYR A 246 22.56 13.41 -7.75
CA TYR A 246 23.39 14.49 -7.32
C TYR A 246 23.75 15.31 -8.54
N THR A 247 23.87 16.62 -8.38
CA THR A 247 24.32 17.41 -9.51
C THR A 247 24.60 18.83 -9.10
N LEU A 248 25.02 19.64 -10.06
CA LEU A 248 25.26 21.04 -9.76
C LEU A 248 23.95 21.86 -9.71
N ILE A 249 23.96 22.96 -8.96
CA ILE A 249 22.72 23.69 -8.79
C ILE A 249 22.10 24.24 -10.09
N ASP A 250 22.89 24.81 -10.99
CA ASP A 250 22.28 25.34 -12.21
C ASP A 250 21.56 24.27 -13.03
N ASP A 251 22.12 23.08 -13.08
CA ASP A 251 21.48 21.99 -13.82
C ASP A 251 20.26 21.51 -13.05
N ALA A 252 20.40 21.38 -11.75
CA ALA A 252 19.26 20.99 -10.94
C ALA A 252 18.12 21.95 -11.08
N VAL A 253 18.38 23.24 -11.10
CA VAL A 253 17.27 24.19 -11.11
C VAL A 253 16.59 24.18 -12.46
N ALA A 254 17.39 24.10 -13.50
CA ALA A 254 16.87 24.02 -14.83
C ALA A 254 15.93 22.80 -14.98
N ARG A 255 16.40 21.61 -14.63
CA ARG A 255 15.60 20.42 -14.95
C ARG A 255 14.45 20.27 -14.00
N ILE A 256 14.53 20.91 -12.85
CA ILE A 256 13.43 20.80 -11.92
C ILE A 256 12.33 21.78 -12.32
N ILE A 257 12.75 22.93 -12.84
CA ILE A 257 11.80 23.90 -13.37
C ILE A 257 11.00 23.26 -14.47
N ARG A 258 11.59 22.27 -15.13
CA ARG A 258 10.98 21.64 -16.29
C ARG A 258 10.22 20.40 -15.88
N SER A 259 10.38 19.97 -14.64
CA SER A 259 9.65 18.79 -14.19
C SER A 259 8.19 19.10 -13.81
N GLU A 260 7.46 18.10 -13.33
CA GLU A 260 6.10 18.29 -12.86
C GLU A 260 6.10 18.29 -11.32
N GLY A 261 7.32 18.21 -10.76
CA GLY A 261 7.51 18.22 -9.31
C GLY A 261 7.65 16.86 -8.64
N GLY A 262 7.28 16.81 -7.37
CA GLY A 262 7.21 15.54 -6.64
C GLY A 262 8.54 14.85 -6.34
N MET A 263 9.57 15.63 -5.99
CA MET A 263 10.80 15.06 -5.47
C MET A 263 11.20 15.75 -4.16
N VAL A 264 12.22 15.20 -3.51
CA VAL A 264 12.88 15.89 -2.38
C VAL A 264 14.08 16.65 -2.90
N TRP A 265 14.10 17.95 -2.67
CA TRP A 265 15.28 18.74 -3.00
C TRP A 265 16.06 19.20 -1.75
N ALA A 266 17.31 18.76 -1.65
CA ALA A 266 18.15 19.18 -0.56
C ALA A 266 19.15 20.21 -1.03
N CYS A 267 19.35 21.26 -0.25
CA CYS A 267 20.43 22.22 -0.58
C CYS A 267 21.21 22.61 0.68
N LYS A 268 22.35 23.26 0.50
CA LYS A 268 23.04 23.89 1.62
C LYS A 268 22.06 24.87 2.25
N ASN A 269 22.29 25.18 3.52
CA ASN A 269 21.26 25.82 4.37
C ASN A 269 20.62 27.11 3.82
N ASP A 271 19.92 29.32 0.43
CA ASP A 271 19.99 28.21 -0.51
C ASP A 271 18.64 27.47 -0.57
N GLY A 272 18.55 26.35 0.17
CA GLY A 272 17.28 25.63 0.37
C GLY A 272 16.31 26.54 1.10
N ASP A 273 16.87 27.56 1.74
CA ASP A 273 16.10 28.65 2.31
C ASP A 273 15.39 29.51 1.24
N VAL A 274 16.13 29.91 0.19
CA VAL A 274 15.54 30.54 -0.99
C VAL A 274 14.55 29.65 -1.73
N MET A 275 15.05 28.52 -2.22
CA MET A 275 14.24 27.52 -2.91
C MET A 275 12.86 27.40 -2.32
N SER A 276 12.81 27.19 -1.01
CA SER A 276 11.54 26.99 -0.35
C SER A 276 10.75 28.23 -0.61
N ASP A 277 11.47 29.34 -0.75
CA ASP A 277 10.84 30.60 -1.11
C ASP A 277 10.19 30.46 -2.48
N MET A 278 11.03 30.35 -3.52
CA MET A 278 10.57 30.04 -4.86
C MET A 278 9.42 29.04 -4.82
N VAL A 279 9.71 27.84 -4.35
CA VAL A 279 8.74 26.77 -4.40
C VAL A 279 7.44 27.21 -3.77
N ALA A 280 7.53 27.67 -2.53
CA ALA A 280 6.35 28.12 -1.78
C ALA A 280 5.49 29.13 -2.53
N SER A 281 6.09 30.25 -2.93
CA SER A 281 5.33 31.25 -3.66
C SER A 281 4.85 30.68 -4.99
N ALA A 282 5.69 29.86 -5.61
CA ALA A 282 5.38 29.27 -6.91
C ALA A 282 4.10 28.51 -6.79
N PHE A 283 3.88 27.93 -5.62
CA PHE A 283 2.74 27.06 -5.45
C PHE A 283 1.42 27.74 -5.09
N GLY A 284 1.46 28.96 -4.56
CA GLY A 284 0.21 29.67 -4.31
C GLY A 284 0.07 30.47 -3.02
N SER A 285 0.37 29.83 -1.88
CA SER A 285 0.41 30.54 -0.60
C SER A 285 1.35 29.99 0.45
N LEU A 286 1.85 30.92 1.28
CA LEU A 286 2.67 30.56 2.41
C LEU A 286 1.87 29.69 3.38
N ALA A 287 0.56 29.85 3.41
CA ALA A 287 -0.27 29.11 4.39
C ALA A 287 -0.61 27.67 3.99
N MET A 288 -0.38 27.32 2.73
CA MET A 288 -0.66 25.97 2.25
C MET A 288 0.64 25.16 2.17
N MET A 289 1.46 25.20 3.21
CA MET A 289 2.72 24.44 3.22
C MET A 289 2.74 23.56 4.45
N THR A 290 3.12 22.30 4.32
CA THR A 290 3.33 21.45 5.47
C THR A 290 4.80 21.45 5.89
N SER A 291 5.06 21.02 7.12
CA SER A 291 6.44 20.97 7.57
C SER A 291 6.65 19.73 8.38
N VAL A 292 7.63 18.93 7.99
CA VAL A 292 7.90 17.71 8.74
C VAL A 292 9.38 17.56 9.13
N LEU A 293 9.62 17.20 10.39
CA LEU A 293 10.96 17.04 10.91
C LEU A 293 11.30 15.54 10.95
N VAL A 294 12.40 15.16 10.31
CA VAL A 294 12.88 13.79 10.38
C VAL A 294 14.29 13.77 10.94
N SER A 295 14.56 12.77 11.77
CA SER A 295 15.93 12.61 12.24
C SER A 295 16.63 11.43 11.57
N PRO A 296 17.94 11.33 11.84
CA PRO A 296 18.70 10.25 11.28
C PRO A 296 18.18 8.89 11.71
N ASP A 297 17.48 8.81 12.85
CA ASP A 297 17.05 7.49 13.32
C ASP A 297 15.53 7.27 13.19
N GLY A 298 14.92 8.03 12.29
CA GLY A 298 13.52 7.87 12.01
C GLY A 298 12.52 8.53 12.95
N LYS A 299 12.93 9.51 13.77
CA LYS A 299 11.91 10.15 14.58
C LYS A 299 11.20 11.15 13.69
N TYR A 300 9.91 11.36 13.90
CA TYR A 300 9.18 12.35 13.13
C TYR A 300 8.47 13.41 13.99
N GLU A 301 8.48 14.66 13.51
CA GLU A 301 7.62 15.73 14.02
C GLU A 301 6.88 16.48 12.89
N PHE A 302 5.55 16.56 12.99
CA PHE A 302 4.70 17.27 12.03
C PHE A 302 4.21 18.60 12.64
N GLU A 303 4.45 19.74 11.96
CA GLU A 303 3.79 21.02 12.31
C GLU A 303 3.40 21.79 11.08
N ALA A 304 2.60 22.86 11.19
CA ALA A 304 2.25 23.64 9.99
C ALA A 304 3.42 24.46 9.53
N THR A 322 -13.57 35.95 11.91
CA THR A 322 -12.38 35.12 11.69
C THR A 322 -12.55 34.11 10.54
N SER A 323 -11.81 34.31 9.44
CA SER A 323 -11.65 33.26 8.43
C SER A 323 -10.17 32.99 8.13
N THR A 324 -9.54 32.23 9.03
CA THR A 324 -8.18 31.71 8.82
C THR A 324 -8.21 30.37 8.10
N ASN A 325 -7.14 30.10 7.35
CA ASN A 325 -6.98 28.83 6.68
C ASN A 325 -6.21 27.84 7.55
N SER A 326 -6.90 26.84 8.07
CA SER A 326 -6.27 25.86 8.91
C SER A 326 -5.85 24.57 8.18
N MET A 327 -5.64 24.66 6.86
CA MET A 327 -5.23 23.47 6.11
C MET A 327 -3.91 22.93 6.61
N ALA A 328 -2.95 23.81 6.88
CA ALA A 328 -1.64 23.40 7.34
C ALA A 328 -1.76 22.63 8.63
N THR A 329 -2.52 23.16 9.58
CA THR A 329 -2.55 22.51 10.87
C THR A 329 -3.33 21.16 10.85
N ILE A 330 -4.41 21.08 10.07
CA ILE A 330 -5.07 19.79 9.80
C ILE A 330 -4.09 18.77 9.18
N PHE A 331 -3.25 19.22 8.24
CA PHE A 331 -2.33 18.29 7.57
C PHE A 331 -1.16 17.86 8.46
N ALA A 332 -0.72 18.69 9.39
CA ALA A 332 0.14 18.19 10.44
C ALA A 332 -0.55 17.04 11.25
N TRP A 333 -1.81 17.21 11.67
CA TRP A 333 -2.45 16.13 12.40
C TRP A 333 -2.57 14.83 11.57
N THR A 334 -2.91 14.92 10.29
CA THR A 334 -3.13 13.71 9.52
C THR A 334 -1.82 13.13 9.06
N GLY A 335 -0.84 13.99 8.79
CA GLY A 335 0.49 13.50 8.47
C GLY A 335 0.97 12.66 9.64
N ALA A 336 0.75 13.14 10.87
CA ALA A 336 1.25 12.47 12.07
C ALA A 336 0.40 11.26 12.47
N LEU A 337 -0.92 11.38 12.41
CA LEU A 337 -1.77 10.20 12.63
C LEU A 337 -1.48 9.01 11.65
N LYS A 338 -1.23 9.33 10.39
CA LYS A 338 -0.82 8.31 9.43
C LYS A 338 0.54 7.65 9.75
N LYS A 339 1.57 8.44 10.07
CA LYS A 339 2.87 7.85 10.41
C LYS A 339 2.73 6.92 11.62
N ARG A 340 1.90 7.31 12.57
CA ARG A 340 1.66 6.54 13.79
C ARG A 340 0.87 5.29 13.41
N GLY A 341 -0.15 5.43 12.57
CA GLY A 341 -0.83 4.25 12.06
C GLY A 341 0.10 3.26 11.36
N GLU A 342 0.90 3.75 10.41
CA GLU A 342 1.91 2.94 9.67
C GLU A 342 2.86 2.21 10.63
N LEU A 343 3.38 2.91 11.62
CA LEU A 343 4.29 2.26 12.58
C LEU A 343 3.59 1.24 13.49
N ASP A 344 2.33 1.44 13.80
CA ASP A 344 1.69 0.57 14.78
C ASP A 344 0.83 -0.50 14.10
N GLY A 345 0.98 -0.60 12.78
CA GLY A 345 0.13 -1.48 11.97
C GLY A 345 -1.37 -1.23 12.16
N ILE A 346 -1.81 0.02 12.15
CA ILE A 346 -3.22 0.32 12.38
C ILE A 346 -3.88 0.89 11.14
N LYS A 347 -4.10 0.00 10.17
CA LYS A 347 -4.76 0.35 8.91
C LYS A 347 -5.89 1.41 8.98
N GLU A 348 -6.90 1.20 9.81
CA GLU A 348 -8.01 2.18 9.80
C GLU A 348 -7.51 3.60 10.12
N LEU A 349 -6.51 3.72 10.97
CA LEU A 349 -6.01 5.06 11.26
C LEU A 349 -5.27 5.69 10.05
N VAL A 350 -4.59 4.85 9.27
CA VAL A 350 -3.91 5.30 8.07
C VAL A 350 -4.94 5.84 7.06
N ASP A 351 -6.03 5.08 6.91
CA ASP A 351 -7.04 5.40 5.89
C ASP A 351 -7.90 6.59 6.32
N PHE A 352 -8.15 6.73 7.61
CA PHE A 352 -8.87 7.88 8.10
C PHE A 352 -8.03 9.14 7.81
N ALA A 353 -6.76 9.12 8.21
CA ALA A 353 -5.86 10.21 7.81
C ALA A 353 -5.98 10.54 6.31
N THR A 354 -5.92 9.54 5.44
CA THR A 354 -6.03 9.84 4.01
C THR A 354 -7.38 10.43 3.65
N LYS A 355 -8.45 9.84 4.18
CA LYS A 355 -9.78 10.30 3.84
C LYS A 355 -9.99 11.75 4.31
N LEU A 356 -9.51 12.06 5.50
CA LEU A 356 -9.71 13.41 6.00
C LEU A 356 -8.96 14.41 5.11
N GLU A 357 -7.76 14.08 4.66
CA GLU A 357 -7.05 14.96 3.71
C GLU A 357 -7.89 15.22 2.46
N GLN A 358 -8.40 14.14 1.87
CA GLN A 358 -9.22 14.29 0.68
C GLN A 358 -10.44 15.16 0.95
N ALA A 359 -11.24 14.80 1.95
CA ALA A 359 -12.34 15.65 2.40
C ALA A 359 -11.98 17.13 2.51
N SER A 360 -10.84 17.40 3.09
CA SER A 360 -10.35 18.78 3.28
C SER A 360 -10.11 19.53 1.99
N VAL A 361 -9.54 18.84 1.01
CA VAL A 361 -9.28 19.38 -0.32
C VAL A 361 -10.55 19.48 -1.18
N GLN A 362 -11.33 18.40 -1.18
CA GLN A 362 -12.57 18.35 -1.93
C GLN A 362 -13.48 19.53 -1.55
N THR A 363 -13.59 19.81 -0.26
CA THR A 363 -14.44 20.88 0.23
C THR A 363 -14.09 22.20 -0.42
N ILE A 364 -12.79 22.48 -0.50
CA ILE A 364 -12.32 23.70 -1.16
C ILE A 364 -12.70 23.61 -2.64
N GLU A 365 -12.38 22.48 -3.27
CA GLU A 365 -12.71 22.34 -4.69
C GLU A 365 -14.22 22.37 -4.96
N ASN A 366 -15.03 22.11 -3.93
CA ASN A 366 -16.48 22.29 -4.03
C ASN A 366 -16.87 23.74 -3.84
N GLY A 367 -15.86 24.60 -3.74
CA GLY A 367 -16.08 26.04 -3.58
C GLY A 367 -16.30 26.63 -2.20
N VAL A 368 -16.24 25.83 -1.15
CA VAL A 368 -16.42 26.37 0.19
C VAL A 368 -15.04 26.49 0.87
N MET A 369 -14.77 27.64 1.45
CA MET A 369 -13.42 27.88 1.93
C MET A 369 -13.32 29.17 2.75
N THR A 370 -12.14 29.42 3.27
CA THR A 370 -11.95 30.62 4.06
C THR A 370 -11.64 31.82 3.17
N LYS A 371 -11.74 33.00 3.74
CA LYS A 371 -11.62 34.25 2.97
C LYS A 371 -10.29 34.29 2.26
N ASP A 372 -9.29 33.66 2.87
CA ASP A 372 -7.91 33.70 2.37
C ASP A 372 -7.66 32.76 1.20
N LEU A 373 -8.25 31.57 1.23
CA LEU A 373 -8.17 30.68 0.08
C LEU A 373 -9.04 31.29 -1.03
N ALA A 374 -10.00 32.09 -0.64
CA ALA A 374 -10.99 32.63 -1.56
C ALA A 374 -10.36 33.43 -2.68
N SER A 375 -9.37 34.23 -2.34
CA SER A 375 -8.79 35.17 -3.30
C SER A 375 -7.78 34.49 -4.22
N LEU A 376 -7.37 33.27 -3.85
CA LEU A 376 -6.36 32.57 -4.62
C LEU A 376 -7.01 31.52 -5.51
N SER A 377 -8.08 30.90 -5.00
CA SER A 377 -8.71 29.81 -5.71
C SER A 377 -9.68 30.39 -6.72
N GLU A 378 -9.55 29.95 -7.97
CA GLU A 378 -10.45 30.39 -9.01
C GLU A 378 -11.25 29.20 -9.48
N VAL A 379 -12.55 29.24 -9.17
CA VAL A 379 -13.40 28.10 -9.35
C VAL A 379 -14.78 28.51 -9.80
N PRO A 380 -15.34 29.50 -9.12
CA PRO A 380 -16.73 29.18 -9.13
C PRO A 380 -17.68 30.23 -8.66
N GLU A 381 -18.25 29.81 -7.55
CA GLU A 381 -19.38 30.37 -6.87
C GLU A 381 -19.03 29.92 -5.46
N LYS A 382 -18.37 30.80 -4.72
CA LYS A 382 -17.75 30.43 -3.46
C LYS A 382 -18.63 30.73 -2.25
N LYS A 383 -19.10 29.69 -1.59
CA LYS A 383 -19.59 29.88 -0.24
C LYS A 383 -18.32 30.13 0.58
N ILE A 384 -18.14 31.33 1.09
CA ILE A 384 -16.99 31.59 1.95
C ILE A 384 -17.42 31.64 3.41
N VAL A 385 -16.60 31.10 4.29
CA VAL A 385 -16.99 30.91 5.67
C VAL A 385 -15.91 31.38 6.63
N ASN A 386 -16.27 31.48 7.91
CA ASN A 386 -15.31 31.75 8.96
C ASN A 386 -14.60 30.46 9.41
N THR A 387 -13.72 30.57 10.41
CA THR A 387 -12.77 29.51 10.76
C THR A 387 -13.40 28.17 11.18
N GLU A 388 -14.29 28.23 12.16
CA GLU A 388 -14.97 27.01 12.61
C GLU A 388 -15.86 26.46 11.49
N ASP A 389 -16.63 27.35 10.87
CA ASP A 389 -17.48 27.00 9.74
C ASP A 389 -16.75 26.08 8.74
N PHE A 390 -15.51 26.44 8.42
CA PHE A 390 -14.72 25.69 7.46
C PHE A 390 -14.53 24.27 7.91
N LEU A 391 -14.09 24.12 9.16
CA LEU A 391 -13.88 22.80 9.74
C LEU A 391 -15.21 22.02 9.80
N LYS A 392 -16.24 22.70 10.29
CA LYS A 392 -17.54 22.06 10.35
C LYS A 392 -17.96 21.67 8.94
N GLU A 393 -17.49 22.40 7.93
CA GLU A 393 -17.85 22.01 6.55
C GLU A 393 -17.02 20.89 5.90
N ILE A 394 -15.78 20.69 6.35
CA ILE A 394 -15.00 19.53 5.95
C ILE A 394 -15.61 18.24 6.55
N ARG A 395 -16.11 18.32 7.76
CA ARG A 395 -16.76 17.17 8.37
C ARG A 395 -17.94 16.68 7.52
N LYS A 396 -18.78 17.62 7.09
CA LYS A 396 -19.97 17.31 6.30
C LYS A 396 -19.55 16.64 4.99
N THR A 397 -18.47 17.13 4.38
CA THR A 397 -17.86 16.47 3.22
C THR A 397 -17.31 15.10 3.58
N PHE A 398 -16.69 14.99 4.75
CA PHE A 398 -16.20 13.71 5.22
C PHE A 398 -17.37 12.72 5.29
N GLU A 399 -18.36 13.04 6.11
CA GLU A 399 -19.60 12.25 6.19
C GLU A 399 -20.32 12.39 4.85
N GLY A 400 -19.68 11.88 3.81
CA GLY A 400 -20.20 11.95 2.46
C GLY A 400 -19.45 10.89 1.70
N MET A 401 -18.49 10.26 2.37
CA MET A 401 -17.74 9.15 1.79
C MET A 401 -17.44 9.37 0.32
N LYS B 3 9.34 -0.47 -19.59
CA LYS B 3 9.08 -1.87 -19.06
C LYS B 3 9.87 -2.22 -17.80
N ILE B 4 9.12 -2.63 -16.80
CA ILE B 4 9.66 -3.18 -15.57
C ILE B 4 10.68 -4.29 -15.83
N LYS B 5 11.92 -4.16 -15.37
CA LYS B 5 12.87 -5.26 -15.54
C LYS B 5 12.80 -6.22 -14.38
N MET B 6 13.05 -7.50 -14.65
CA MET B 6 13.03 -8.51 -13.61
C MET B 6 14.44 -8.89 -13.19
N LYS B 7 14.57 -9.49 -12.03
CA LYS B 7 15.90 -9.89 -11.57
C LYS B 7 15.98 -11.39 -11.68
N VAL B 8 15.52 -12.13 -10.68
CA VAL B 8 15.59 -13.57 -10.79
C VAL B 8 14.42 -14.11 -11.65
N PRO B 9 14.68 -15.12 -12.52
CA PRO B 9 13.61 -15.62 -13.38
C PRO B 9 12.50 -16.34 -12.62
N LEU B 10 11.30 -16.17 -13.14
CA LEU B 10 10.13 -16.86 -12.76
C LEU B 10 10.25 -18.21 -13.45
N VAL B 11 9.96 -19.30 -12.75
CA VAL B 11 9.87 -20.60 -13.39
C VAL B 11 8.47 -20.72 -14.00
N GLU B 12 8.38 -20.89 -15.31
CA GLU B 12 7.10 -20.87 -15.98
C GLU B 12 6.75 -22.22 -16.62
N MET B 13 5.61 -22.80 -16.27
CA MET B 13 5.30 -24.10 -16.86
C MET B 13 4.07 -24.07 -17.78
N ASP B 14 4.29 -24.36 -19.05
CA ASP B 14 3.20 -24.27 -20.01
C ASP B 14 2.33 -25.54 -19.89
N GLY B 15 1.10 -25.49 -20.39
CA GLY B 15 0.12 -26.57 -20.17
C GLY B 15 -0.57 -27.07 -21.42
N ASP B 16 -1.85 -27.43 -21.27
CA ASP B 16 -2.54 -28.17 -22.33
C ASP B 16 -3.74 -27.49 -23.00
N GLU B 17 -3.83 -27.66 -24.31
CA GLU B 17 -5.02 -27.31 -25.07
C GLU B 17 -5.44 -25.84 -25.00
N MET B 18 -6.62 -25.62 -24.40
CA MET B 18 -7.27 -24.32 -24.47
C MET B 18 -6.64 -23.36 -23.50
N THR B 19 -6.21 -23.89 -22.37
CA THR B 19 -5.55 -23.08 -21.33
C THR B 19 -4.15 -22.63 -21.77
N ARG B 20 -3.51 -23.45 -22.59
CA ARG B 20 -2.21 -23.13 -23.12
C ARG B 20 -2.33 -21.92 -24.05
N ILE B 21 -3.38 -21.88 -24.85
CA ILE B 21 -3.62 -20.73 -25.72
C ILE B 21 -3.92 -19.46 -24.92
N ILE B 22 -4.78 -19.61 -23.93
CA ILE B 22 -5.13 -18.51 -23.09
C ILE B 22 -3.92 -18.07 -22.29
N TRP B 23 -3.08 -19.03 -21.95
CA TRP B 23 -1.88 -18.73 -21.22
C TRP B 23 -1.07 -17.73 -22.04
N ARG B 24 -0.87 -18.08 -23.30
CA ARG B 24 -0.16 -17.23 -24.23
C ARG B 24 -0.89 -15.89 -24.45
N LEU B 25 -2.21 -15.93 -24.58
CA LEU B 25 -2.99 -14.69 -24.74
C LEU B 25 -2.80 -13.71 -23.58
N ILE B 26 -2.78 -14.23 -22.35
CA ILE B 26 -2.61 -13.37 -21.17
C ILE B 26 -1.24 -12.69 -21.22
N LYS B 27 -0.20 -13.47 -21.55
CA LYS B 27 1.15 -12.91 -21.72
C LYS B 27 1.16 -11.78 -22.74
N GLU B 28 0.52 -12.00 -23.89
CA GLU B 28 0.63 -11.05 -25.00
C GLU B 28 -0.13 -9.77 -24.77
N ASN B 29 -1.27 -9.86 -24.10
CA ASN B 29 -2.09 -8.67 -23.90
C ASN B 29 -1.87 -8.01 -22.56
N LEU B 30 -1.32 -8.72 -21.58
CA LEU B 30 -1.36 -8.18 -20.24
C LEU B 30 0.00 -7.99 -19.57
N LEU B 31 1.00 -8.77 -19.95
CA LEU B 31 2.24 -8.76 -19.20
C LEU B 31 3.37 -8.20 -20.04
N GLU B 32 3.53 -8.75 -21.25
CA GLU B 32 4.65 -8.46 -22.13
C GLU B 32 4.73 -6.99 -22.56
N PRO B 33 3.56 -6.35 -22.82
CA PRO B 33 3.53 -4.90 -23.13
C PRO B 33 4.00 -4.03 -21.96
N TYR B 34 4.07 -4.59 -20.77
CA TYR B 34 4.46 -3.81 -19.60
C TYR B 34 5.70 -4.38 -18.93
N ILE B 35 6.00 -5.64 -19.15
CA ILE B 35 7.12 -6.24 -18.44
C ILE B 35 8.06 -6.93 -19.42
N GLU B 36 9.32 -6.97 -19.05
CA GLU B 36 10.27 -7.72 -19.86
C GLU B 36 10.34 -9.07 -19.21
N LEU B 37 9.45 -9.96 -19.61
CA LEU B 37 9.31 -11.23 -18.93
C LEU B 37 10.63 -11.96 -18.87
N ASN B 38 11.10 -12.26 -17.67
CA ASN B 38 12.22 -13.15 -17.46
C ASN B 38 11.66 -14.45 -16.83
N THR B 39 11.54 -15.49 -17.65
CA THR B 39 11.08 -16.76 -17.12
C THR B 39 11.99 -17.87 -17.61
N GLU B 40 12.14 -18.90 -16.80
CA GLU B 40 12.79 -20.09 -17.25
C GLU B 40 11.65 -21.06 -17.63
N TYR B 41 11.58 -21.41 -18.91
CA TYR B 41 10.35 -22.00 -19.49
C TYR B 41 10.34 -23.50 -19.58
N TYR B 42 9.25 -24.10 -19.12
CA TYR B 42 9.10 -25.57 -19.15
C TYR B 42 7.76 -25.89 -19.75
N ASP B 43 7.80 -26.72 -20.79
CA ASP B 43 6.61 -27.19 -21.49
C ASP B 43 6.07 -28.45 -20.83
N LEU B 44 5.05 -28.29 -19.99
CA LEU B 44 4.39 -29.43 -19.40
C LEU B 44 3.15 -29.79 -20.23
N GLY B 45 3.15 -29.41 -21.50
CA GLY B 45 2.13 -29.94 -22.38
C GLY B 45 2.23 -31.46 -22.28
N LEU B 46 1.23 -32.16 -22.79
CA LEU B 46 1.25 -33.59 -22.64
C LEU B 46 2.21 -34.25 -23.63
N GLU B 47 2.28 -33.75 -24.86
CA GLU B 47 3.16 -34.36 -25.83
C GLU B 47 4.59 -34.25 -25.35
N ASN B 48 4.93 -33.13 -24.72
CA ASN B 48 6.30 -32.93 -24.27
C ASN B 48 6.59 -33.66 -22.99
N ARG B 49 5.60 -33.80 -22.12
CA ARG B 49 5.81 -34.73 -21.02
C ARG B 49 6.06 -36.15 -21.57
N ASP B 50 5.38 -36.53 -22.63
CA ASP B 50 5.51 -37.91 -23.11
C ASP B 50 6.89 -38.12 -23.71
N LYS B 51 7.31 -37.13 -24.50
CA LYS B 51 8.59 -37.12 -25.18
C LYS B 51 9.80 -37.21 -24.25
N THR B 52 9.73 -36.48 -23.13
CA THR B 52 10.79 -36.49 -22.15
C THR B 52 10.46 -37.50 -21.09
N GLU B 53 9.40 -38.27 -21.30
CA GLU B 53 9.04 -39.30 -20.32
C GLU B 53 8.94 -38.67 -18.95
N ASP B 54 8.36 -37.47 -18.90
CA ASP B 54 8.03 -36.79 -17.67
C ASP B 54 9.26 -36.24 -16.98
N GLN B 55 10.40 -36.36 -17.62
CA GLN B 55 11.56 -35.71 -17.05
C GLN B 55 11.40 -34.15 -16.99
N VAL B 56 10.69 -33.56 -17.95
CA VAL B 56 10.56 -32.10 -17.93
C VAL B 56 9.81 -31.61 -16.69
N THR B 57 8.91 -32.44 -16.17
CA THR B 57 8.18 -32.09 -14.97
C THR B 57 9.09 -32.07 -13.76
N ILE B 58 9.94 -33.10 -13.64
CA ILE B 58 10.92 -33.17 -12.54
C ILE B 58 11.83 -31.93 -12.63
N ASP B 59 12.34 -31.64 -13.83
CA ASP B 59 13.27 -30.53 -14.02
C ASP B 59 12.58 -29.20 -13.63
N ALA B 60 11.28 -29.11 -13.90
CA ALA B 60 10.54 -27.90 -13.59
C ALA B 60 10.50 -27.79 -12.09
N ALA B 61 10.18 -28.89 -11.40
CA ALA B 61 10.15 -28.84 -9.96
C ALA B 61 11.46 -28.33 -9.40
N ARG B 62 12.58 -28.84 -9.92
CA ARG B 62 13.86 -28.49 -9.36
C ARG B 62 14.22 -27.04 -9.66
N ALA B 63 13.67 -26.51 -10.76
CA ALA B 63 13.90 -25.12 -11.11
C ALA B 63 13.24 -24.22 -10.10
N ILE B 64 12.14 -24.69 -9.51
CA ILE B 64 11.47 -23.92 -8.49
C ILE B 64 12.23 -23.97 -7.15
N GLN B 65 12.95 -25.05 -6.88
CA GLN B 65 13.72 -25.13 -5.66
C GLN B 65 14.90 -24.19 -5.74
N LYS B 66 15.41 -24.05 -6.97
CA LYS B 66 16.52 -23.18 -7.26
C LYS B 66 16.08 -21.73 -7.21
N TYR B 67 15.08 -21.31 -7.99
CA TYR B 67 14.76 -19.88 -8.05
C TYR B 67 13.70 -19.40 -7.07
N GLY B 68 12.83 -20.32 -6.62
CA GLY B 68 11.90 -19.98 -5.56
C GLY B 68 10.45 -19.79 -5.99
N VAL B 69 10.21 -19.49 -7.24
CA VAL B 69 8.82 -19.26 -7.62
C VAL B 69 8.50 -19.77 -9.00
N GLY B 70 7.32 -20.41 -9.10
CA GLY B 70 6.89 -21.00 -10.34
C GLY B 70 5.48 -20.54 -10.59
N VAL B 71 5.13 -20.43 -11.88
CA VAL B 71 3.74 -20.25 -12.29
C VAL B 71 3.36 -21.31 -13.35
N LYS B 72 2.26 -21.99 -13.14
CA LYS B 72 1.97 -23.15 -13.94
C LYS B 72 0.58 -23.16 -14.58
N CYS B 73 0.57 -23.57 -15.85
CA CYS B 73 -0.66 -23.66 -16.60
C CYS B 73 -1.36 -24.99 -16.32
N ALA B 74 -2.69 -25.01 -16.36
CA ALA B 74 -3.42 -26.28 -16.20
C ALA B 74 -2.89 -27.34 -17.16
N THR B 75 -2.91 -28.61 -16.76
CA THR B 75 -2.36 -29.67 -17.60
C THR B 75 -3.30 -30.83 -17.58
N ILE B 76 -3.19 -31.71 -18.57
CA ILE B 76 -4.00 -32.87 -18.60
C ILE B 76 -3.38 -33.95 -17.73
N THR B 77 -4.20 -34.61 -16.91
CA THR B 77 -3.76 -35.84 -16.28
C THR B 77 -4.32 -37.01 -17.06
N PRO B 78 -3.43 -37.84 -17.61
CA PRO B 78 -3.89 -38.82 -18.59
C PRO B 78 -4.61 -39.97 -17.93
N ASN B 79 -5.73 -40.38 -18.52
CA ASN B 79 -6.45 -41.59 -18.13
C ASN B 79 -6.31 -42.60 -19.27
N ALA B 80 -7.09 -43.69 -19.24
CA ALA B 80 -7.07 -44.68 -20.31
C ALA B 80 -7.38 -44.01 -21.64
N GLN B 81 -8.47 -43.24 -21.63
CA GLN B 81 -8.93 -42.44 -22.77
C GLN B 81 -7.81 -41.60 -23.40
N ARG B 82 -7.07 -40.85 -22.58
CA ARG B 82 -6.01 -39.96 -23.07
C ARG B 82 -4.87 -40.76 -23.68
N VAL B 83 -4.57 -41.89 -23.09
CA VAL B 83 -3.45 -42.69 -23.51
C VAL B 83 -3.60 -43.01 -24.98
N GLU B 84 -4.78 -43.50 -25.33
CA GLU B 84 -5.04 -43.85 -26.70
C GLU B 84 -5.08 -42.58 -27.56
N GLU B 85 -5.89 -41.62 -27.14
CA GLU B 85 -5.98 -40.35 -27.86
C GLU B 85 -4.64 -39.70 -28.22
N TYR B 86 -3.71 -39.60 -27.27
CA TYR B 86 -2.37 -39.04 -27.51
C TYR B 86 -1.24 -40.06 -27.76
N ASN B 87 -1.56 -41.35 -27.87
CA ASN B 87 -0.51 -42.37 -28.03
C ASN B 87 0.53 -42.41 -26.91
N LEU B 88 0.11 -42.18 -25.67
CA LEU B 88 1.10 -42.07 -24.61
C LEU B 88 1.91 -43.35 -24.49
N LYS B 89 3.10 -43.27 -23.90
CA LYS B 89 3.94 -44.42 -23.66
C LYS B 89 3.57 -45.04 -22.32
N LYS B 90 3.02 -44.20 -21.45
CA LYS B 90 2.69 -44.64 -20.11
C LYS B 90 1.56 -43.81 -19.56
N MET B 91 1.10 -44.21 -18.38
CA MET B 91 0.15 -43.42 -17.68
C MET B 91 0.94 -42.43 -16.85
N TRP B 92 1.46 -41.38 -17.47
CA TRP B 92 2.20 -40.38 -16.69
C TRP B 92 1.38 -39.93 -15.49
N LYS B 93 2.06 -39.75 -14.36
CA LYS B 93 1.40 -39.24 -13.16
C LYS B 93 1.05 -37.81 -13.39
N SER B 94 0.08 -37.34 -12.62
CA SER B 94 -0.26 -35.96 -12.54
C SER B 94 1.02 -35.18 -12.20
N PRO B 95 1.31 -34.10 -12.95
CA PRO B 95 2.47 -33.23 -12.71
C PRO B 95 2.25 -32.42 -11.45
N ASN B 96 1.01 -32.01 -11.24
CA ASN B 96 0.72 -31.29 -10.03
C ASN B 96 1.20 -32.19 -8.92
N GLY B 97 0.92 -33.48 -9.06
CA GLY B 97 1.26 -34.48 -8.06
C GLY B 97 2.75 -34.53 -7.88
N THR B 98 3.49 -34.61 -8.99
CA THR B 98 4.94 -34.71 -8.92
C THR B 98 5.58 -33.46 -8.35
N ILE B 99 5.11 -32.31 -8.79
CA ILE B 99 5.70 -31.11 -8.30
C ILE B 99 5.48 -31.05 -6.80
N ARG B 100 4.26 -31.31 -6.37
CA ARG B 100 3.95 -31.26 -4.95
C ARG B 100 4.95 -32.13 -4.17
N ALA B 101 5.20 -33.33 -4.66
CA ALA B 101 6.01 -34.24 -3.88
C ALA B 101 7.42 -33.76 -3.76
N ILE B 102 7.98 -33.31 -4.88
CA ILE B 102 9.34 -32.84 -4.92
C ILE B 102 9.53 -31.70 -3.95
N LEU B 103 8.55 -30.80 -3.93
CA LEU B 103 8.66 -29.58 -3.10
C LEU B 103 8.19 -29.90 -1.70
N ASP B 104 7.61 -31.08 -1.55
CA ASP B 104 6.92 -31.42 -0.33
C ASP B 104 5.99 -30.30 0.13
N GLY B 105 5.09 -29.86 -0.74
CA GLY B 105 4.30 -28.65 -0.52
C GLY B 105 2.92 -28.87 0.05
N THR B 106 2.32 -27.79 0.52
CA THR B 106 0.90 -27.73 0.82
C THR B 106 0.21 -26.80 -0.18
N VAL B 107 -0.99 -27.16 -0.62
CA VAL B 107 -1.77 -26.30 -1.50
C VAL B 107 -2.83 -25.49 -0.77
N PHE B 108 -2.82 -24.20 -1.03
CA PHE B 108 -3.82 -23.28 -0.50
C PHE B 108 -4.75 -22.80 -1.64
N ARG B 109 -6.05 -23.07 -1.50
CA ARG B 109 -7.05 -22.61 -2.47
C ARG B 109 -7.96 -21.50 -1.91
N ALA B 110 -8.20 -20.49 -2.72
CA ALA B 110 -8.92 -19.33 -2.29
C ALA B 110 -9.74 -18.74 -3.42
N PRO B 111 -10.88 -18.18 -3.08
CA PRO B 111 -11.65 -17.68 -4.17
C PRO B 111 -11.12 -16.34 -4.65
N ILE B 112 -11.60 -15.92 -5.80
CA ILE B 112 -11.42 -14.55 -6.26
C ILE B 112 -12.74 -13.88 -6.07
N VAL B 113 -12.80 -12.85 -5.23
CA VAL B 113 -14.06 -12.12 -5.01
C VAL B 113 -14.26 -10.89 -5.90
N VAL B 114 -15.49 -10.72 -6.36
CA VAL B 114 -15.93 -9.53 -7.07
C VAL B 114 -17.33 -9.21 -6.54
N ASN B 115 -17.63 -7.94 -6.35
CA ASN B 115 -18.84 -7.57 -5.63
C ASN B 115 -20.12 -7.90 -6.37
N SER B 116 -20.09 -7.73 -7.68
CA SER B 116 -21.28 -7.95 -8.53
C SER B 116 -21.70 -9.43 -8.60
N ILE B 117 -20.75 -10.33 -8.29
CA ILE B 117 -20.98 -11.77 -8.13
C ILE B 117 -21.41 -12.14 -6.70
N LYS B 118 -22.72 -12.32 -6.48
CA LYS B 118 -23.28 -12.56 -5.15
C LYS B 118 -22.86 -13.91 -4.57
N PRO B 119 -22.37 -13.90 -3.32
CA PRO B 119 -22.01 -15.12 -2.60
C PRO B 119 -23.24 -15.91 -2.18
N PHE B 120 -23.07 -17.20 -1.95
CA PHE B 120 -24.18 -18.01 -1.48
C PHE B 120 -24.25 -17.89 0.03
N VAL B 121 -23.10 -17.65 0.66
CA VAL B 121 -23.03 -17.44 2.09
C VAL B 121 -23.13 -16.00 2.52
N LYS B 122 -24.23 -15.68 3.18
CA LYS B 122 -24.41 -14.34 3.71
C LYS B 122 -23.15 -13.48 3.62
N GLY B 123 -22.23 -13.66 4.57
CA GLY B 123 -21.25 -12.59 4.86
C GLY B 123 -19.77 -12.81 4.51
N TRP B 124 -19.50 -13.71 3.58
CA TRP B 124 -18.12 -13.98 3.23
C TRP B 124 -17.53 -12.96 2.24
N LYS B 125 -17.02 -11.85 2.78
CA LYS B 125 -16.46 -10.75 1.97
C LYS B 125 -14.96 -10.93 1.64
N LYS B 126 -14.28 -11.77 2.42
CA LYS B 126 -12.84 -11.93 2.27
C LYS B 126 -12.47 -13.35 1.89
N PRO B 127 -11.57 -13.51 0.91
CA PRO B 127 -11.21 -14.87 0.50
C PRO B 127 -10.87 -15.71 1.70
N ILE B 128 -11.33 -16.95 1.69
CA ILE B 128 -10.92 -17.89 2.72
C ILE B 128 -9.99 -18.89 2.07
N SER B 129 -8.87 -19.12 2.70
CA SER B 129 -7.87 -19.96 2.09
C SER B 129 -7.86 -21.27 2.79
N ILE B 130 -8.07 -22.35 2.04
CA ILE B 130 -8.13 -23.71 2.55
C ILE B 130 -6.90 -24.53 2.16
N ALA B 131 -6.32 -25.23 3.12
CA ALA B 131 -4.99 -25.81 2.97
C ALA B 131 -5.04 -27.34 3.06
N ARG B 132 -4.29 -28.02 2.20
CA ARG B 132 -4.16 -29.49 2.28
C ARG B 132 -2.78 -29.94 1.81
N HIS B 133 -2.21 -30.94 2.48
CA HIS B 133 -0.80 -31.28 2.27
C HIS B 133 -0.60 -32.37 1.20
N LYS B 140 -2.19 -42.10 -1.34
CA LYS B 140 -3.41 -42.87 -1.39
C LYS B 140 -3.45 -44.04 -0.36
N ASN B 141 -4.61 -44.71 -0.28
CA ASN B 141 -4.94 -45.62 0.82
C ASN B 141 -4.98 -47.02 0.29
N VAL B 142 -4.75 -48.00 1.14
CA VAL B 142 -5.01 -49.36 0.68
C VAL B 142 -6.33 -49.83 1.22
N GLU B 143 -7.00 -50.68 0.45
CA GLU B 143 -8.33 -51.12 0.77
C GLU B 143 -8.40 -52.58 0.39
N TYR B 144 -9.38 -53.28 0.95
CA TYR B 144 -9.55 -54.66 0.59
C TYR B 144 -11.01 -55.04 0.78
N TYR B 145 -11.57 -55.81 -0.14
CA TYR B 145 -12.90 -56.38 0.02
C TYR B 145 -12.87 -57.67 0.78
N VAL B 146 -13.40 -57.66 2.00
CA VAL B 146 -13.46 -58.85 2.86
C VAL B 146 -14.59 -59.73 2.35
N PRO B 147 -14.26 -60.98 1.94
CA PRO B 147 -15.23 -61.76 1.17
C PRO B 147 -16.00 -62.76 1.99
N SER B 148 -15.62 -62.94 3.24
CA SER B 148 -16.28 -63.94 4.07
C SER B 148 -15.61 -63.77 5.42
N ALA B 149 -15.95 -64.61 6.40
CA ALA B 149 -15.74 -64.36 7.86
C ALA B 149 -14.52 -63.69 8.57
N GLY B 150 -13.33 -64.24 8.46
CA GLY B 150 -12.27 -63.86 9.44
C GLY B 150 -11.91 -62.51 10.12
N LYS B 151 -10.58 -62.34 10.36
CA LYS B 151 -9.98 -61.20 11.12
C LYS B 151 -9.11 -60.17 10.36
N ALA B 152 -9.49 -58.91 10.45
CA ALA B 152 -8.78 -57.80 9.85
C ALA B 152 -7.93 -57.11 10.92
N GLU B 153 -6.69 -56.74 10.58
CA GLU B 153 -5.72 -56.17 11.51
C GLU B 153 -4.83 -55.09 10.91
N LEU B 154 -4.47 -54.06 11.71
CA LEU B 154 -3.33 -53.23 11.33
C LEU B 154 -2.12 -53.93 11.88
N VAL B 155 -1.06 -54.10 11.09
CA VAL B 155 0.13 -54.75 11.60
C VAL B 155 1.33 -53.87 11.36
N PHE B 156 2.22 -53.83 12.31
CA PHE B 156 3.41 -53.10 12.10
C PHE B 156 4.63 -53.97 12.43
N THR B 157 5.62 -53.97 11.55
CA THR B 157 6.85 -54.73 11.78
C THR B 157 7.99 -53.77 11.88
N SER B 158 8.53 -53.60 13.07
CA SER B 158 9.49 -52.59 13.30
C SER B 158 10.81 -53.12 12.75
N GLU B 159 11.74 -52.27 12.36
CA GLU B 159 12.91 -52.84 11.70
C GLU B 159 13.84 -53.50 12.71
N ASN B 160 13.40 -53.58 13.96
CA ASN B 160 14.14 -54.36 14.99
C ASN B 160 13.54 -55.77 15.14
N GLY B 161 12.49 -56.01 14.36
CA GLY B 161 11.82 -57.31 14.28
C GLY B 161 10.49 -57.43 15.02
N GLU B 162 10.19 -56.49 15.92
CA GLU B 162 8.98 -56.64 16.71
C GLU B 162 7.74 -56.41 15.83
N VAL B 163 6.67 -57.10 16.15
CA VAL B 163 5.49 -57.12 15.34
C VAL B 163 4.32 -56.83 16.25
N SER B 164 3.62 -55.73 16.00
CA SER B 164 2.49 -55.38 16.84
C SER B 164 1.25 -55.39 15.99
N ARG B 165 0.15 -55.83 16.55
CA ARG B 165 -1.09 -56.06 15.84
C ARG B 165 -2.14 -55.33 16.58
N GLN B 166 -3.08 -54.80 15.83
CA GLN B 166 -4.27 -54.18 16.37
C GLN B 166 -5.42 -54.75 15.55
N THR B 167 -6.42 -55.31 16.22
CA THR B 167 -7.57 -55.82 15.49
C THR B 167 -8.44 -54.66 14.94
N ILE B 168 -8.85 -54.77 13.67
CA ILE B 168 -9.71 -53.76 13.05
C ILE B 168 -11.11 -54.25 13.25
N HIS B 169 -11.31 -55.54 13.00
CA HIS B 169 -12.60 -56.10 13.15
C HIS B 169 -12.61 -57.57 12.89
N GLU B 170 -13.41 -58.29 13.65
CA GLU B 170 -13.71 -59.70 13.38
C GLU B 170 -14.94 -59.78 12.48
N PHE B 171 -14.77 -60.20 11.23
CA PHE B 171 -15.91 -60.25 10.32
C PHE B 171 -16.68 -61.54 10.47
N ASP B 172 -17.99 -61.49 10.41
CA ASP B 172 -18.75 -62.72 10.25
C ASP B 172 -19.37 -62.75 8.88
N GLY B 173 -19.08 -61.76 8.06
CA GLY B 173 -19.63 -61.73 6.70
C GLY B 173 -18.73 -60.82 5.90
N PRO B 174 -19.08 -60.56 4.64
CA PRO B 174 -18.25 -59.70 3.81
C PRO B 174 -18.35 -58.22 4.22
N GLY B 175 -17.38 -57.43 3.83
CA GLY B 175 -17.41 -55.99 4.02
C GLY B 175 -16.09 -55.44 3.48
N VAL B 176 -15.71 -54.27 3.96
CA VAL B 176 -14.56 -53.63 3.40
C VAL B 176 -13.68 -53.11 4.50
N ILE B 177 -12.38 -53.13 4.26
CA ILE B 177 -11.44 -52.56 5.16
C ILE B 177 -10.50 -51.62 4.42
N MET B 178 -9.89 -50.71 5.18
CA MET B 178 -9.01 -49.71 4.63
C MET B 178 -7.98 -49.36 5.69
N GLY B 179 -6.79 -48.97 5.27
CA GLY B 179 -5.72 -48.60 6.15
C GLY B 179 -5.06 -47.36 5.60
N MET B 180 -4.48 -46.53 6.48
CA MET B 180 -3.90 -45.28 6.01
C MET B 180 -2.87 -44.81 6.97
N HIS B 181 -2.13 -43.78 6.56
CA HIS B 181 -1.02 -43.35 7.37
C HIS B 181 -0.74 -41.87 7.31
N ASN B 182 0.14 -41.47 8.23
CA ASN B 182 0.73 -40.15 8.27
C ASN B 182 2.01 -40.23 9.07
N THR B 183 3.07 -39.60 8.57
CA THR B 183 4.31 -39.56 9.27
C THR B 183 4.37 -38.23 10.03
N ASP B 184 5.19 -38.19 11.07
CA ASP B 184 5.41 -36.99 11.83
C ASP B 184 6.11 -36.00 10.89
N LYS B 185 7.03 -36.49 10.06
CA LYS B 185 7.74 -35.64 9.11
C LYS B 185 6.68 -34.84 8.34
N SER B 186 5.64 -35.54 7.95
CA SER B 186 4.62 -35.00 7.08
C SER B 186 3.82 -33.94 7.77
N ILE B 187 3.37 -34.23 8.98
CA ILE B 187 2.59 -33.25 9.69
C ILE B 187 3.40 -31.99 9.85
N ARG B 188 4.72 -32.12 10.03
CA ARG B 188 5.63 -30.98 10.18
C ARG B 188 5.80 -30.10 8.94
N SER B 189 5.84 -30.70 7.73
CA SER B 189 5.91 -29.84 6.53
C SER B 189 4.59 -29.11 6.43
N PHE B 190 3.52 -29.82 6.76
CA PHE B 190 2.17 -29.29 6.68
C PHE B 190 2.07 -28.05 7.57
N ALA B 191 2.48 -28.17 8.82
CA ALA B 191 2.40 -27.06 9.73
C ALA B 191 3.30 -25.93 9.26
N ARG B 192 4.47 -26.25 8.72
CA ARG B 192 5.40 -25.19 8.33
C ARG B 192 4.86 -24.37 7.15
N ALA B 193 4.40 -25.08 6.11
CA ALA B 193 3.78 -24.48 4.96
C ALA B 193 2.59 -23.60 5.36
N CYS B 194 1.82 -24.04 6.37
CA CYS B 194 0.63 -23.30 6.76
C CYS B 194 1.00 -22.03 7.50
N PHE B 195 1.97 -22.14 8.38
CA PHE B 195 2.46 -20.96 9.05
C PHE B 195 3.16 -19.98 8.07
N ASN B 196 3.84 -20.51 7.06
CA ASN B 196 4.51 -19.61 6.12
C ASN B 196 3.48 -18.76 5.40
N TYR B 197 2.44 -19.43 4.90
CA TYR B 197 1.47 -18.81 4.04
C TYR B 197 0.67 -17.78 4.85
N ALA B 198 0.26 -18.17 6.04
CA ALA B 198 -0.46 -17.29 6.92
C ALA B 198 0.30 -16.00 7.06
N LEU B 199 1.62 -16.11 7.18
CA LEU B 199 2.48 -14.92 7.32
C LEU B 199 2.53 -14.10 6.03
N ASP B 200 3.05 -14.70 4.96
CA ASP B 200 3.13 -14.04 3.65
C ASP B 200 1.86 -13.20 3.40
N MET B 201 0.71 -13.64 3.92
CA MET B 201 -0.57 -13.07 3.54
C MET B 201 -1.25 -12.25 4.63
N ASN B 202 -0.58 -12.12 5.77
CA ASN B 202 -1.16 -11.45 6.96
C ASN B 202 -2.49 -12.00 7.45
N GLN B 203 -2.70 -13.30 7.31
CA GLN B 203 -3.92 -13.92 7.84
C GLN B 203 -3.62 -14.73 9.09
N ASP B 204 -4.62 -14.85 9.94
CA ASP B 204 -4.58 -15.81 11.02
C ASP B 204 -4.61 -17.24 10.42
N LEU B 205 -4.08 -18.21 11.16
CA LEU B 205 -4.14 -19.61 10.77
C LEU B 205 -5.09 -20.35 11.71
N TRP B 206 -6.06 -21.06 11.16
CA TRP B 206 -6.92 -21.94 11.95
C TRP B 206 -6.65 -23.40 11.60
N PHE B 207 -6.57 -24.25 12.61
CA PHE B 207 -6.44 -25.69 12.41
C PHE B 207 -7.42 -26.41 13.32
N SER B 208 -7.97 -27.52 12.86
CA SER B 208 -8.94 -28.28 13.69
C SER B 208 -9.11 -29.76 13.32
N THR B 209 -9.49 -30.57 14.30
CA THR B 209 -9.67 -32.03 14.10
C THR B 209 -10.92 -32.53 14.77
N LYS B 215 -7.60 -39.91 18.64
CA LYS B 215 -6.94 -39.67 19.92
C LYS B 215 -5.42 -39.64 19.73
N THR B 216 -4.89 -40.61 18.98
CA THR B 216 -3.46 -40.65 18.60
C THR B 216 -3.27 -39.91 17.27
N TYR B 217 -4.17 -40.19 16.34
CA TYR B 217 -4.08 -39.63 14.99
C TYR B 217 -4.15 -38.10 15.07
N ASP B 218 -5.12 -37.61 15.86
CA ASP B 218 -5.46 -36.18 15.86
C ASP B 218 -4.63 -35.40 16.85
N HIS B 219 -4.28 -36.01 17.99
CA HIS B 219 -3.49 -35.31 19.02
C HIS B 219 -2.06 -35.21 18.53
N ARG B 220 -1.65 -36.21 17.75
CA ARG B 220 -0.37 -36.17 17.08
C ARG B 220 -0.32 -34.88 16.27
N PHE B 221 -1.29 -34.69 15.37
CA PHE B 221 -1.43 -33.46 14.59
C PHE B 221 -1.41 -32.19 15.48
N LYS B 222 -2.27 -32.15 16.49
CA LYS B 222 -2.39 -30.95 17.32
C LYS B 222 -1.09 -30.64 18.05
N ASP B 223 -0.43 -31.68 18.53
CA ASP B 223 0.82 -31.50 19.25
C ASP B 223 1.82 -30.83 18.34
N ILE B 224 2.09 -31.49 17.21
CA ILE B 224 3.13 -31.06 16.30
C ILE B 224 2.97 -29.63 15.82
N PHE B 225 1.74 -29.22 15.52
CA PHE B 225 1.44 -27.84 15.12
C PHE B 225 1.80 -26.87 16.23
N GLN B 226 1.29 -27.13 17.43
CA GLN B 226 1.66 -26.34 18.60
C GLN B 226 3.20 -26.19 18.69
N GLU B 227 3.92 -27.31 18.81
CA GLU B 227 5.39 -27.28 18.95
C GLU B 227 5.99 -26.37 17.91
N ILE B 228 5.63 -26.60 16.64
CA ILE B 228 6.20 -25.83 15.53
C ILE B 228 5.83 -24.35 15.67
N TYR B 229 4.68 -24.08 16.28
CA TYR B 229 4.29 -22.70 16.53
C TYR B 229 5.19 -22.02 17.58
N GLU B 230 5.18 -22.52 18.81
CA GLU B 230 6.04 -21.96 19.86
C GLU B 230 7.49 -21.75 19.39
N ASN B 231 8.03 -22.70 18.62
CA ASN B 231 9.45 -22.74 18.29
C ASN B 231 9.87 -21.98 17.06
N GLU B 232 8.95 -21.78 16.12
CA GLU B 232 9.38 -21.24 14.84
C GLU B 232 8.54 -20.07 14.37
N TYR B 233 7.38 -19.87 14.97
CA TYR B 233 6.50 -18.81 14.47
C TYR B 233 5.92 -17.90 15.56
N LYS B 234 5.56 -18.44 16.71
CA LYS B 234 5.00 -17.59 17.76
C LYS B 234 5.57 -16.18 17.53
N GLU B 235 6.90 -16.09 17.47
CA GLU B 235 7.63 -14.82 17.43
C GLU B 235 7.25 -13.93 16.26
N LYS B 236 7.27 -14.48 15.05
CA LYS B 236 7.07 -13.70 13.82
C LYS B 236 5.60 -13.29 13.64
N PHE B 237 4.69 -14.15 14.11
CA PHE B 237 3.26 -13.86 14.13
C PHE B 237 2.95 -12.61 14.96
N GLU B 238 3.18 -12.69 16.27
CA GLU B 238 2.99 -11.50 17.12
C GLU B 238 3.63 -10.24 16.53
N ALA B 239 4.82 -10.38 15.94
CA ALA B 239 5.46 -9.23 15.28
C ALA B 239 4.51 -8.57 14.28
N LYS B 240 3.49 -9.32 13.84
CA LYS B 240 2.47 -8.79 12.92
C LYS B 240 1.03 -8.93 13.47
N ASN B 241 0.90 -9.16 14.77
CA ASN B 241 -0.40 -9.35 15.40
C ASN B 241 -1.30 -10.30 14.60
N LEU B 242 -0.86 -11.55 14.46
CA LEU B 242 -1.69 -12.60 13.90
C LEU B 242 -1.92 -13.64 14.98
N GLN B 243 -3.10 -14.25 15.00
CA GLN B 243 -3.42 -15.31 15.94
C GLN B 243 -3.23 -16.65 15.23
N TYR B 244 -2.64 -17.63 15.92
CA TYR B 244 -2.83 -19.02 15.55
C TYR B 244 -3.94 -19.56 16.45
N PHE B 245 -5.04 -19.99 15.85
CA PHE B 245 -6.18 -20.45 16.60
C PHE B 245 -6.41 -21.91 16.28
N TYR B 246 -6.16 -22.78 17.26
CA TYR B 246 -6.50 -24.18 17.13
C TYR B 246 -7.90 -24.38 17.70
N THR B 247 -8.64 -25.39 17.22
CA THR B 247 -9.88 -25.80 17.91
C THR B 247 -10.54 -27.03 17.32
N LEU B 248 -11.71 -27.36 17.87
CA LEU B 248 -12.54 -28.46 17.38
C LEU B 248 -13.25 -28.06 16.07
N ILE B 249 -13.16 -28.92 15.07
CA ILE B 249 -13.87 -28.75 13.81
C ILE B 249 -15.30 -28.18 13.97
N ASP B 250 -16.13 -28.72 14.87
CA ASP B 250 -17.50 -28.21 14.96
C ASP B 250 -17.58 -26.74 15.38
N ASP B 251 -16.63 -26.32 16.22
CA ASP B 251 -16.59 -24.95 16.67
C ASP B 251 -16.05 -24.06 15.57
N ALA B 252 -15.01 -24.54 14.89
CA ALA B 252 -14.39 -23.78 13.80
C ALA B 252 -15.39 -23.49 12.72
N VAL B 253 -16.05 -24.53 12.23
CA VAL B 253 -16.99 -24.31 11.16
C VAL B 253 -17.99 -23.24 11.58
N ALA B 254 -18.52 -23.33 12.79
CA ALA B 254 -19.50 -22.34 13.25
C ALA B 254 -18.93 -20.91 13.39
N ARG B 255 -17.66 -20.79 13.77
CA ARG B 255 -17.06 -19.45 13.90
C ARG B 255 -16.71 -18.95 12.49
N ILE B 256 -16.33 -19.89 11.64
CA ILE B 256 -15.91 -19.54 10.31
C ILE B 256 -17.13 -19.03 9.55
N ILE B 257 -18.22 -19.78 9.63
CA ILE B 257 -19.45 -19.43 8.93
C ILE B 257 -20.03 -18.10 9.42
N ARG B 258 -19.63 -17.69 10.62
CA ARG B 258 -20.14 -16.46 11.21
C ARG B 258 -19.19 -15.26 11.05
N SER B 259 -18.08 -15.44 10.36
CA SER B 259 -17.08 -14.39 10.22
C SER B 259 -17.15 -13.79 8.81
N GLU B 260 -16.18 -12.96 8.43
CA GLU B 260 -16.26 -12.28 7.13
C GLU B 260 -15.40 -12.95 6.04
N GLY B 261 -14.62 -13.95 6.50
CA GLY B 261 -13.66 -14.62 5.67
C GLY B 261 -12.27 -14.20 6.13
N GLY B 262 -11.32 -14.20 5.20
CA GLY B 262 -9.98 -13.68 5.46
C GLY B 262 -8.97 -14.49 6.29
N MET B 263 -9.21 -15.78 6.50
CA MET B 263 -8.26 -16.59 7.26
C MET B 263 -7.70 -17.76 6.45
N VAL B 264 -6.59 -18.32 6.93
CA VAL B 264 -6.12 -19.62 6.46
C VAL B 264 -6.68 -20.73 7.36
N TRP B 265 -7.45 -21.61 6.74
CA TRP B 265 -8.15 -22.73 7.36
C TRP B 265 -7.38 -23.99 6.98
N ALA B 266 -6.76 -24.66 7.96
CA ALA B 266 -6.05 -25.91 7.70
C ALA B 266 -6.85 -27.11 8.19
N CYS B 267 -6.91 -28.16 7.39
CA CYS B 267 -7.55 -29.40 7.80
C CYS B 267 -6.80 -30.64 7.29
N LYS B 268 -6.94 -31.75 7.99
CA LYS B 268 -6.44 -33.05 7.51
C LYS B 268 -6.99 -33.21 6.10
N ASN B 269 -6.29 -33.94 5.24
CA ASN B 269 -6.89 -34.28 3.95
C ASN B 269 -8.18 -34.95 4.37
N TYR B 270 -9.01 -35.41 3.41
CA TYR B 270 -10.40 -35.83 3.71
C TYR B 270 -11.34 -34.65 4.09
N ASP B 271 -10.87 -33.71 4.91
CA ASP B 271 -11.74 -32.63 5.40
C ASP B 271 -11.54 -31.27 4.69
N GLY B 272 -10.31 -30.99 4.24
CA GLY B 272 -10.02 -29.84 3.38
C GLY B 272 -10.61 -30.12 2.00
N ASP B 273 -10.80 -31.41 1.73
CA ASP B 273 -11.49 -31.90 0.53
C ASP B 273 -12.86 -31.20 0.38
N VAL B 274 -13.69 -31.28 1.43
CA VAL B 274 -15.02 -30.65 1.45
C VAL B 274 -14.98 -29.12 1.49
N MET B 275 -14.57 -28.59 2.65
CA MET B 275 -14.54 -27.16 2.90
C MET B 275 -14.17 -26.33 1.70
N SER B 276 -13.22 -26.78 0.90
CA SER B 276 -12.89 -26.05 -0.33
C SER B 276 -14.00 -26.21 -1.36
N ASP B 277 -14.71 -27.31 -1.28
CA ASP B 277 -15.94 -27.43 -2.04
C ASP B 277 -16.91 -26.40 -1.47
N MET B 278 -17.20 -26.56 -0.18
CA MET B 278 -18.07 -25.66 0.55
C MET B 278 -17.75 -24.21 0.26
N VAL B 279 -16.48 -23.82 0.49
CA VAL B 279 -16.07 -22.43 0.30
C VAL B 279 -16.09 -22.06 -1.16
N ALA B 280 -15.49 -22.90 -1.99
CA ALA B 280 -15.49 -22.69 -3.44
C ALA B 280 -16.86 -22.30 -3.91
N SER B 281 -17.81 -23.21 -3.70
CA SER B 281 -19.15 -23.05 -4.24
C SER B 281 -19.93 -21.98 -3.48
N ALA B 282 -19.54 -21.77 -2.23
CA ALA B 282 -20.11 -20.72 -1.40
C ALA B 282 -19.85 -19.35 -1.99
N PHE B 283 -18.62 -19.12 -2.43
CA PHE B 283 -18.28 -17.84 -3.02
C PHE B 283 -18.93 -17.68 -4.39
N GLY B 284 -18.98 -18.78 -5.14
CA GLY B 284 -19.73 -18.78 -6.40
C GLY B 284 -18.80 -18.92 -7.58
N SER B 285 -18.52 -20.17 -7.93
CA SER B 285 -17.75 -20.55 -9.13
C SER B 285 -16.38 -21.20 -8.90
N LEU B 286 -16.27 -22.44 -9.39
CA LEU B 286 -15.03 -23.21 -9.34
C LEU B 286 -14.01 -22.56 -10.25
N ALA B 287 -14.49 -21.68 -11.14
CA ALA B 287 -13.60 -20.97 -12.07
C ALA B 287 -12.86 -19.82 -11.41
N MET B 288 -13.45 -19.24 -10.37
CA MET B 288 -12.87 -18.10 -9.68
C MET B 288 -11.98 -18.55 -8.53
N MET B 289 -11.14 -19.55 -8.74
CA MET B 289 -10.35 -20.07 -7.62
C MET B 289 -8.84 -20.07 -7.89
N THR B 290 -8.09 -19.40 -7.01
CA THR B 290 -6.66 -19.40 -7.11
C THR B 290 -6.11 -20.59 -6.35
N SER B 291 -4.92 -21.01 -6.72
CA SER B 291 -4.30 -22.09 -6.04
C SER B 291 -2.82 -21.79 -5.92
N VAL B 292 -2.30 -21.77 -4.70
CA VAL B 292 -0.88 -21.51 -4.50
C VAL B 292 -0.24 -22.60 -3.65
N LEU B 293 0.81 -23.21 -4.20
CA LEU B 293 1.58 -24.21 -3.50
C LEU B 293 2.73 -23.56 -2.71
N VAL B 294 2.89 -23.96 -1.45
CA VAL B 294 3.93 -23.40 -0.61
C VAL B 294 4.67 -24.51 0.07
N SER B 295 5.99 -24.39 0.16
CA SER B 295 6.78 -25.39 0.85
C SER B 295 7.29 -24.94 2.23
N PRO B 296 7.85 -25.88 3.01
CA PRO B 296 8.34 -25.47 4.29
C PRO B 296 9.52 -24.53 4.13
N ASP B 297 10.26 -24.66 3.02
CA ASP B 297 11.42 -23.84 2.71
C ASP B 297 11.04 -22.49 2.22
N GLY B 298 9.76 -22.28 1.92
CA GLY B 298 9.31 -21.00 1.36
C GLY B 298 9.31 -20.91 -0.17
N LYS B 299 9.51 -22.01 -0.87
CA LYS B 299 9.34 -22.01 -2.35
C LYS B 299 7.86 -21.88 -2.64
N TYR B 300 7.52 -21.24 -3.77
CA TYR B 300 6.12 -21.06 -4.15
C TYR B 300 5.79 -21.46 -5.59
N GLU B 301 4.57 -21.96 -5.79
CA GLU B 301 4.07 -22.17 -7.13
C GLU B 301 2.64 -21.70 -7.26
N PHE B 302 2.37 -20.89 -8.27
CA PHE B 302 1.03 -20.40 -8.53
C PHE B 302 0.36 -21.08 -9.73
N GLU B 303 -0.89 -21.54 -9.54
CA GLU B 303 -1.66 -22.13 -10.66
C GLU B 303 -3.16 -21.83 -10.56
N ALA B 304 -3.86 -21.82 -11.69
CA ALA B 304 -5.33 -21.85 -11.67
C ALA B 304 -5.81 -23.04 -10.86
N ALA B 305 -6.69 -22.81 -9.88
CA ALA B 305 -7.19 -23.94 -9.09
C ALA B 305 -8.04 -24.83 -9.98
N THR B 322 -15.10 -19.37 -28.74
CA THR B 322 -14.93 -19.53 -27.30
C THR B 322 -15.09 -18.20 -26.55
N SER B 323 -15.79 -18.22 -25.42
CA SER B 323 -15.75 -17.10 -24.47
C SER B 323 -15.43 -17.65 -23.08
N THR B 324 -14.15 -17.84 -22.81
CA THR B 324 -13.72 -18.53 -21.61
C THR B 324 -13.12 -17.61 -20.58
N ASN B 325 -13.53 -17.83 -19.33
CA ASN B 325 -13.04 -17.07 -18.20
C ASN B 325 -11.58 -17.42 -17.87
N SER B 326 -10.70 -16.45 -17.99
CA SER B 326 -9.32 -16.72 -17.76
C SER B 326 -8.85 -16.06 -16.48
N MET B 327 -9.79 -15.69 -15.61
CA MET B 327 -9.42 -14.94 -14.44
C MET B 327 -8.59 -15.65 -13.39
N ALA B 328 -8.75 -16.96 -13.22
CA ALA B 328 -7.91 -17.64 -12.27
C ALA B 328 -6.52 -17.71 -12.88
N THR B 329 -6.42 -17.69 -14.20
CA THR B 329 -5.08 -17.78 -14.74
C THR B 329 -4.31 -16.45 -14.87
N ILE B 330 -5.01 -15.34 -14.81
CA ILE B 330 -4.32 -14.06 -14.63
C ILE B 330 -3.77 -13.95 -13.19
N PHE B 331 -4.60 -14.33 -12.26
CA PHE B 331 -4.25 -14.22 -10.85
C PHE B 331 -3.12 -15.19 -10.46
N ALA B 332 -2.98 -16.27 -11.20
CA ALA B 332 -1.79 -17.08 -11.04
C ALA B 332 -0.53 -16.32 -11.50
N TRP B 333 -0.61 -15.68 -12.65
CA TRP B 333 0.54 -14.92 -13.08
C TRP B 333 0.79 -13.74 -12.14
N THR B 334 -0.26 -13.05 -11.69
CA THR B 334 0.04 -11.89 -10.84
C THR B 334 0.58 -12.30 -9.48
N GLY B 335 -0.06 -13.31 -8.89
CA GLY B 335 0.43 -13.85 -7.66
C GLY B 335 1.92 -14.10 -7.81
N ALA B 336 2.35 -14.74 -8.90
CA ALA B 336 3.74 -15.14 -8.94
C ALA B 336 4.62 -13.94 -9.19
N LEU B 337 4.14 -12.97 -9.93
CA LEU B 337 4.99 -11.83 -10.21
C LEU B 337 5.09 -10.95 -8.98
N LYS B 338 4.01 -10.83 -8.22
CA LYS B 338 4.10 -10.03 -7.03
C LYS B 338 5.09 -10.70 -6.09
N LYS B 339 4.94 -12.01 -5.86
CA LYS B 339 5.87 -12.73 -4.97
C LYS B 339 7.29 -12.59 -5.46
N ARG B 340 7.47 -12.63 -6.77
CA ARG B 340 8.81 -12.53 -7.34
C ARG B 340 9.34 -11.12 -7.04
N GLY B 341 8.47 -10.11 -7.15
CA GLY B 341 8.85 -8.73 -6.86
C GLY B 341 9.27 -8.44 -5.42
N GLU B 342 8.58 -9.04 -4.47
CA GLU B 342 8.89 -8.92 -3.06
C GLU B 342 10.21 -9.60 -2.70
N LEU B 343 10.42 -10.80 -3.22
CA LEU B 343 11.70 -11.48 -3.00
C LEU B 343 12.86 -10.70 -3.64
N ASP B 344 12.62 -10.04 -4.77
CA ASP B 344 13.69 -9.35 -5.52
C ASP B 344 13.72 -7.83 -5.22
N GLY B 345 12.93 -7.38 -4.24
CA GLY B 345 12.88 -5.96 -3.93
C GLY B 345 12.69 -5.21 -5.23
N ILE B 346 11.67 -5.57 -5.99
CA ILE B 346 11.29 -4.73 -7.10
C ILE B 346 9.82 -4.30 -7.05
N LYS B 347 9.64 -3.12 -6.46
CA LYS B 347 8.33 -2.53 -6.18
C LYS B 347 7.41 -2.26 -7.37
N GLU B 348 7.93 -1.81 -8.51
CA GLU B 348 7.03 -1.57 -9.64
C GLU B 348 6.43 -2.89 -10.13
N LEU B 349 7.15 -3.99 -9.93
CA LEU B 349 6.61 -5.28 -10.34
C LEU B 349 5.47 -5.68 -9.40
N VAL B 350 5.68 -5.47 -8.11
CA VAL B 350 4.65 -5.72 -7.09
C VAL B 350 3.43 -4.86 -7.35
N ASP B 351 3.65 -3.56 -7.52
CA ASP B 351 2.54 -2.61 -7.74
C ASP B 351 1.79 -2.90 -9.05
N PHE B 352 2.52 -3.31 -10.08
CA PHE B 352 1.88 -3.75 -11.30
C PHE B 352 0.97 -4.99 -11.09
N ALA B 353 1.53 -6.05 -10.54
CA ALA B 353 0.68 -7.18 -10.19
C ALA B 353 -0.60 -6.65 -9.53
N THR B 354 -0.46 -5.83 -8.50
CA THR B 354 -1.66 -5.38 -7.83
C THR B 354 -2.61 -4.64 -8.78
N LYS B 355 -2.07 -3.71 -9.56
CA LYS B 355 -2.88 -2.92 -10.52
C LYS B 355 -3.69 -3.78 -11.50
N LEU B 356 -3.04 -4.74 -12.12
CA LEU B 356 -3.69 -5.66 -13.04
C LEU B 356 -4.81 -6.48 -12.34
N GLU B 357 -4.51 -7.09 -11.20
CA GLU B 357 -5.57 -7.80 -10.49
C GLU B 357 -6.78 -6.91 -10.40
N GLN B 358 -6.52 -5.69 -9.94
CA GLN B 358 -7.54 -4.70 -9.63
C GLN B 358 -8.32 -4.34 -10.92
N ALA B 359 -7.61 -4.25 -12.03
CA ALA B 359 -8.18 -3.84 -13.31
C ALA B 359 -8.97 -4.96 -13.97
N SER B 360 -8.52 -6.19 -13.74
CA SER B 360 -9.29 -7.40 -14.06
C SER B 360 -10.64 -7.47 -13.36
N VAL B 361 -10.62 -7.16 -12.07
CA VAL B 361 -11.85 -7.15 -11.29
C VAL B 361 -12.76 -6.01 -11.75
N GLN B 362 -12.20 -4.81 -11.90
CA GLN B 362 -13.02 -3.62 -12.24
C GLN B 362 -13.74 -3.79 -13.58
N THR B 363 -13.09 -4.50 -14.49
CA THR B 363 -13.65 -4.72 -15.81
C THR B 363 -14.94 -5.51 -15.70
N ILE B 364 -14.90 -6.58 -14.92
CA ILE B 364 -16.08 -7.37 -14.73
C ILE B 364 -17.13 -6.49 -14.11
N GLU B 365 -16.71 -5.68 -13.14
CA GLU B 365 -17.65 -4.81 -12.41
C GLU B 365 -18.33 -3.79 -13.33
N ASN B 366 -17.62 -3.40 -14.39
CA ASN B 366 -18.15 -2.49 -15.40
C ASN B 366 -19.13 -3.16 -16.33
N GLY B 367 -19.18 -4.50 -16.27
CA GLY B 367 -20.15 -5.27 -17.06
C GLY B 367 -19.66 -5.83 -18.38
N VAL B 368 -18.35 -5.83 -18.59
CA VAL B 368 -17.77 -6.51 -19.74
C VAL B 368 -17.21 -7.79 -19.20
N MET B 369 -17.67 -8.92 -19.71
CA MET B 369 -17.32 -10.21 -19.12
C MET B 369 -17.62 -11.38 -20.06
N THR B 370 -17.10 -12.54 -19.73
CA THR B 370 -17.30 -13.70 -20.60
C THR B 370 -18.65 -14.38 -20.32
N LYS B 371 -19.13 -15.15 -21.28
CA LYS B 371 -20.44 -15.76 -21.16
C LYS B 371 -20.63 -16.39 -19.79
N ASP B 372 -19.64 -17.17 -19.36
CA ASP B 372 -19.73 -17.94 -18.13
C ASP B 372 -19.94 -17.04 -16.91
N LEU B 373 -19.21 -15.94 -16.88
CA LEU B 373 -19.31 -15.00 -15.76
C LEU B 373 -20.57 -14.15 -15.77
N ALA B 374 -21.22 -14.04 -16.92
CA ALA B 374 -22.45 -13.27 -17.02
C ALA B 374 -23.67 -14.04 -16.50
N SER B 375 -23.52 -15.34 -16.30
CA SER B 375 -24.54 -16.09 -15.57
C SER B 375 -24.41 -15.82 -14.08
N LEU B 376 -23.25 -15.30 -13.67
CA LEU B 376 -22.95 -15.08 -12.26
C LEU B 376 -23.33 -13.67 -11.76
N SER B 377 -22.56 -12.67 -12.19
CA SER B 377 -22.70 -11.33 -11.66
C SER B 377 -23.99 -10.71 -12.16
N GLU B 378 -24.71 -10.04 -11.29
CA GLU B 378 -25.89 -9.33 -11.73
C GLU B 378 -25.40 -7.99 -12.29
N VAL B 379 -25.64 -6.93 -11.53
CA VAL B 379 -25.26 -5.58 -11.92
C VAL B 379 -25.31 -5.30 -13.43
N PRO B 380 -26.51 -5.10 -14.01
CA PRO B 380 -25.93 -4.36 -15.06
C PRO B 380 -26.85 -4.33 -16.26
N GLU B 381 -26.32 -3.71 -17.30
CA GLU B 381 -26.46 -4.18 -18.68
C GLU B 381 -25.02 -4.67 -18.93
N LYS B 382 -24.85 -5.70 -19.77
CA LYS B 382 -23.52 -6.33 -19.93
C LYS B 382 -23.07 -6.45 -21.39
N LYS B 383 -21.82 -6.11 -21.65
CA LYS B 383 -21.26 -6.41 -22.95
C LYS B 383 -20.47 -7.69 -22.74
N ILE B 384 -21.04 -8.80 -23.19
CA ILE B 384 -20.30 -10.06 -23.13
C ILE B 384 -19.35 -10.15 -24.31
N VAL B 385 -18.15 -10.62 -24.03
CA VAL B 385 -17.13 -10.68 -25.03
C VAL B 385 -16.56 -12.08 -25.07
N ASN B 386 -15.74 -12.33 -26.08
CA ASN B 386 -15.07 -13.60 -26.19
C ASN B 386 -13.75 -13.60 -25.40
N THR B 387 -13.18 -14.79 -25.26
CA THR B 387 -11.99 -15.01 -24.46
C THR B 387 -10.92 -13.94 -24.65
N GLU B 388 -10.41 -13.80 -25.87
CA GLU B 388 -9.38 -12.81 -26.15
C GLU B 388 -9.88 -11.37 -26.03
N ASP B 389 -11.19 -11.16 -26.24
CA ASP B 389 -11.81 -9.83 -26.20
C ASP B 389 -11.80 -9.30 -24.77
N PHE B 390 -12.11 -10.19 -23.82
CA PHE B 390 -12.09 -9.89 -22.38
C PHE B 390 -10.70 -9.45 -21.97
N LEU B 391 -9.70 -10.12 -22.52
CA LEU B 391 -8.35 -9.78 -22.20
C LEU B 391 -8.00 -8.41 -22.77
N LYS B 392 -8.45 -8.12 -23.98
CA LYS B 392 -8.21 -6.79 -24.53
C LYS B 392 -8.94 -5.73 -23.69
N GLU B 393 -10.14 -6.07 -23.23
CA GLU B 393 -10.98 -5.14 -22.48
C GLU B 393 -10.36 -4.76 -21.13
N ILE B 394 -9.72 -5.72 -20.48
CA ILE B 394 -9.05 -5.47 -19.21
C ILE B 394 -7.86 -4.54 -19.45
N ARG B 395 -7.04 -4.87 -20.43
CA ARG B 395 -5.95 -3.97 -20.78
C ARG B 395 -6.45 -2.54 -20.90
N LYS B 396 -7.58 -2.37 -21.59
CA LYS B 396 -8.23 -1.06 -21.72
C LYS B 396 -8.56 -0.48 -20.36
N THR B 397 -9.10 -1.31 -19.45
CA THR B 397 -9.36 -0.86 -18.08
C THR B 397 -8.09 -0.46 -17.36
N PHE B 398 -6.99 -1.09 -17.73
CA PHE B 398 -5.69 -0.84 -17.14
C PHE B 398 -5.13 0.49 -17.65
N GLU B 399 -4.91 0.60 -18.95
CA GLU B 399 -4.62 1.86 -19.61
C GLU B 399 -5.79 2.81 -19.34
N GLY B 400 -5.70 3.59 -18.28
CA GLY B 400 -6.91 4.07 -17.64
C GLY B 400 -6.50 3.80 -16.22
N MET B 401 -6.02 4.81 -15.52
CA MET B 401 -5.49 4.52 -14.23
C MET B 401 -6.59 3.84 -13.43
N SER C 2 22.31 56.31 -47.88
CA SER C 2 22.64 57.43 -46.89
C SER C 2 22.68 56.83 -45.50
N LYS C 3 23.84 56.32 -45.08
CA LYS C 3 23.87 55.56 -43.85
C LYS C 3 23.92 56.43 -42.61
N ILE C 4 23.43 55.89 -41.51
CA ILE C 4 23.44 56.61 -40.24
C ILE C 4 24.85 56.85 -39.77
N LYS C 5 25.16 58.08 -39.37
CA LYS C 5 26.54 58.43 -38.97
C LYS C 5 26.77 58.33 -37.47
N MET C 6 27.87 57.69 -37.08
CA MET C 6 28.28 57.63 -35.71
C MET C 6 29.21 58.78 -35.30
N LYS C 7 29.26 59.06 -34.00
CA LYS C 7 30.12 60.12 -33.51
C LYS C 7 31.33 59.52 -32.82
N VAL C 8 31.15 58.89 -31.68
CA VAL C 8 32.27 58.27 -30.96
C VAL C 8 32.41 56.79 -31.37
N PRO C 9 33.63 56.26 -31.47
CA PRO C 9 33.63 54.86 -31.90
C PRO C 9 33.22 53.87 -30.81
N LEU C 10 32.69 52.75 -31.24
CA LEU C 10 32.43 51.62 -30.35
C LEU C 10 33.74 50.86 -30.26
N VAL C 11 34.04 50.30 -29.07
CA VAL C 11 35.18 49.41 -28.95
C VAL C 11 34.72 48.01 -29.36
N GLU C 12 35.41 47.42 -30.33
CA GLU C 12 34.96 46.13 -30.89
C GLU C 12 35.97 45.06 -30.52
N MET C 13 35.57 44.05 -29.76
CA MET C 13 36.48 42.96 -29.38
C MET C 13 36.15 41.61 -30.07
N ASP C 14 37.06 41.12 -30.91
CA ASP C 14 36.84 39.92 -31.71
C ASP C 14 36.97 38.70 -30.81
N GLY C 15 36.39 37.59 -31.22
CA GLY C 15 36.32 36.39 -30.39
C GLY C 15 36.94 35.16 -31.06
N ASP C 16 36.47 33.98 -30.67
CA ASP C 16 37.05 32.73 -31.15
C ASP C 16 36.16 31.88 -32.04
N GLU C 17 36.82 31.18 -32.96
CA GLU C 17 36.18 30.14 -33.75
C GLU C 17 34.89 30.58 -34.45
N MET C 18 33.80 29.87 -34.20
CA MET C 18 32.59 30.05 -35.01
C MET C 18 31.85 31.37 -34.69
N THR C 19 31.98 31.83 -33.47
CA THR C 19 31.31 33.05 -33.12
C THR C 19 32.09 34.17 -33.81
N ARG C 20 33.35 33.90 -34.10
CA ARG C 20 34.13 34.81 -34.91
C ARG C 20 33.54 34.97 -36.33
N ILE C 21 33.13 33.86 -36.96
CA ILE C 21 32.47 33.91 -38.27
C ILE C 21 31.10 34.54 -38.22
N ILE C 22 30.30 34.12 -37.25
CA ILE C 22 28.98 34.69 -37.04
C ILE C 22 29.04 36.17 -36.75
N TRP C 23 30.01 36.59 -35.99
CA TRP C 23 30.14 38.01 -35.72
C TRP C 23 30.28 38.83 -37.01
N ARG C 24 31.13 38.37 -37.93
CA ARG C 24 31.32 38.97 -39.23
C ARG C 24 30.02 39.01 -40.08
N LEU C 25 29.23 37.95 -40.01
CA LEU C 25 27.96 37.90 -40.77
C LEU C 25 26.93 38.91 -40.25
N ILE C 26 26.99 39.15 -38.96
CA ILE C 26 26.10 40.07 -38.35
C ILE C 26 26.46 41.50 -38.82
N LYS C 27 27.71 41.91 -38.63
CA LYS C 27 28.18 43.19 -39.23
C LYS C 27 27.76 43.31 -40.70
N GLU C 28 28.08 42.28 -41.48
CA GLU C 28 27.91 42.35 -42.92
C GLU C 28 26.44 42.46 -43.41
N ASN C 29 25.52 41.75 -42.78
CA ASN C 29 24.15 41.69 -43.29
C ASN C 29 23.17 42.62 -42.58
N LEU C 30 23.56 43.10 -41.40
CA LEU C 30 22.60 43.77 -40.55
C LEU C 30 23.07 45.14 -40.13
N LEU C 31 24.38 45.35 -40.14
CA LEU C 31 24.90 46.58 -39.55
C LEU C 31 25.45 47.57 -40.61
N GLU C 32 26.51 47.19 -41.31
CA GLU C 32 27.10 48.02 -42.34
C GLU C 32 26.19 48.56 -43.46
N PRO C 33 25.16 47.79 -43.89
CA PRO C 33 24.27 48.38 -44.91
C PRO C 33 23.53 49.65 -44.42
N TYR C 34 23.35 49.78 -43.11
CA TYR C 34 22.51 50.84 -42.55
C TYR C 34 23.25 51.91 -41.75
N ILE C 35 24.52 51.64 -41.41
CA ILE C 35 25.29 52.46 -40.51
C ILE C 35 26.72 52.54 -40.99
N GLU C 36 27.34 53.69 -40.86
CA GLU C 36 28.77 53.79 -41.14
C GLU C 36 29.44 53.30 -39.89
N LEU C 37 29.78 52.02 -39.85
CA LEU C 37 30.17 51.46 -38.59
C LEU C 37 31.57 52.01 -38.28
N ASN C 38 31.69 52.82 -37.24
CA ASN C 38 33.03 53.20 -36.81
C ASN C 38 33.46 52.56 -35.47
N THR C 39 34.33 51.55 -35.51
CA THR C 39 34.72 50.84 -34.29
C THR C 39 36.20 50.92 -34.06
N GLU C 40 36.64 50.75 -32.82
CA GLU C 40 38.10 50.57 -32.55
C GLU C 40 38.32 49.10 -32.19
N TYR C 41 39.02 48.42 -33.08
CA TYR C 41 39.08 46.98 -33.15
C TYR C 41 40.24 46.35 -32.39
N TYR C 42 39.90 45.42 -31.52
CA TYR C 42 40.87 44.64 -30.78
C TYR C 42 40.49 43.19 -30.93
N ASP C 43 41.47 42.38 -31.28
CA ASP C 43 41.24 40.98 -31.53
C ASP C 43 41.54 40.18 -30.27
N LEU C 44 40.51 39.77 -29.56
CA LEU C 44 40.71 38.98 -28.36
C LEU C 44 40.52 37.52 -28.68
N GLY C 45 40.63 37.16 -29.95
CA GLY C 45 40.83 35.76 -30.31
C GLY C 45 42.05 35.20 -29.62
N LEU C 46 42.09 33.88 -29.48
CA LEU C 46 43.11 33.23 -28.70
C LEU C 46 44.48 33.42 -29.39
N GLU C 47 44.50 33.29 -30.71
CA GLU C 47 45.75 33.41 -31.44
C GLU C 47 46.45 34.75 -31.20
N ASN C 48 45.74 35.85 -31.34
CA ASN C 48 46.31 37.16 -31.12
C ASN C 48 46.60 37.43 -29.64
N ARG C 49 45.77 36.89 -28.76
CA ARG C 49 46.05 36.98 -27.34
C ARG C 49 47.35 36.29 -27.02
N ASP C 50 47.51 35.07 -27.50
CA ASP C 50 48.76 34.38 -27.28
C ASP C 50 49.91 35.22 -27.82
N LYS C 51 49.75 35.74 -29.02
CA LYS C 51 50.80 36.51 -29.65
C LYS C 51 51.17 37.73 -28.84
N THR C 52 50.18 38.42 -28.27
CA THR C 52 50.48 39.63 -27.50
C THR C 52 50.75 39.30 -26.06
N GLU C 53 50.83 38.01 -25.76
CA GLU C 53 50.88 37.55 -24.37
C GLU C 53 49.81 38.27 -23.53
N ASP C 54 48.67 38.44 -24.16
CA ASP C 54 47.41 38.85 -23.53
C ASP C 54 47.29 40.34 -23.26
N GLN C 55 48.30 41.09 -23.72
CA GLN C 55 48.28 42.55 -23.66
C GLN C 55 47.09 43.14 -24.37
N VAL C 56 46.67 42.54 -25.48
CA VAL C 56 45.56 43.06 -26.25
C VAL C 56 44.34 43.16 -25.35
N THR C 57 44.17 42.20 -24.45
CA THR C 57 42.96 42.22 -23.63
C THR C 57 42.96 43.43 -22.69
N ILE C 58 44.13 43.73 -22.11
CA ILE C 58 44.27 44.92 -21.27
C ILE C 58 43.99 46.16 -22.11
N ASP C 59 44.57 46.24 -23.31
CA ASP C 59 44.38 47.38 -24.21
C ASP C 59 42.90 47.59 -24.54
N ALA C 60 42.17 46.51 -24.82
CA ALA C 60 40.71 46.63 -25.07
C ALA C 60 39.96 47.26 -23.89
N ALA C 61 40.26 46.76 -22.69
CA ALA C 61 39.55 47.24 -21.52
C ALA C 61 39.89 48.73 -21.35
N ARG C 62 41.16 49.06 -21.59
CA ARG C 62 41.57 50.44 -21.52
C ARG C 62 40.81 51.26 -22.59
N ALA C 63 40.63 50.70 -23.77
CA ALA C 63 39.91 51.45 -24.80
C ALA C 63 38.46 51.72 -24.41
N ILE C 64 37.82 50.77 -23.75
CA ILE C 64 36.47 50.93 -23.29
C ILE C 64 36.43 52.12 -22.26
N GLN C 65 37.47 52.26 -21.45
CA GLN C 65 37.54 53.38 -20.53
C GLN C 65 37.67 54.74 -21.24
N LYS C 66 38.42 54.75 -22.36
CA LYS C 66 38.57 55.95 -23.18
C LYS C 66 37.22 56.44 -23.75
N TYR C 67 36.48 55.52 -24.36
CA TYR C 67 35.31 55.85 -25.19
C TYR C 67 33.96 55.66 -24.52
N GLY C 68 33.86 54.66 -23.64
CA GLY C 68 32.67 54.43 -22.84
C GLY C 68 31.91 53.14 -23.16
N VAL C 69 32.07 52.59 -24.37
CA VAL C 69 31.26 51.44 -24.71
C VAL C 69 31.96 50.41 -25.57
N GLY C 70 31.85 49.13 -25.17
CA GLY C 70 32.38 48.02 -25.95
C GLY C 70 31.37 46.93 -26.27
N VAL C 71 31.62 46.15 -27.32
CA VAL C 71 30.77 45.04 -27.63
C VAL C 71 31.77 43.94 -27.86
N LYS C 72 31.55 42.79 -27.23
CA LYS C 72 32.52 41.71 -27.23
C LYS C 72 32.00 40.42 -27.79
N CYS C 73 32.80 39.83 -28.67
CA CYS C 73 32.51 38.51 -29.20
C CYS C 73 32.93 37.42 -28.21
N ALA C 74 32.31 36.25 -28.31
CA ALA C 74 32.51 35.18 -27.34
C ALA C 74 33.91 34.63 -27.52
N THR C 75 34.59 34.36 -26.40
CA THR C 75 35.98 33.89 -26.41
C THR C 75 36.13 32.56 -25.68
N ILE C 76 37.31 31.98 -25.80
CA ILE C 76 37.66 30.74 -25.14
C ILE C 76 38.62 30.97 -23.98
N THR C 77 38.30 30.36 -22.86
CA THR C 77 39.27 30.33 -21.80
C THR C 77 39.96 28.98 -21.89
N PRO C 78 41.26 29.04 -22.15
CA PRO C 78 42.10 27.89 -22.48
C PRO C 78 42.43 27.07 -21.24
N ASN C 79 42.45 25.75 -21.43
CA ASN C 79 42.87 24.82 -20.40
C ASN C 79 44.10 24.04 -20.88
N ALA C 80 44.35 22.86 -20.31
CA ALA C 80 45.46 22.04 -20.76
C ALA C 80 45.17 21.34 -22.10
N GLN C 81 43.94 21.46 -22.60
CA GLN C 81 43.59 20.90 -23.90
C GLN C 81 43.95 21.93 -24.96
N ARG C 82 43.29 23.09 -24.87
CA ARG C 82 43.54 24.21 -25.79
C ARG C 82 45.01 24.40 -26.14
N VAL C 83 45.85 24.60 -25.12
CA VAL C 83 47.29 24.70 -25.32
C VAL C 83 47.76 23.85 -26.51
N GLU C 84 47.37 22.58 -26.50
CA GLU C 84 47.78 21.62 -27.55
C GLU C 84 47.33 22.09 -28.94
N GLU C 85 46.02 22.17 -29.16
CA GLU C 85 45.45 22.58 -30.45
C GLU C 85 46.19 23.76 -31.10
N TYR C 86 46.24 24.90 -30.39
CA TYR C 86 46.89 26.12 -30.91
C TYR C 86 48.35 26.33 -30.50
N ASN C 87 49.03 25.31 -29.99
CA ASN C 87 50.38 25.54 -29.50
C ASN C 87 50.49 26.95 -28.91
N LEU C 88 50.00 27.12 -27.68
CA LEU C 88 50.02 28.43 -27.02
C LEU C 88 51.13 28.47 -25.96
N LYS C 89 51.50 29.67 -25.54
CA LYS C 89 52.60 29.84 -24.58
C LYS C 89 52.17 29.66 -23.14
N LYS C 90 50.86 29.63 -22.88
CA LYS C 90 50.33 29.63 -21.50
C LYS C 90 48.84 29.30 -21.41
N MET C 91 48.40 28.92 -20.22
CA MET C 91 46.98 28.86 -19.91
C MET C 91 46.47 30.23 -19.47
N TRP C 92 46.28 31.11 -20.46
CA TRP C 92 45.89 32.50 -20.21
C TRP C 92 44.56 32.60 -19.45
N LYS C 93 44.46 33.61 -18.58
CA LYS C 93 43.21 33.89 -17.84
C LYS C 93 42.08 34.25 -18.79
N SER C 94 40.85 34.03 -18.34
CA SER C 94 39.66 34.51 -19.04
C SER C 94 39.73 36.01 -19.26
N PRO C 95 39.39 36.48 -20.47
CA PRO C 95 39.50 37.90 -20.71
C PRO C 95 38.33 38.63 -20.12
N ASN C 96 37.25 37.92 -19.85
CA ASN C 96 36.09 38.58 -19.24
C ASN C 96 36.49 38.98 -17.83
N GLY C 97 37.22 38.09 -17.13
CA GLY C 97 37.68 38.34 -15.77
C GLY C 97 38.64 39.53 -15.75
N THR C 98 39.59 39.54 -16.67
CA THR C 98 40.50 40.64 -16.81
C THR C 98 39.77 41.98 -17.10
N ILE C 99 38.86 41.98 -18.06
CA ILE C 99 38.15 43.21 -18.44
C ILE C 99 37.27 43.70 -17.30
N ARG C 100 36.63 42.77 -16.61
CA ARG C 100 35.76 43.10 -15.51
C ARG C 100 36.58 43.80 -14.41
N ALA C 101 37.79 43.30 -14.16
CA ALA C 101 38.56 43.77 -13.01
C ALA C 101 39.16 45.11 -13.34
N ILE C 102 39.52 45.33 -14.60
CA ILE C 102 39.94 46.64 -15.04
C ILE C 102 38.80 47.69 -14.93
N LEU C 103 37.58 47.36 -15.41
CA LEU C 103 36.48 48.31 -15.36
C LEU C 103 35.85 48.29 -14.00
N ASP C 104 36.32 47.41 -13.13
CA ASP C 104 35.64 47.16 -11.88
C ASP C 104 34.11 47.09 -12.12
N GLY C 105 33.67 46.19 -13.00
CA GLY C 105 32.26 46.14 -13.38
C GLY C 105 31.43 45.17 -12.56
N THR C 106 30.13 45.30 -12.72
CA THR C 106 29.17 44.39 -12.18
C THR C 106 28.54 43.80 -13.43
N VAL C 107 28.06 42.57 -13.33
CA VAL C 107 27.56 41.87 -14.51
C VAL C 107 26.05 41.80 -14.45
N PHE C 108 25.38 42.08 -15.54
CA PHE C 108 23.94 41.98 -15.54
C PHE C 108 23.53 41.00 -16.62
N ARG C 109 22.79 39.96 -16.27
CA ARG C 109 22.33 38.96 -17.21
C ARG C 109 20.84 39.11 -17.37
N ALA C 110 20.37 39.22 -18.59
CA ALA C 110 18.90 39.21 -18.83
C ALA C 110 18.49 38.40 -20.04
N PRO C 111 17.29 37.85 -19.99
CA PRO C 111 16.63 37.15 -21.11
C PRO C 111 16.35 38.08 -22.29
N ILE C 112 16.29 37.51 -23.48
CA ILE C 112 15.77 38.15 -24.64
C ILE C 112 14.43 37.46 -24.77
N VAL C 113 13.34 38.17 -24.57
CA VAL C 113 12.05 37.51 -24.59
C VAL C 113 11.52 37.46 -26.01
N VAL C 114 10.86 36.35 -26.36
CA VAL C 114 10.14 36.25 -27.62
C VAL C 114 8.85 35.52 -27.32
N ASN C 115 7.73 36.06 -27.76
CA ASN C 115 6.42 35.60 -27.31
C ASN C 115 6.13 34.12 -27.68
N SER C 116 6.75 33.60 -28.74
CA SER C 116 6.52 32.18 -29.02
C SER C 116 7.35 31.25 -28.12
N ILE C 117 8.30 31.79 -27.37
CA ILE C 117 9.08 31.01 -26.42
C ILE C 117 8.53 31.33 -25.04
N LYS C 118 7.75 30.39 -24.51
CA LYS C 118 6.94 30.65 -23.34
C LYS C 118 7.77 30.44 -22.10
N PRO C 119 7.60 31.33 -21.12
CA PRO C 119 8.36 31.21 -19.90
C PRO C 119 7.72 30.25 -18.93
N PHE C 120 8.51 29.74 -18.01
CA PHE C 120 7.91 28.72 -17.12
C PHE C 120 7.13 29.35 -15.98
N VAL C 121 7.46 30.60 -15.64
CA VAL C 121 6.64 31.41 -14.77
C VAL C 121 5.70 32.21 -15.65
N LYS C 122 4.40 31.90 -15.60
CA LYS C 122 3.42 32.48 -16.54
C LYS C 122 3.57 34.00 -16.82
N GLY C 123 3.47 34.80 -15.77
CA GLY C 123 3.43 36.25 -15.96
C GLY C 123 4.68 36.93 -16.51
N TRP C 124 5.82 36.23 -16.55
CA TRP C 124 7.08 36.92 -16.82
C TRP C 124 7.27 37.23 -18.30
N LYS C 125 6.69 38.32 -18.76
CA LYS C 125 6.81 38.67 -20.15
C LYS C 125 7.84 39.77 -20.36
N LYS C 126 8.46 40.24 -19.28
CA LYS C 126 9.46 41.26 -19.41
C LYS C 126 10.80 40.81 -18.80
N PRO C 127 11.92 41.07 -19.50
CA PRO C 127 13.21 40.60 -19.01
C PRO C 127 13.45 40.98 -17.54
N ILE C 128 13.95 40.04 -16.75
CA ILE C 128 14.39 40.39 -15.41
C ILE C 128 15.89 40.32 -15.45
N SER C 129 16.55 41.39 -15.00
CA SER C 129 17.99 41.45 -15.07
C SER C 129 18.59 41.06 -13.74
N ILE C 130 19.48 40.08 -13.75
CA ILE C 130 20.19 39.71 -12.53
C ILE C 130 21.54 40.36 -12.47
N ALA C 131 21.87 40.87 -11.30
CA ALA C 131 23.03 41.73 -11.16
C ALA C 131 23.99 41.14 -10.16
N ARG C 132 25.20 40.88 -10.62
CA ARG C 132 26.23 40.14 -9.85
C ARG C 132 27.56 40.93 -9.86
N HIS C 133 28.09 41.35 -8.70
CA HIS C 133 29.36 42.13 -8.66
C HIS C 133 30.60 41.38 -9.16
N ASN C 141 35.81 33.40 -1.47
CA ASN C 141 35.72 32.79 -0.14
C ASN C 141 36.95 31.95 0.19
N VAL C 142 37.33 31.93 1.44
CA VAL C 142 38.41 31.08 1.86
C VAL C 142 37.84 29.94 2.72
N GLU C 143 38.40 28.75 2.55
CA GLU C 143 37.90 27.60 3.28
C GLU C 143 39.05 26.97 4.00
N TYR C 144 38.74 26.18 5.01
CA TYR C 144 39.73 25.36 5.68
C TYR C 144 39.03 24.15 6.26
N TYR C 145 39.50 22.96 5.92
CA TYR C 145 39.00 21.70 6.50
C TYR C 145 39.64 21.42 7.85
N VAL C 146 38.85 21.36 8.91
CA VAL C 146 39.46 21.03 10.17
C VAL C 146 39.63 19.51 10.30
N PRO C 147 40.83 19.08 10.63
CA PRO C 147 41.02 17.64 10.49
C PRO C 147 40.61 16.92 11.75
N SER C 148 40.40 17.65 12.84
CA SER C 148 40.18 17.02 14.13
C SER C 148 39.75 18.08 15.14
N ALA C 149 39.38 17.67 16.35
CA ALA C 149 38.91 18.59 17.40
C ALA C 149 39.74 19.84 17.58
N GLY C 150 39.04 20.95 17.77
CA GLY C 150 39.74 22.18 18.15
C GLY C 150 38.86 23.39 17.97
N LYS C 151 39.42 24.55 18.25
CA LYS C 151 38.62 25.78 18.29
C LYS C 151 38.84 26.59 17.01
N ALA C 152 37.78 26.97 16.30
CA ALA C 152 37.92 27.87 15.14
C ALA C 152 37.57 29.29 15.49
N GLU C 153 38.29 30.23 14.93
CA GLU C 153 38.05 31.63 15.21
C GLU C 153 38.15 32.48 13.94
N LEU C 154 37.36 33.54 13.95
CA LEU C 154 37.41 34.61 13.00
C LEU C 154 38.25 35.66 13.66
N VAL C 155 39.30 36.12 13.02
CA VAL C 155 40.25 37.01 13.66
C VAL C 155 40.57 38.24 12.83
N PHE C 156 40.67 39.40 13.51
CA PHE C 156 41.17 40.61 12.84
C PHE C 156 42.30 41.31 13.63
N THR C 157 43.34 41.73 12.91
CA THR C 157 44.56 42.32 13.44
C THR C 157 44.73 43.67 12.75
N SER C 158 44.33 44.76 13.38
CA SER C 158 44.38 46.05 12.74
C SER C 158 45.81 46.48 12.54
N GLU C 159 45.99 47.52 11.74
CA GLU C 159 47.35 47.91 11.32
C GLU C 159 48.31 48.23 12.47
N ASN C 160 47.78 48.62 13.64
CA ASN C 160 48.62 48.90 14.81
C ASN C 160 48.85 47.68 15.70
N GLY C 161 48.44 46.50 15.27
CA GLY C 161 48.76 45.30 16.02
C GLY C 161 47.72 44.80 17.01
N GLU C 162 46.59 45.49 17.15
CA GLU C 162 45.53 44.99 18.01
C GLU C 162 44.76 43.89 17.30
N VAL C 163 44.48 42.84 18.04
CA VAL C 163 43.94 41.65 17.51
C VAL C 163 42.58 41.43 18.18
N SER C 164 41.54 41.21 17.40
CA SER C 164 40.31 40.72 18.01
C SER C 164 39.85 39.37 17.46
N ARG C 165 39.24 38.56 18.30
CA ARG C 165 38.86 37.23 17.87
C ARG C 165 37.46 36.92 18.35
N GLN C 166 36.73 36.17 17.53
CA GLN C 166 35.49 35.58 17.91
C GLN C 166 35.48 34.08 17.59
N THR C 167 34.91 33.30 18.47
CA THR C 167 34.90 31.88 18.22
C THR C 167 33.90 31.56 17.12
N ILE C 168 34.28 30.79 16.09
CA ILE C 168 33.25 30.35 15.10
C ILE C 168 32.58 29.05 15.59
N HIS C 169 33.42 28.12 16.03
CA HIS C 169 32.93 26.86 16.57
C HIS C 169 34.02 26.09 17.27
N GLU C 170 33.65 25.37 18.32
CA GLU C 170 34.53 24.43 19.01
C GLU C 170 34.23 23.08 18.40
N PHE C 171 35.16 22.56 17.61
CA PHE C 171 34.92 21.30 16.92
C PHE C 171 35.25 20.14 17.84
N ASP C 172 34.47 19.06 17.72
CA ASP C 172 34.67 17.84 18.46
C ASP C 172 35.16 16.78 17.47
N GLY C 173 35.06 17.09 16.18
CA GLY C 173 35.38 16.13 15.11
C GLY C 173 35.69 16.90 13.83
N PRO C 174 35.94 16.20 12.73
CA PRO C 174 36.34 16.95 11.50
C PRO C 174 35.19 17.80 10.95
N GLY C 175 35.54 18.80 10.14
CA GLY C 175 34.57 19.69 9.50
C GLY C 175 35.19 20.70 8.53
N VAL C 176 34.46 21.77 8.26
CA VAL C 176 35.02 22.88 7.47
C VAL C 176 34.73 24.24 8.10
N ILE C 177 35.62 25.19 7.91
CA ILE C 177 35.25 26.56 8.17
C ILE C 177 35.41 27.42 6.93
N MET C 178 34.61 28.47 6.82
CA MET C 178 34.64 29.39 5.71
C MET C 178 34.77 30.85 6.19
N GLY C 179 35.47 31.66 5.40
CA GLY C 179 35.60 33.09 5.61
C GLY C 179 35.18 33.88 4.39
N MET C 180 34.43 34.95 4.60
CA MET C 180 33.91 35.78 3.53
C MET C 180 34.17 37.24 3.90
N HIS C 181 34.36 38.10 2.91
CA HIS C 181 34.62 39.51 3.14
C HIS C 181 34.04 40.41 2.05
N ASN C 182 33.93 41.70 2.34
CA ASN C 182 33.56 42.68 1.36
C ASN C 182 34.05 44.04 1.86
N THR C 183 34.80 44.78 1.08
CA THR C 183 35.18 46.13 1.50
C THR C 183 33.97 47.05 1.24
N ASP C 184 33.87 48.12 2.04
CA ASP C 184 32.81 49.11 1.81
C ASP C 184 32.97 49.54 0.37
N LYS C 185 34.21 49.66 -0.06
CA LYS C 185 34.54 50.12 -1.38
C LYS C 185 33.89 49.23 -2.44
N SER C 186 34.05 47.90 -2.33
CA SER C 186 33.40 47.05 -3.32
C SER C 186 31.85 47.05 -3.23
N ILE C 187 31.29 47.40 -2.07
CA ILE C 187 29.85 47.52 -1.95
C ILE C 187 29.33 48.80 -2.62
N ARG C 188 30.06 49.90 -2.44
CA ARG C 188 29.75 51.14 -3.15
C ARG C 188 29.85 50.98 -4.67
N SER C 189 30.88 50.28 -5.08
CA SER C 189 31.05 50.01 -6.48
C SER C 189 29.86 49.19 -7.03
N PHE C 190 29.48 48.13 -6.31
CA PHE C 190 28.35 47.30 -6.70
C PHE C 190 27.05 48.16 -6.80
N ALA C 191 26.78 48.94 -5.76
CA ALA C 191 25.61 49.75 -5.74
C ALA C 191 25.58 50.71 -6.93
N ARG C 192 26.70 51.41 -7.17
CA ARG C 192 26.70 52.39 -8.23
C ARG C 192 26.39 51.78 -9.64
N ALA C 193 27.00 50.64 -9.97
CA ALA C 193 26.72 49.99 -11.25
C ALA C 193 25.25 49.64 -11.36
N CYS C 194 24.70 49.09 -10.27
CA CYS C 194 23.31 48.74 -10.15
C CYS C 194 22.38 49.91 -10.44
N PHE C 195 22.55 51.03 -9.75
CA PHE C 195 21.71 52.19 -10.02
C PHE C 195 21.98 52.72 -11.45
N ASN C 196 23.22 52.66 -11.90
CA ASN C 196 23.54 53.14 -13.26
C ASN C 196 22.69 52.33 -14.25
N TYR C 197 22.76 51.00 -14.14
CA TYR C 197 22.07 50.11 -15.06
C TYR C 197 20.55 50.31 -15.02
N ALA C 198 19.96 50.32 -13.83
CA ALA C 198 18.52 50.57 -13.66
C ALA C 198 18.09 51.90 -14.27
N LEU C 199 18.77 52.98 -13.94
CA LEU C 199 18.50 54.24 -14.59
C LEU C 199 18.57 54.08 -16.09
N ASP C 200 19.62 53.43 -16.59
CA ASP C 200 19.87 53.49 -18.03
C ASP C 200 18.86 52.60 -18.75
N MET C 201 18.39 51.56 -18.08
CA MET C 201 17.43 50.64 -18.66
C MET C 201 15.96 51.08 -18.49
N ASN C 202 15.76 52.12 -17.68
CA ASN C 202 14.43 52.56 -17.26
C ASN C 202 13.64 51.61 -16.41
N GLN C 203 14.31 51.07 -15.39
CA GLN C 203 13.70 50.06 -14.58
C GLN C 203 13.94 50.34 -13.12
N ASP C 204 13.15 49.70 -12.28
CA ASP C 204 13.36 49.80 -10.86
C ASP C 204 14.51 48.87 -10.53
N LEU C 205 15.23 49.17 -9.44
CA LEU C 205 16.21 48.28 -8.82
C LEU C 205 15.62 47.61 -7.56
N TRP C 206 15.72 46.29 -7.47
CA TRP C 206 15.37 45.56 -6.25
C TRP C 206 16.68 44.99 -5.69
N PHE C 207 16.95 45.30 -4.42
CA PHE C 207 18.10 44.73 -3.74
C PHE C 207 17.59 43.91 -2.54
N SER C 208 18.06 42.69 -2.37
CA SER C 208 17.56 41.95 -1.19
C SER C 208 18.62 41.18 -0.40
N THR C 209 18.46 41.12 0.92
CA THR C 209 19.36 40.35 1.74
C THR C 209 18.59 39.53 2.70
N LYS C 210 19.30 39.07 3.74
CA LYS C 210 18.66 38.59 4.94
C LYS C 210 19.21 39.29 6.21
N ASP C 211 19.19 40.62 6.25
CA ASP C 211 19.81 41.33 7.40
C ASP C 211 19.08 41.16 8.73
N THR C 212 17.87 40.60 8.67
CA THR C 212 17.23 40.19 9.92
C THR C 212 18.13 39.21 10.69
N ILE C 213 18.75 38.27 9.96
CA ILE C 213 19.64 37.29 10.58
C ILE C 213 21.14 37.64 10.48
N SER C 214 21.53 38.40 9.47
CA SER C 214 22.90 38.87 9.42
C SER C 214 22.92 40.38 9.74
N LYS C 215 23.00 40.70 11.03
CA LYS C 215 22.77 42.08 11.48
C LYS C 215 23.97 43.04 11.32
N THR C 216 25.03 42.58 10.69
CA THR C 216 26.20 43.40 10.52
C THR C 216 26.59 43.31 9.06
N TYR C 217 26.69 42.09 8.55
CA TYR C 217 27.22 41.89 7.22
C TYR C 217 26.23 42.37 6.18
N ASP C 218 25.04 41.76 6.14
CA ASP C 218 24.01 42.22 5.22
C ASP C 218 23.56 43.63 5.58
N HIS C 219 23.61 44.01 6.84
CA HIS C 219 23.23 45.37 7.17
C HIS C 219 24.13 46.41 6.48
N ARG C 220 25.36 46.01 6.17
CA ARG C 220 26.28 46.93 5.55
C ARG C 220 25.93 47.14 4.06
N PHE C 221 25.51 46.08 3.40
CA PHE C 221 24.97 46.23 2.06
C PHE C 221 23.74 47.14 2.09
N LYS C 222 22.82 46.90 2.99
CA LYS C 222 21.68 47.77 3.09
C LYS C 222 22.03 49.26 3.23
N ASP C 223 22.83 49.59 4.23
CA ASP C 223 23.13 50.99 4.47
C ASP C 223 23.91 51.61 3.34
N ILE C 224 24.82 50.88 2.72
CA ILE C 224 25.55 51.53 1.63
C ILE C 224 24.65 51.75 0.37
N PHE C 225 23.78 50.80 0.04
CA PHE C 225 22.84 50.96 -1.08
C PHE C 225 21.92 52.17 -0.82
N GLN C 226 21.42 52.33 0.41
CA GLN C 226 20.53 53.43 0.73
C GLN C 226 21.33 54.72 0.66
N GLU C 227 22.56 54.71 1.10
CA GLU C 227 23.33 55.96 1.05
C GLU C 227 23.61 56.41 -0.39
N ILE C 228 24.10 55.49 -1.21
CA ILE C 228 24.38 55.76 -2.62
C ILE C 228 23.14 56.27 -3.32
N TYR C 229 22.01 55.67 -2.95
CA TYR C 229 20.73 56.12 -3.48
C TYR C 229 20.43 57.58 -3.18
N GLU C 230 20.34 57.91 -1.89
CA GLU C 230 19.98 59.27 -1.44
C GLU C 230 20.93 60.30 -1.95
N ASN C 231 22.20 59.93 -2.09
CA ASN C 231 23.23 60.94 -2.27
C ASN C 231 23.47 61.21 -3.74
N GLU C 232 23.28 60.18 -4.54
CA GLU C 232 23.74 60.14 -5.92
C GLU C 232 22.62 59.78 -6.93
N TYR C 233 21.54 59.15 -6.50
CA TYR C 233 20.62 58.58 -7.49
C TYR C 233 19.16 58.94 -7.32
N LYS C 234 18.78 59.45 -6.16
CA LYS C 234 17.37 59.66 -5.87
C LYS C 234 16.73 60.65 -6.86
N GLU C 235 17.32 61.83 -7.00
CA GLU C 235 16.73 62.86 -7.87
C GLU C 235 16.57 62.33 -9.29
N LYS C 236 17.57 61.61 -9.76
CA LYS C 236 17.48 61.02 -11.07
C LYS C 236 16.44 59.91 -11.21
N PHE C 237 16.34 59.04 -10.23
CA PHE C 237 15.31 58.01 -10.25
C PHE C 237 13.91 58.64 -10.29
N GLU C 238 13.67 59.64 -9.44
CA GLU C 238 12.35 60.28 -9.43
C GLU C 238 11.99 61.00 -10.74
N ALA C 239 12.98 61.64 -11.35
CA ALA C 239 12.70 62.32 -12.62
C ALA C 239 12.20 61.33 -13.68
N LYS C 240 12.71 60.11 -13.63
CA LYS C 240 12.27 59.08 -14.56
C LYS C 240 11.17 58.19 -13.98
N ASN C 241 10.60 58.58 -12.84
CA ASN C 241 9.68 57.71 -12.10
C ASN C 241 10.23 56.30 -11.79
N LEU C 242 11.50 56.15 -11.43
CA LEU C 242 11.98 54.82 -11.04
C LEU C 242 11.93 54.63 -9.53
N GLN C 243 11.87 53.39 -9.09
CA GLN C 243 11.80 53.10 -7.65
C GLN C 243 13.01 52.22 -7.29
N TYR C 244 13.53 52.43 -6.07
CA TYR C 244 14.55 51.57 -5.51
C TYR C 244 13.90 50.74 -4.41
N PHE C 245 13.80 49.42 -4.62
CA PHE C 245 13.18 48.59 -3.60
C PHE C 245 14.27 47.83 -2.83
N TYR C 246 14.41 48.15 -1.55
CA TYR C 246 15.21 47.37 -0.66
C TYR C 246 14.31 46.37 -0.01
N THR C 247 14.73 45.11 0.08
CA THR C 247 13.84 44.07 0.57
C THR C 247 14.55 42.81 1.13
N LEU C 248 13.80 41.98 1.85
CA LEU C 248 14.26 40.68 2.30
C LEU C 248 14.04 39.69 1.16
N ILE C 249 14.95 38.74 1.06
CA ILE C 249 14.92 37.75 0.00
C ILE C 249 13.57 37.10 -0.15
N ASP C 250 12.98 36.58 0.91
CA ASP C 250 11.66 35.93 0.75
C ASP C 250 10.55 36.90 0.31
N ASP C 251 10.61 38.11 0.82
CA ASP C 251 9.65 39.10 0.38
C ASP C 251 9.85 39.40 -1.13
N ALA C 252 11.10 39.48 -1.58
CA ALA C 252 11.37 39.87 -2.99
C ALA C 252 10.94 38.77 -3.98
N VAL C 253 11.16 37.49 -3.62
CA VAL C 253 10.72 36.48 -4.55
C VAL C 253 9.23 36.40 -4.62
N ALA C 254 8.53 36.67 -3.53
CA ALA C 254 7.08 36.55 -3.57
C ALA C 254 6.56 37.68 -4.45
N ARG C 255 7.13 38.86 -4.30
CA ARG C 255 6.63 39.97 -5.11
C ARG C 255 7.03 39.77 -6.58
N ILE C 256 8.30 39.43 -6.83
CA ILE C 256 8.73 39.15 -8.18
C ILE C 256 8.02 37.96 -8.89
N ILE C 257 7.73 36.87 -8.20
CA ILE C 257 7.08 35.78 -8.87
C ILE C 257 5.70 36.31 -9.28
N ARG C 258 5.27 37.35 -8.61
CA ARG C 258 3.89 37.81 -8.81
C ARG C 258 3.81 38.94 -9.81
N SER C 259 4.94 39.34 -10.40
CA SER C 259 4.99 40.48 -11.29
C SER C 259 5.10 40.06 -12.77
N GLU C 260 5.43 41.00 -13.64
CA GLU C 260 5.56 40.71 -15.05
C GLU C 260 6.99 40.76 -15.45
N GLY C 261 7.84 41.06 -14.47
CA GLY C 261 9.25 41.13 -14.68
C GLY C 261 9.59 42.55 -15.02
N GLY C 262 10.71 42.73 -15.71
CA GLY C 262 11.14 44.04 -16.20
C GLY C 262 11.84 44.88 -15.14
N MET C 263 12.60 44.25 -14.24
CA MET C 263 13.26 45.03 -13.23
C MET C 263 14.65 44.45 -13.14
N VAL C 264 15.51 45.09 -12.36
CA VAL C 264 16.87 44.70 -12.16
C VAL C 264 16.94 44.21 -10.71
N TRP C 265 17.54 43.04 -10.52
CA TRP C 265 17.47 42.38 -9.24
C TRP C 265 18.89 42.03 -8.79
N ALA C 266 19.28 42.60 -7.66
CA ALA C 266 20.62 42.45 -7.15
C ALA C 266 20.60 41.68 -5.85
N CYS C 267 21.78 41.22 -5.48
CA CYS C 267 21.96 40.22 -4.44
C CYS C 267 23.42 40.16 -4.12
N LYS C 268 23.75 39.91 -2.85
CA LYS C 268 25.14 39.66 -2.48
C LYS C 268 25.59 38.50 -3.37
N ASN C 269 26.89 38.36 -3.59
CA ASN C 269 27.29 37.43 -4.64
C ASN C 269 26.68 36.04 -4.43
N ASP C 273 23.23 33.46 -7.40
CA ASP C 273 23.08 32.57 -6.26
C ASP C 273 22.71 31.18 -6.72
N VAL C 274 21.64 31.16 -7.50
CA VAL C 274 20.69 30.09 -7.45
C VAL C 274 19.35 30.81 -7.47
N MET C 275 19.37 32.09 -7.12
CA MET C 275 18.24 32.98 -7.44
C MET C 275 18.31 33.20 -8.94
N SER C 276 19.49 33.61 -9.40
CA SER C 276 19.66 33.92 -10.83
C SER C 276 19.61 32.71 -11.73
N ASP C 277 20.04 31.55 -11.22
CA ASP C 277 19.91 30.33 -12.00
C ASP C 277 18.44 30.15 -12.31
N MET C 278 17.64 30.47 -11.30
CA MET C 278 16.20 30.28 -11.35
C MET C 278 15.53 31.21 -12.35
N VAL C 279 15.82 32.50 -12.27
CA VAL C 279 15.21 33.46 -13.16
C VAL C 279 15.57 33.14 -14.58
N ALA C 280 16.82 32.72 -14.76
CA ALA C 280 17.31 32.41 -16.09
C ALA C 280 16.57 31.22 -16.68
N SER C 281 16.58 30.08 -16.00
CA SER C 281 15.90 28.91 -16.52
C SER C 281 14.40 29.11 -16.68
N ALA C 282 13.83 29.99 -15.85
CA ALA C 282 12.39 30.26 -15.93
C ALA C 282 12.03 31.00 -17.24
N PHE C 283 12.95 31.80 -17.74
CA PHE C 283 12.68 32.54 -18.99
C PHE C 283 12.81 31.65 -20.23
N GLY C 284 13.69 30.66 -20.14
CA GLY C 284 13.66 29.53 -21.08
C GLY C 284 14.89 29.28 -21.94
N SER C 285 16.08 29.44 -21.36
CA SER C 285 17.30 29.04 -22.07
C SER C 285 18.45 29.96 -21.77
N LEU C 286 19.53 29.39 -21.26
CA LEU C 286 20.66 30.19 -20.80
C LEU C 286 21.31 30.80 -22.02
N ALA C 287 20.87 30.32 -23.18
CA ALA C 287 21.37 30.81 -24.47
C ALA C 287 20.73 32.13 -24.91
N MET C 288 19.43 32.24 -24.73
CA MET C 288 18.74 33.44 -25.19
C MET C 288 18.96 34.59 -24.19
N MET C 289 20.16 35.11 -24.12
CA MET C 289 20.50 35.92 -22.96
C MET C 289 21.51 36.98 -23.26
N THR C 290 21.23 38.21 -22.86
CA THR C 290 22.27 39.27 -22.98
C THR C 290 23.14 39.28 -21.74
N SER C 291 24.38 39.77 -21.88
CA SER C 291 25.30 39.94 -20.76
C SER C 291 25.92 41.33 -20.83
N VAL C 292 25.71 42.12 -19.77
CA VAL C 292 26.18 43.48 -19.80
C VAL C 292 27.07 43.80 -18.59
N LEU C 293 28.20 44.41 -18.85
CA LEU C 293 29.07 44.83 -17.80
C LEU C 293 28.96 46.34 -17.59
N VAL C 294 28.76 46.77 -16.36
CA VAL C 294 28.59 48.18 -16.07
C VAL C 294 29.54 48.57 -14.98
N SER C 295 30.36 49.58 -15.18
CA SER C 295 31.22 50.08 -14.12
C SER C 295 30.49 51.14 -13.31
N PRO C 296 31.02 51.50 -12.12
CA PRO C 296 30.36 52.53 -11.25
C PRO C 296 30.39 53.92 -11.90
N ASP C 297 31.55 54.18 -12.45
CA ASP C 297 31.89 55.07 -13.53
C ASP C 297 30.94 55.24 -14.73
N GLY C 298 30.15 54.21 -15.05
CA GLY C 298 29.20 54.28 -16.19
C GLY C 298 29.76 53.79 -17.52
N LYS C 299 30.87 53.04 -17.51
CA LYS C 299 31.38 52.34 -18.72
C LYS C 299 30.61 51.03 -18.99
N TYR C 300 30.43 50.67 -20.26
CA TYR C 300 29.67 49.49 -20.61
C TYR C 300 30.35 48.49 -21.56
N GLU C 301 30.13 47.21 -21.31
CA GLU C 301 30.53 46.26 -22.30
C GLU C 301 29.39 45.28 -22.50
N PHE C 302 29.01 45.09 -23.75
CA PHE C 302 27.91 44.18 -24.07
C PHE C 302 28.54 42.93 -24.65
N GLU C 303 28.08 41.79 -24.16
CA GLU C 303 28.53 40.49 -24.65
C GLU C 303 27.37 39.54 -24.81
N ALA C 304 27.48 38.63 -25.76
CA ALA C 304 26.52 37.50 -25.81
C ALA C 304 26.67 36.69 -24.55
N ALA C 305 25.56 36.44 -23.84
CA ALA C 305 25.59 35.36 -22.85
C ALA C 305 25.72 34.04 -23.62
N ASN C 325 24.96 31.20 -30.01
CA ASN C 325 23.60 31.52 -30.47
C ASN C 325 23.56 32.90 -31.17
N SER C 326 22.90 32.99 -32.33
CA SER C 326 22.99 34.24 -33.10
C SER C 326 22.24 35.39 -32.47
N MET C 327 21.08 35.12 -31.91
CA MET C 327 20.28 36.18 -31.31
C MET C 327 20.99 37.05 -30.23
N ALA C 328 21.69 36.39 -29.32
CA ALA C 328 22.36 37.08 -28.25
C ALA C 328 23.47 37.95 -28.82
N THR C 329 24.07 37.50 -29.91
CA THR C 329 25.13 38.21 -30.52
C THR C 329 24.57 39.44 -31.22
N ILE C 330 23.44 39.30 -31.87
CA ILE C 330 22.73 40.44 -32.38
C ILE C 330 22.39 41.39 -31.20
N PHE C 331 21.83 40.88 -30.12
CA PHE C 331 21.41 41.77 -29.03
C PHE C 331 22.59 42.43 -28.26
N ALA C 332 23.77 41.84 -28.30
CA ALA C 332 24.92 42.56 -27.79
C ALA C 332 25.22 43.82 -28.65
N TRP C 333 25.39 43.66 -29.95
CA TRP C 333 25.59 44.80 -30.84
C TRP C 333 24.51 45.89 -30.76
N THR C 334 23.23 45.50 -30.69
CA THR C 334 22.14 46.47 -30.68
C THR C 334 22.09 47.23 -29.36
N GLY C 335 22.35 46.52 -28.25
CA GLY C 335 22.51 47.15 -26.94
C GLY C 335 23.72 48.09 -26.95
N ALA C 336 24.81 47.69 -27.60
CA ALA C 336 25.97 48.56 -27.67
C ALA C 336 25.65 49.84 -28.48
N LEU C 337 25.11 49.66 -29.69
CA LEU C 337 24.76 50.80 -30.55
C LEU C 337 23.65 51.66 -29.92
N LYS C 338 22.75 51.03 -29.18
CA LYS C 338 21.73 51.79 -28.47
C LYS C 338 22.37 52.66 -27.34
N LYS C 339 23.29 52.08 -26.57
CA LYS C 339 23.94 52.83 -25.54
C LYS C 339 24.76 53.96 -26.18
N ARG C 340 25.53 53.64 -27.21
CA ARG C 340 26.36 54.62 -27.90
C ARG C 340 25.51 55.82 -28.37
N GLY C 341 24.44 55.55 -29.13
CA GLY C 341 23.46 56.58 -29.54
C GLY C 341 22.84 57.44 -28.44
N GLU C 342 22.50 56.84 -27.31
CA GLU C 342 22.02 57.60 -26.16
C GLU C 342 23.10 58.48 -25.54
N LEU C 343 24.38 58.13 -25.68
CA LEU C 343 25.41 59.00 -25.08
C LEU C 343 25.61 60.17 -26.03
N ASP C 344 25.51 59.91 -27.32
CA ASP C 344 25.91 60.87 -28.33
C ASP C 344 24.71 61.67 -28.83
N GLY C 345 23.53 61.32 -28.35
CA GLY C 345 22.32 61.94 -28.85
C GLY C 345 22.04 61.70 -30.33
N ILE C 346 22.37 60.54 -30.85
CA ILE C 346 21.99 60.22 -32.22
C ILE C 346 20.73 59.36 -32.24
N LYS C 347 19.57 60.02 -32.28
CA LYS C 347 18.25 59.37 -32.39
C LYS C 347 18.16 58.28 -33.44
N GLU C 348 18.66 58.53 -34.66
CA GLU C 348 18.61 57.52 -35.71
C GLU C 348 19.30 56.22 -35.28
N LEU C 349 20.33 56.34 -34.44
CA LEU C 349 21.06 55.15 -34.02
C LEU C 349 20.30 54.36 -32.94
N VAL C 350 19.77 55.02 -31.91
CA VAL C 350 19.01 54.26 -30.93
C VAL C 350 17.80 53.60 -31.60
N ASP C 351 17.04 54.36 -32.36
CA ASP C 351 15.88 53.81 -33.09
C ASP C 351 16.26 52.66 -34.01
N PHE C 352 17.40 52.79 -34.67
CA PHE C 352 17.86 51.73 -35.51
C PHE C 352 18.00 50.43 -34.70
N ALA C 353 18.62 50.55 -33.53
CA ALA C 353 18.96 49.39 -32.73
C ALA C 353 17.69 48.73 -32.17
N THR C 354 16.80 49.53 -31.62
CA THR C 354 15.47 49.08 -31.29
C THR C 354 14.79 48.34 -32.41
N LYS C 355 14.89 48.90 -33.61
CA LYS C 355 14.16 48.41 -34.75
C LYS C 355 14.74 47.08 -35.16
N LEU C 356 16.07 46.99 -35.09
CA LEU C 356 16.75 45.78 -35.49
C LEU C 356 16.42 44.63 -34.52
N GLU C 357 16.26 44.95 -33.24
CA GLU C 357 15.85 43.96 -32.22
C GLU C 357 14.46 43.47 -32.52
N GLN C 358 13.54 44.40 -32.78
CA GLN C 358 12.19 44.03 -33.24
C GLN C 358 12.19 43.10 -34.47
N ALA C 359 12.87 43.51 -35.53
CA ALA C 359 12.97 42.70 -36.73
C ALA C 359 13.48 41.30 -36.41
N SER C 360 14.48 41.20 -35.55
CA SER C 360 14.99 39.90 -35.19
C SER C 360 13.92 39.05 -34.56
N VAL C 361 13.22 39.61 -33.58
CA VAL C 361 12.21 38.83 -32.89
C VAL C 361 11.11 38.50 -33.88
N GLN C 362 10.75 39.46 -34.71
CA GLN C 362 9.57 39.28 -35.52
C GLN C 362 9.79 38.18 -36.58
N THR C 363 11.01 38.03 -37.08
CA THR C 363 11.15 36.96 -38.08
C THR C 363 11.05 35.53 -37.47
N ILE C 364 11.52 35.37 -36.25
CA ILE C 364 11.18 34.17 -35.50
C ILE C 364 9.67 33.99 -35.36
N GLU C 365 8.97 35.05 -34.93
CA GLU C 365 7.50 34.99 -34.79
C GLU C 365 6.79 34.68 -36.12
N ASN C 366 7.40 35.07 -37.24
CA ASN C 366 6.86 34.76 -38.57
C ASN C 366 7.20 33.32 -38.96
N GLY C 367 8.01 32.67 -38.15
CA GLY C 367 8.27 31.28 -38.32
C GLY C 367 9.52 30.94 -39.07
N VAL C 368 10.40 31.92 -39.32
CA VAL C 368 11.65 31.56 -39.93
C VAL C 368 12.71 31.59 -38.85
N MET C 369 13.46 30.52 -38.72
CA MET C 369 14.41 30.48 -37.61
C MET C 369 15.37 29.32 -37.73
N THR C 370 16.37 29.31 -36.85
CA THR C 370 17.33 28.21 -36.79
C THR C 370 16.84 27.07 -35.92
N LYS C 371 17.52 25.93 -36.01
CA LYS C 371 17.19 24.70 -35.26
C LYS C 371 17.06 24.85 -33.76
N ASP C 372 17.91 25.67 -33.19
CA ASP C 372 17.90 25.83 -31.76
C ASP C 372 16.72 26.70 -31.36
N LEU C 373 16.40 27.71 -32.16
CA LEU C 373 15.20 28.46 -31.85
C LEU C 373 13.94 27.62 -32.09
N ALA C 374 13.96 26.73 -33.07
CA ALA C 374 12.75 25.98 -33.38
C ALA C 374 12.41 25.00 -32.27
N SER C 375 13.42 24.59 -31.47
CA SER C 375 13.21 23.65 -30.36
C SER C 375 12.51 24.32 -29.21
N LEU C 376 12.55 25.63 -29.17
CA LEU C 376 12.02 26.38 -28.03
C LEU C 376 10.68 27.04 -28.35
N SER C 377 10.45 27.28 -29.66
CA SER C 377 9.36 28.14 -30.11
C SER C 377 8.08 27.38 -30.42
N GLU C 378 6.94 27.91 -29.96
CA GLU C 378 5.65 27.29 -30.26
C GLU C 378 5.02 27.69 -31.62
N VAL C 379 5.67 28.47 -32.46
CA VAL C 379 4.91 28.84 -33.63
C VAL C 379 4.63 27.60 -34.49
N PRO C 380 3.38 27.54 -34.97
CA PRO C 380 2.65 26.44 -35.63
C PRO C 380 3.31 26.06 -36.92
N GLU C 381 3.97 26.98 -37.59
CA GLU C 381 4.65 26.59 -38.81
C GLU C 381 6.02 27.21 -38.93
N LYS C 382 7.04 26.35 -38.99
CA LYS C 382 8.41 26.85 -38.97
C LYS C 382 9.15 26.44 -40.23
N LYS C 383 9.93 27.36 -40.75
CA LYS C 383 10.92 27.07 -41.73
C LYS C 383 12.25 27.16 -41.04
N ILE C 384 12.94 26.03 -41.00
CA ILE C 384 14.20 25.92 -40.28
C ILE C 384 15.29 26.20 -41.29
N VAL C 385 16.09 27.23 -41.02
CA VAL C 385 17.15 27.60 -41.95
C VAL C 385 18.46 27.70 -41.20
N ASN C 386 19.58 27.81 -41.94
CA ASN C 386 20.85 27.85 -41.26
C ASN C 386 21.12 29.27 -40.76
N THR C 387 22.20 29.47 -40.03
CA THR C 387 22.40 30.74 -39.36
C THR C 387 22.51 31.90 -40.34
N GLU C 388 23.22 31.66 -41.45
CA GLU C 388 23.45 32.72 -42.41
C GLU C 388 22.16 33.12 -43.10
N ASP C 389 21.32 32.14 -43.45
CA ASP C 389 20.01 32.38 -44.05
C ASP C 389 19.06 33.03 -43.05
N PHE C 390 19.19 32.65 -41.79
CA PHE C 390 18.45 33.32 -40.74
C PHE C 390 18.71 34.84 -40.71
N LEU C 391 19.97 35.25 -40.80
CA LEU C 391 20.29 36.69 -40.78
C LEU C 391 19.78 37.39 -42.04
N LYS C 392 19.91 36.74 -43.20
CA LYS C 392 19.37 37.32 -44.41
C LYS C 392 17.87 37.53 -44.26
N GLU C 393 17.19 36.62 -43.61
CA GLU C 393 15.75 36.78 -43.35
C GLU C 393 15.48 37.93 -42.36
N ILE C 394 16.30 38.06 -41.33
CA ILE C 394 16.12 39.19 -40.41
C ILE C 394 16.24 40.49 -41.21
N ARG C 395 17.27 40.53 -42.06
CA ARG C 395 17.49 41.66 -42.95
C ARG C 395 16.23 41.98 -43.78
N LYS C 396 15.62 40.94 -44.33
CA LYS C 396 14.36 41.07 -45.10
C LYS C 396 13.21 41.66 -44.27
N THR C 397 13.10 41.24 -43.00
CA THR C 397 12.03 41.70 -42.14
C THR C 397 12.25 43.16 -41.74
N PHE C 398 13.50 43.49 -41.47
CA PHE C 398 13.88 44.85 -41.20
C PHE C 398 13.47 45.69 -42.37
N GLU C 399 13.69 45.20 -43.58
CA GLU C 399 13.40 46.01 -44.75
C GLU C 399 11.91 46.19 -45.03
N GLY C 400 11.09 45.31 -44.48
CA GLY C 400 9.66 45.38 -44.70
C GLY C 400 8.95 46.21 -43.65
N MET C 401 9.68 46.68 -42.66
CA MET C 401 9.05 47.45 -41.59
C MET C 401 8.87 48.90 -42.04
N SER D 2 -64.02 -32.37 22.11
CA SER D 2 -63.49 -33.65 22.67
C SER D 2 -62.02 -33.75 22.39
N LYS D 3 -61.26 -34.20 23.36
CA LYS D 3 -59.84 -34.42 23.10
C LYS D 3 -59.65 -35.49 22.05
N ILE D 4 -58.55 -35.40 21.31
CA ILE D 4 -58.22 -36.39 20.33
C ILE D 4 -57.82 -37.73 20.99
N LYS D 5 -58.34 -38.82 20.44
CA LYS D 5 -58.15 -40.16 21.00
C LYS D 5 -57.01 -40.89 20.35
N MET D 6 -56.10 -41.45 21.13
CA MET D 6 -55.01 -42.24 20.58
C MET D 6 -55.31 -43.75 20.59
N LYS D 7 -54.47 -44.53 19.91
CA LYS D 7 -54.64 -45.97 19.88
C LYS D 7 -53.41 -46.67 20.46
N VAL D 8 -52.45 -47.01 19.62
CA VAL D 8 -51.20 -47.59 20.09
C VAL D 8 -50.45 -46.55 20.91
N PRO D 9 -49.83 -46.98 22.01
CA PRO D 9 -49.20 -45.93 22.83
C PRO D 9 -47.86 -45.50 22.26
N LEU D 10 -47.52 -44.27 22.53
CA LEU D 10 -46.19 -43.74 22.30
C LEU D 10 -45.28 -44.17 23.47
N VAL D 11 -44.09 -44.68 23.17
CA VAL D 11 -43.07 -44.88 24.21
C VAL D 11 -42.48 -43.53 24.63
N GLU D 12 -42.71 -43.17 25.89
CA GLU D 12 -42.25 -41.88 26.39
C GLU D 12 -41.09 -42.12 27.34
N MET D 13 -39.90 -41.60 27.03
CA MET D 13 -38.77 -41.72 27.97
C MET D 13 -38.31 -40.38 28.63
N ASP D 14 -38.39 -40.35 29.97
CA ASP D 14 -38.09 -39.15 30.78
C ASP D 14 -36.57 -38.94 30.79
N GLY D 15 -36.15 -37.72 31.07
CA GLY D 15 -34.73 -37.36 30.98
C GLY D 15 -34.24 -36.82 32.32
N ASP D 16 -33.31 -35.87 32.24
CA ASP D 16 -32.66 -35.35 33.42
C ASP D 16 -32.87 -33.83 33.56
N GLU D 17 -32.75 -33.38 34.80
CA GLU D 17 -32.69 -31.97 35.19
C GLU D 17 -33.67 -30.99 34.53
N MET D 18 -33.19 -29.85 34.08
CA MET D 18 -34.17 -28.89 33.65
C MET D 18 -35.03 -29.39 32.49
N THR D 19 -34.48 -30.24 31.63
CA THR D 19 -35.25 -30.70 30.47
C THR D 19 -36.46 -31.51 30.91
N ARG D 20 -36.34 -32.11 32.09
CA ARG D 20 -37.42 -32.87 32.69
C ARG D 20 -38.60 -31.97 33.17
N ILE D 21 -38.27 -30.83 33.78
CA ILE D 21 -39.29 -29.83 34.05
C ILE D 21 -39.93 -29.35 32.71
N ILE D 22 -39.10 -29.03 31.75
CA ILE D 22 -39.59 -28.48 30.51
C ILE D 22 -40.49 -29.47 29.80
N TRP D 23 -40.09 -30.73 29.81
CA TRP D 23 -40.89 -31.79 29.19
C TRP D 23 -42.29 -31.88 29.78
N ARG D 24 -42.38 -31.79 31.11
CA ARG D 24 -43.65 -31.81 31.82
C ARG D 24 -44.47 -30.54 31.49
N LEU D 25 -43.78 -29.41 31.33
CA LEU D 25 -44.45 -28.15 31.05
C LEU D 25 -45.07 -28.15 29.65
N ILE D 26 -44.36 -28.76 28.72
CA ILE D 26 -44.85 -28.97 27.37
C ILE D 26 -46.06 -29.90 27.35
N LYS D 27 -45.93 -31.09 27.90
CA LYS D 27 -47.14 -31.88 28.02
C LYS D 27 -48.31 -31.06 28.59
N GLU D 28 -48.13 -30.41 29.74
CA GLU D 28 -49.26 -29.81 30.46
C GLU D 28 -49.94 -28.65 29.66
N ASN D 29 -49.16 -27.84 28.95
CA ASN D 29 -49.72 -26.65 28.29
C ASN D 29 -50.14 -26.91 26.84
N LEU D 30 -49.54 -27.92 26.20
CA LEU D 30 -49.67 -28.03 24.77
C LEU D 30 -50.25 -29.33 24.29
N LEU D 31 -50.10 -30.40 25.03
CA LEU D 31 -50.58 -31.68 24.57
C LEU D 31 -51.84 -32.18 25.29
N GLU D 32 -51.77 -32.33 26.60
CA GLU D 32 -52.89 -32.88 27.39
C GLU D 32 -54.21 -32.15 27.22
N PRO D 33 -54.18 -30.81 27.01
CA PRO D 33 -55.46 -30.10 26.75
C PRO D 33 -56.13 -30.63 25.48
N TYR D 34 -55.36 -31.13 24.54
CA TYR D 34 -55.93 -31.40 23.23
C TYR D 34 -56.04 -32.87 22.90
N ILE D 35 -55.25 -33.67 23.59
CA ILE D 35 -55.11 -35.08 23.25
C ILE D 35 -55.26 -35.89 24.51
N GLU D 36 -55.91 -37.03 24.41
CA GLU D 36 -55.94 -37.96 25.51
C GLU D 36 -54.66 -38.80 25.39
N LEU D 37 -53.56 -38.26 25.91
CA LEU D 37 -52.23 -38.84 25.76
C LEU D 37 -52.25 -40.33 26.14
N ASN D 38 -51.80 -41.21 25.24
CA ASN D 38 -51.58 -42.59 25.64
C ASN D 38 -50.10 -42.95 25.44
N THR D 39 -49.31 -42.97 26.52
CA THR D 39 -47.88 -43.28 26.42
C THR D 39 -47.55 -44.45 27.32
N GLU D 40 -46.48 -45.15 27.03
CA GLU D 40 -45.93 -46.11 27.94
C GLU D 40 -44.63 -45.54 28.50
N TYR D 41 -44.64 -45.18 29.77
CA TYR D 41 -43.61 -44.33 30.39
C TYR D 41 -42.36 -45.07 30.84
N TYR D 42 -41.19 -44.55 30.53
CA TYR D 42 -39.93 -45.10 31.05
C TYR D 42 -39.09 -43.92 31.61
N ASP D 43 -38.66 -44.04 32.85
CA ASP D 43 -37.90 -42.96 33.43
C ASP D 43 -36.45 -43.25 33.13
N LEU D 44 -35.87 -42.52 32.19
CA LEU D 44 -34.44 -42.65 31.95
C LEU D 44 -33.61 -41.54 32.56
N GLY D 45 -34.16 -40.82 33.54
CA GLY D 45 -33.34 -39.93 34.36
C GLY D 45 -32.25 -40.73 35.06
N LEU D 46 -31.17 -40.09 35.46
CA LEU D 46 -30.06 -40.79 36.07
C LEU D 46 -30.46 -41.63 37.28
N GLU D 47 -31.39 -41.13 38.08
CA GLU D 47 -31.68 -41.80 39.34
C GLU D 47 -32.28 -43.16 39.03
N ASN D 48 -33.30 -43.18 38.18
CA ASN D 48 -33.93 -44.41 37.85
C ASN D 48 -33.02 -45.34 37.05
N ARG D 49 -32.15 -44.78 36.21
CA ARG D 49 -31.24 -45.64 35.51
C ARG D 49 -30.34 -46.26 36.55
N ASP D 50 -29.92 -45.48 37.54
CA ASP D 50 -29.06 -46.01 38.57
C ASP D 50 -29.73 -47.16 39.29
N LYS D 51 -30.97 -46.96 39.70
CA LYS D 51 -31.65 -47.99 40.49
C LYS D 51 -31.90 -49.27 39.74
N THR D 52 -32.23 -49.16 38.46
CA THR D 52 -32.48 -50.36 37.67
C THR D 52 -31.18 -50.90 37.07
N GLU D 53 -30.04 -50.37 37.51
CA GLU D 53 -28.79 -50.70 36.85
C GLU D 53 -29.02 -50.70 35.34
N ASP D 54 -29.63 -49.63 34.84
CA ASP D 54 -29.80 -49.35 33.39
C ASP D 54 -30.75 -50.28 32.62
N GLN D 55 -31.46 -51.13 33.32
CA GLN D 55 -32.30 -52.09 32.66
C GLN D 55 -33.46 -51.34 32.05
N VAL D 56 -33.82 -50.20 32.66
CA VAL D 56 -34.96 -49.48 32.17
C VAL D 56 -34.71 -48.94 30.78
N THR D 57 -33.46 -48.65 30.46
CA THR D 57 -33.14 -48.19 29.12
C THR D 57 -33.37 -49.30 28.07
N ILE D 58 -32.94 -50.51 28.40
CA ILE D 58 -33.10 -51.63 27.50
C ILE D 58 -34.60 -51.90 27.30
N ASP D 59 -35.36 -51.78 28.39
CA ASP D 59 -36.81 -51.98 28.36
C ASP D 59 -37.49 -50.98 27.39
N ALA D 60 -37.16 -49.70 27.54
CA ALA D 60 -37.61 -48.67 26.62
C ALA D 60 -37.33 -49.01 25.12
N ALA D 61 -36.08 -49.33 24.78
CA ALA D 61 -35.78 -49.73 23.40
C ALA D 61 -36.68 -50.89 22.94
N ARG D 62 -36.71 -51.95 23.72
CA ARG D 62 -37.56 -53.06 23.36
C ARG D 62 -39.03 -52.60 23.15
N ALA D 63 -39.54 -51.72 24.02
CA ALA D 63 -40.90 -51.23 23.82
C ALA D 63 -41.07 -50.40 22.52
N ILE D 64 -40.06 -49.66 22.10
CA ILE D 64 -40.09 -49.02 20.81
C ILE D 64 -40.23 -50.11 19.70
N GLN D 65 -39.49 -51.19 19.82
CA GLN D 65 -39.69 -52.29 18.86
C GLN D 65 -41.12 -52.81 18.86
N LYS D 66 -41.70 -52.97 20.04
CA LYS D 66 -43.07 -53.47 20.17
C LYS D 66 -44.11 -52.50 19.53
N TYR D 67 -44.00 -51.21 19.79
CA TYR D 67 -45.01 -50.25 19.29
C TYR D 67 -44.62 -49.45 18.00
N GLY D 68 -43.37 -49.11 17.83
CA GLY D 68 -42.99 -48.44 16.59
C GLY D 68 -42.40 -47.06 16.81
N VAL D 69 -42.83 -46.38 17.86
CA VAL D 69 -42.44 -45.02 18.01
C VAL D 69 -42.23 -44.64 19.45
N GLY D 70 -41.14 -43.91 19.68
CA GLY D 70 -40.88 -43.38 20.96
C GLY D 70 -40.42 -41.93 20.94
N VAL D 71 -40.60 -41.26 22.07
CA VAL D 71 -40.13 -39.92 22.15
C VAL D 71 -39.27 -39.74 23.41
N LYS D 72 -38.14 -39.09 23.29
CA LYS D 72 -37.22 -39.12 24.38
C LYS D 72 -36.70 -37.76 24.79
N CYS D 73 -36.75 -37.48 26.09
CA CYS D 73 -36.18 -36.28 26.73
C CYS D 73 -34.64 -36.30 26.84
N ALA D 74 -34.02 -35.12 26.81
CA ALA D 74 -32.56 -35.10 26.91
C ALA D 74 -32.09 -35.68 28.26
N THR D 75 -30.99 -36.43 28.25
CA THR D 75 -30.47 -37.05 29.46
C THR D 75 -29.02 -36.66 29.67
N ILE D 76 -28.46 -37.04 30.81
CA ILE D 76 -27.14 -36.57 31.14
C ILE D 76 -26.13 -37.70 31.04
N THR D 77 -24.90 -37.35 30.70
CA THR D 77 -23.88 -38.37 30.75
C THR D 77 -23.03 -38.11 31.97
N PRO D 78 -23.04 -39.11 32.85
CA PRO D 78 -22.42 -39.27 34.16
C PRO D 78 -21.05 -38.57 34.18
N ASN D 79 -20.74 -37.90 35.28
CA ASN D 79 -19.44 -37.26 35.39
C ASN D 79 -18.97 -37.22 36.84
N ALA D 80 -17.66 -37.18 37.04
CA ALA D 80 -17.15 -37.28 38.38
C ALA D 80 -18.22 -36.71 39.29
N GLN D 81 -18.53 -35.43 39.11
CA GLN D 81 -19.40 -34.78 40.07
C GLN D 81 -20.73 -35.49 40.26
N ARG D 82 -21.60 -35.44 39.26
CA ARG D 82 -22.93 -36.07 39.35
C ARG D 82 -22.86 -37.34 40.21
N VAL D 83 -22.14 -38.35 39.74
CA VAL D 83 -21.85 -39.51 40.57
C VAL D 83 -21.98 -39.09 42.04
N GLU D 84 -21.08 -38.22 42.46
CA GLU D 84 -21.08 -37.70 43.81
C GLU D 84 -22.43 -37.06 44.09
N GLU D 85 -22.73 -36.00 43.34
CA GLU D 85 -24.07 -35.40 43.37
C GLU D 85 -25.17 -36.43 43.66
N TYR D 86 -25.28 -37.48 42.83
CA TYR D 86 -26.37 -38.48 42.92
C TYR D 86 -25.99 -39.81 43.61
N ASN D 87 -24.70 -40.04 43.87
CA ASN D 87 -24.27 -41.29 44.49
C ASN D 87 -24.63 -42.46 43.58
N LEU D 88 -24.18 -42.40 42.34
CA LEU D 88 -24.41 -43.45 41.38
C LEU D 88 -23.35 -44.56 41.46
N LYS D 89 -23.76 -45.78 41.17
CA LYS D 89 -22.92 -46.97 41.22
C LYS D 89 -21.85 -47.05 40.14
N LYS D 90 -21.96 -46.20 39.13
CA LYS D 90 -21.14 -46.30 37.92
C LYS D 90 -21.28 -45.04 37.06
N MET D 91 -20.22 -44.71 36.31
CA MET D 91 -20.39 -43.78 35.20
C MET D 91 -21.02 -44.56 34.04
N TRP D 92 -22.28 -44.25 33.73
CA TRP D 92 -23.05 -45.04 32.77
C TRP D 92 -22.90 -44.47 31.37
N LYS D 93 -22.77 -45.36 30.39
CA LYS D 93 -22.78 -44.93 28.99
C LYS D 93 -24.14 -44.28 28.66
N SER D 94 -24.11 -43.19 27.91
CA SER D 94 -25.33 -42.48 27.51
C SER D 94 -26.34 -43.46 26.93
N PRO D 95 -27.60 -43.35 27.34
CA PRO D 95 -28.60 -44.26 26.87
C PRO D 95 -28.79 -44.28 25.36
N ASN D 96 -28.72 -43.13 24.69
CA ASN D 96 -28.97 -43.10 23.27
C ASN D 96 -28.08 -44.08 22.52
N GLY D 97 -26.87 -44.29 23.03
CA GLY D 97 -25.96 -45.28 22.47
C GLY D 97 -26.52 -46.68 22.59
N THR D 98 -27.02 -47.02 23.76
CA THR D 98 -27.68 -48.29 23.95
C THR D 98 -28.94 -48.45 23.07
N ILE D 99 -29.78 -47.42 23.02
CA ILE D 99 -31.05 -47.52 22.33
C ILE D 99 -30.79 -47.65 20.85
N ARG D 100 -29.81 -46.89 20.36
CA ARG D 100 -29.46 -46.90 18.96
C ARG D 100 -29.08 -48.32 18.54
N ALA D 101 -28.34 -49.01 19.39
CA ALA D 101 -27.75 -50.31 19.01
C ALA D 101 -28.79 -51.43 19.13
N ILE D 102 -29.72 -51.30 20.07
CA ILE D 102 -30.83 -52.21 20.10
C ILE D 102 -31.70 -52.02 18.84
N LEU D 103 -32.00 -50.78 18.49
CA LEU D 103 -32.76 -50.51 17.29
C LEU D 103 -31.98 -50.71 15.97
N ASP D 104 -30.66 -50.93 16.06
CA ASP D 104 -29.83 -50.81 14.88
C ASP D 104 -30.16 -49.53 14.04
N GLY D 105 -30.24 -48.39 14.70
CA GLY D 105 -30.79 -47.22 14.03
C GLY D 105 -29.76 -46.32 13.41
N THR D 106 -30.20 -45.47 12.48
CA THR D 106 -29.33 -44.51 11.83
C THR D 106 -29.83 -43.20 12.34
N VAL D 107 -28.98 -42.21 12.46
CA VAL D 107 -29.48 -40.98 13.09
C VAL D 107 -29.59 -39.82 12.11
N PHE D 108 -30.72 -39.13 12.17
CA PHE D 108 -31.00 -38.00 11.31
C PHE D 108 -31.15 -36.69 12.08
N ARG D 109 -30.32 -35.69 11.78
CA ARG D 109 -30.50 -34.40 12.42
C ARG D 109 -30.93 -33.32 11.43
N ALA D 110 -31.91 -32.53 11.83
CA ALA D 110 -32.46 -31.53 10.93
C ALA D 110 -32.83 -30.23 11.66
N PRO D 111 -32.57 -29.11 11.03
CA PRO D 111 -32.91 -27.85 11.67
C PRO D 111 -34.43 -27.61 11.73
N ILE D 112 -34.82 -26.60 12.52
CA ILE D 112 -36.19 -26.18 12.60
C ILE D 112 -36.21 -24.80 12.00
N VAL D 113 -36.79 -24.65 10.82
CA VAL D 113 -36.76 -23.37 10.18
C VAL D 113 -37.76 -22.38 10.76
N VAL D 114 -37.30 -21.16 11.08
CA VAL D 114 -38.19 -20.05 11.33
C VAL D 114 -37.77 -18.85 10.48
N ASN D 115 -38.72 -18.31 9.72
CA ASN D 115 -38.41 -17.31 8.73
C ASN D 115 -37.54 -16.18 9.33
N SER D 116 -37.86 -15.72 10.53
CA SER D 116 -37.12 -14.60 11.11
C SER D 116 -35.70 -14.97 11.59
N ILE D 117 -35.36 -16.24 11.54
CA ILE D 117 -34.01 -16.68 11.82
C ILE D 117 -33.37 -17.04 10.48
N LYS D 118 -32.48 -16.17 10.04
CA LYS D 118 -31.94 -16.19 8.69
C LYS D 118 -30.87 -17.23 8.56
N PRO D 119 -31.00 -18.14 7.60
CA PRO D 119 -29.92 -19.06 7.29
C PRO D 119 -28.74 -18.30 6.71
N PHE D 120 -27.54 -18.85 6.86
CA PHE D 120 -26.35 -18.23 6.26
C PHE D 120 -26.17 -18.59 4.80
N VAL D 121 -26.66 -19.76 4.40
CA VAL D 121 -26.85 -19.99 2.96
C VAL D 121 -28.21 -19.36 2.59
N LYS D 122 -28.19 -18.34 1.75
CA LYS D 122 -29.40 -17.59 1.41
C LYS D 122 -30.61 -18.50 1.11
N GLY D 123 -30.50 -19.29 0.04
CA GLY D 123 -31.67 -20.00 -0.41
C GLY D 123 -32.23 -21.08 0.49
N TRP D 124 -31.54 -21.42 1.58
CA TRP D 124 -31.94 -22.63 2.32
C TRP D 124 -33.14 -22.44 3.24
N LYS D 125 -34.34 -22.78 2.75
CA LYS D 125 -35.56 -22.53 3.49
C LYS D 125 -36.33 -23.78 3.89
N LYS D 126 -35.84 -24.94 3.44
CA LYS D 126 -36.43 -26.17 3.88
C LYS D 126 -35.34 -26.98 4.57
N PRO D 127 -35.69 -27.67 5.65
CA PRO D 127 -34.63 -28.29 6.42
C PRO D 127 -33.90 -29.39 5.64
N ILE D 128 -32.59 -29.41 5.81
CA ILE D 128 -31.84 -30.50 5.26
C ILE D 128 -31.51 -31.46 6.39
N SER D 129 -31.84 -32.72 6.20
CA SER D 129 -31.56 -33.74 7.17
C SER D 129 -30.24 -34.47 6.93
N ILE D 130 -29.34 -34.33 7.87
CA ILE D 130 -28.06 -35.02 7.77
C ILE D 130 -28.16 -36.38 8.44
N ALA D 131 -27.84 -37.41 7.69
CA ALA D 131 -28.06 -38.76 8.16
C ALA D 131 -26.70 -39.44 8.43
N ARG D 132 -26.60 -40.10 9.59
CA ARG D 132 -25.38 -40.92 9.91
C ARG D 132 -25.77 -42.25 10.56
N HIS D 133 -25.06 -43.31 10.18
CA HIS D 133 -25.35 -44.64 10.74
C HIS D 133 -24.91 -44.84 12.19
N ALA D 134 -24.11 -43.93 12.73
CA ALA D 134 -23.78 -44.06 14.14
C ALA D 134 -22.98 -42.85 14.59
N TYR D 135 -23.64 -41.85 15.16
CA TYR D 135 -22.99 -40.51 15.26
C TYR D 135 -22.18 -40.14 16.52
N GLY D 136 -20.88 -40.50 16.57
CA GLY D 136 -20.01 -40.00 17.65
C GLY D 136 -18.93 -40.92 18.25
N ASP D 137 -18.07 -41.50 17.41
CA ASP D 137 -17.00 -42.39 17.87
C ASP D 137 -15.89 -42.52 16.82
N ASN D 141 -13.06 -46.81 14.74
CA ASN D 141 -11.82 -46.94 13.97
C ASN D 141 -10.60 -47.14 14.90
N VAL D 142 -9.57 -47.84 14.41
CA VAL D 142 -8.43 -48.14 15.27
C VAL D 142 -7.17 -47.45 14.77
N GLU D 143 -6.33 -47.05 15.72
CA GLU D 143 -5.11 -46.35 15.37
C GLU D 143 -3.93 -47.04 16.02
N TYR D 144 -2.75 -46.87 15.46
CA TYR D 144 -1.56 -47.35 16.11
C TYR D 144 -0.50 -46.30 15.88
N TYR D 145 0.26 -45.94 16.90
CA TYR D 145 1.30 -44.95 16.74
C TYR D 145 2.60 -45.66 16.50
N VAL D 146 3.25 -45.38 15.37
CA VAL D 146 4.51 -46.00 15.05
C VAL D 146 5.62 -45.24 15.75
N PRO D 147 6.42 -45.95 16.54
CA PRO D 147 7.44 -45.26 17.32
C PRO D 147 8.70 -45.03 16.52
N SER D 148 8.90 -45.82 15.46
CA SER D 148 10.17 -45.82 14.76
C SER D 148 10.03 -46.44 13.38
N ALA D 149 11.11 -46.53 12.62
CA ALA D 149 11.06 -47.14 11.28
C ALA D 149 10.49 -48.56 11.27
N GLY D 150 9.66 -48.84 10.30
CA GLY D 150 9.28 -50.19 9.97
C GLY D 150 8.17 -50.25 8.94
N LYS D 151 7.64 -51.44 8.70
CA LYS D 151 6.71 -51.68 7.62
C LYS D 151 5.29 -51.81 8.16
N ALA D 152 4.42 -50.87 7.81
CA ALA D 152 3.01 -50.96 8.19
C ALA D 152 2.15 -51.71 7.16
N GLU D 153 1.29 -52.60 7.63
CA GLU D 153 0.42 -53.42 6.79
C GLU D 153 -1.04 -53.54 7.25
N LEU D 154 -1.89 -53.76 6.28
CA LEU D 154 -3.30 -53.93 6.45
C LEU D 154 -3.48 -55.38 6.10
N VAL D 155 -4.01 -56.18 7.01
CA VAL D 155 -3.89 -57.62 6.89
C VAL D 155 -5.22 -58.27 7.17
N PHE D 156 -5.54 -59.29 6.37
CA PHE D 156 -6.75 -60.04 6.66
C PHE D 156 -6.50 -61.56 6.70
N THR D 157 -7.03 -62.23 7.71
CA THR D 157 -6.86 -63.66 7.86
C THR D 157 -8.24 -64.31 7.80
N SER D 158 -8.53 -65.09 6.76
CA SER D 158 -9.88 -65.67 6.68
C SER D 158 -10.07 -66.84 7.65
N GLU D 159 -11.31 -67.24 7.89
CA GLU D 159 -11.60 -68.42 8.74
C GLU D 159 -10.57 -69.53 8.63
N ASN D 160 -10.34 -69.97 7.38
CA ASN D 160 -9.48 -71.12 7.09
C ASN D 160 -7.99 -70.88 7.34
N GLY D 161 -7.61 -69.72 7.83
CA GLY D 161 -6.21 -69.49 8.06
C GLY D 161 -5.43 -68.78 6.96
N GLU D 162 -6.04 -68.52 5.81
CA GLU D 162 -5.29 -67.88 4.73
C GLU D 162 -5.07 -66.40 4.99
N VAL D 163 -3.85 -65.95 4.83
CA VAL D 163 -3.54 -64.57 5.18
C VAL D 163 -3.26 -63.74 3.92
N SER D 164 -3.85 -62.56 3.83
CA SER D 164 -3.46 -61.60 2.78
C SER D 164 -3.12 -60.26 3.37
N ARG D 165 -2.09 -59.65 2.79
CA ARG D 165 -1.50 -58.44 3.29
C ARG D 165 -1.25 -57.46 2.15
N GLN D 166 -1.28 -56.18 2.50
CA GLN D 166 -0.86 -55.13 1.61
C GLN D 166 -0.07 -54.16 2.43
N THR D 167 0.95 -53.56 1.82
CA THR D 167 1.70 -52.54 2.50
C THR D 167 0.92 -51.25 2.65
N ILE D 168 0.93 -50.68 3.83
CA ILE D 168 0.32 -49.36 3.97
C ILE D 168 1.36 -48.32 3.71
N HIS D 169 2.53 -48.52 4.32
CA HIS D 169 3.62 -47.56 4.23
C HIS D 169 4.87 -48.11 4.92
N GLU D 170 6.03 -47.74 4.38
CA GLU D 170 7.30 -48.15 4.94
C GLU D 170 7.84 -46.94 5.66
N PHE D 171 7.74 -46.93 6.98
CA PHE D 171 8.12 -45.74 7.73
C PHE D 171 9.63 -45.63 7.86
N ASP D 172 10.09 -44.39 7.91
CA ASP D 172 11.48 -44.08 8.11
C ASP D 172 11.54 -43.18 9.34
N GLY D 173 10.40 -43.00 9.99
CA GLY D 173 10.32 -42.19 11.19
C GLY D 173 9.03 -42.54 11.88
N PRO D 174 8.71 -41.86 13.00
CA PRO D 174 7.47 -42.08 13.75
C PRO D 174 6.23 -41.52 13.05
N GLY D 175 5.06 -42.10 13.29
CA GLY D 175 3.81 -41.55 12.78
C GLY D 175 2.59 -42.32 13.25
N VAL D 176 1.55 -42.35 12.44
CA VAL D 176 0.36 -43.07 12.81
C VAL D 176 -0.17 -43.89 11.63
N ILE D 177 -0.84 -44.98 11.95
CA ILE D 177 -1.58 -45.74 10.96
C ILE D 177 -2.98 -45.98 11.48
N MET D 178 -3.93 -46.15 10.57
CA MET D 178 -5.31 -46.18 10.92
C MET D 178 -5.99 -47.23 10.08
N GLY D 179 -6.95 -47.93 10.66
CA GLY D 179 -7.74 -48.94 10.01
C GLY D 179 -9.21 -48.59 10.14
N MET D 180 -9.98 -48.87 9.10
CA MET D 180 -11.37 -48.56 9.10
C MET D 180 -12.12 -49.77 8.51
N HIS D 181 -13.32 -50.03 9.01
CA HIS D 181 -14.06 -51.09 8.38
C HIS D 181 -15.54 -50.81 8.24
N ASN D 182 -16.19 -51.58 7.38
CA ASN D 182 -17.64 -51.62 7.35
C ASN D 182 -18.08 -52.98 6.85
N THR D 183 -19.06 -53.59 7.49
CA THR D 183 -19.64 -54.83 6.99
C THR D 183 -20.78 -54.49 6.01
N ASP D 184 -20.97 -55.34 5.00
CA ASP D 184 -22.11 -55.24 4.11
C ASP D 184 -23.36 -55.04 4.94
N LYS D 185 -23.52 -55.87 5.95
CA LYS D 185 -24.62 -55.76 6.86
C LYS D 185 -24.83 -54.31 7.36
N SER D 186 -23.81 -53.64 7.90
CA SER D 186 -24.08 -52.29 8.39
C SER D 186 -24.48 -51.33 7.24
N ILE D 187 -23.92 -51.53 6.03
CA ILE D 187 -24.21 -50.62 4.93
C ILE D 187 -25.68 -50.79 4.48
N ARG D 188 -26.12 -52.04 4.36
CA ARG D 188 -27.52 -52.36 4.01
C ARG D 188 -28.42 -51.77 5.06
N SER D 189 -27.96 -51.82 6.29
CA SER D 189 -28.79 -51.33 7.39
C SER D 189 -28.87 -49.80 7.32
N PHE D 190 -27.75 -49.18 7.03
CA PHE D 190 -27.71 -47.76 6.84
C PHE D 190 -28.65 -47.35 5.66
N ALA D 191 -28.54 -48.06 4.54
CA ALA D 191 -29.31 -47.72 3.37
C ALA D 191 -30.80 -47.79 3.63
N ARG D 192 -31.25 -48.89 4.22
CA ARG D 192 -32.64 -49.05 4.50
C ARG D 192 -33.22 -47.91 5.35
N ALA D 193 -32.57 -47.56 6.46
CA ALA D 193 -33.05 -46.44 7.30
C ALA D 193 -33.12 -45.13 6.52
N CYS D 194 -32.10 -44.85 5.74
CA CYS D 194 -32.11 -43.64 4.92
C CYS D 194 -33.30 -43.66 3.98
N PHE D 195 -33.53 -44.76 3.25
CA PHE D 195 -34.67 -44.79 2.34
C PHE D 195 -36.02 -44.71 3.06
N ASN D 196 -36.13 -45.36 4.22
CA ASN D 196 -37.30 -45.26 5.09
C ASN D 196 -37.56 -43.80 5.40
N TYR D 197 -36.61 -43.17 6.05
CA TYR D 197 -36.81 -41.80 6.51
C TYR D 197 -37.20 -40.88 5.33
N ALA D 198 -36.54 -41.04 4.19
CA ALA D 198 -36.82 -40.18 3.07
C ALA D 198 -38.26 -40.38 2.58
N LEU D 199 -38.67 -41.63 2.33
CA LEU D 199 -40.09 -41.94 2.07
C LEU D 199 -41.03 -41.36 3.10
N ASP D 200 -40.72 -41.60 4.34
CA ASP D 200 -41.53 -41.17 5.42
C ASP D 200 -41.67 -39.64 5.42
N MET D 201 -40.63 -38.91 5.02
CA MET D 201 -40.60 -37.45 5.06
C MET D 201 -40.98 -36.82 3.70
N ASN D 202 -41.13 -37.66 2.69
CA ASN D 202 -41.47 -37.17 1.36
C ASN D 202 -40.44 -36.31 0.72
N GLN D 203 -39.20 -36.75 0.81
CA GLN D 203 -38.15 -35.99 0.15
C GLN D 203 -37.10 -36.87 -0.45
N ASP D 204 -36.32 -36.31 -1.35
CA ASP D 204 -35.31 -37.05 -2.04
C ASP D 204 -34.19 -37.48 -1.08
N LEU D 205 -33.61 -38.63 -1.37
CA LEU D 205 -32.37 -39.08 -0.73
C LEU D 205 -31.18 -38.80 -1.66
N TRP D 206 -30.19 -38.07 -1.13
CA TRP D 206 -28.88 -37.88 -1.73
C TRP D 206 -27.81 -38.63 -0.89
N PHE D 207 -27.02 -39.46 -1.55
CA PHE D 207 -25.93 -40.14 -0.92
C PHE D 207 -24.70 -39.74 -1.73
N SER D 208 -23.62 -39.39 -1.04
CA SER D 208 -22.39 -39.13 -1.75
C SER D 208 -21.15 -39.68 -1.06
N THR D 209 -20.18 -40.03 -1.89
CA THR D 209 -18.89 -40.57 -1.47
C THR D 209 -17.84 -39.84 -2.28
N LYS D 210 -16.62 -40.36 -2.23
CA LYS D 210 -15.53 -39.92 -3.09
C LYS D 210 -15.00 -41.15 -3.90
N ASP D 211 -15.94 -41.96 -4.39
CA ASP D 211 -15.65 -43.28 -5.00
C ASP D 211 -14.84 -43.33 -6.29
N THR D 212 -14.49 -42.20 -6.91
CA THR D 212 -13.56 -42.30 -8.03
C THR D 212 -12.14 -42.45 -7.50
N ILE D 213 -11.95 -42.07 -6.23
CA ILE D 213 -10.64 -42.13 -5.56
C ILE D 213 -10.50 -43.45 -4.82
N SER D 214 -11.46 -43.71 -3.93
CA SER D 214 -11.58 -45.00 -3.24
C SER D 214 -12.32 -46.00 -4.16
N LYS D 215 -11.57 -46.85 -4.86
CA LYS D 215 -12.14 -47.68 -5.94
C LYS D 215 -12.86 -48.93 -5.42
N THR D 216 -12.81 -49.17 -4.10
CA THR D 216 -13.30 -50.41 -3.50
C THR D 216 -14.20 -50.17 -2.32
N TYR D 217 -13.77 -49.31 -1.40
CA TYR D 217 -14.49 -49.12 -0.16
C TYR D 217 -15.78 -48.29 -0.42
N ASP D 218 -15.63 -47.08 -0.95
CA ASP D 218 -16.78 -46.29 -1.39
C ASP D 218 -17.60 -46.96 -2.49
N HIS D 219 -16.93 -47.64 -3.40
CA HIS D 219 -17.68 -48.45 -4.35
C HIS D 219 -18.71 -49.36 -3.67
N ARG D 220 -18.36 -49.96 -2.52
CA ARG D 220 -19.31 -50.88 -1.87
C ARG D 220 -20.55 -50.17 -1.31
N PHE D 221 -20.37 -48.97 -0.78
CA PHE D 221 -21.47 -48.19 -0.32
C PHE D 221 -22.36 -47.89 -1.52
N LYS D 222 -21.76 -47.48 -2.62
CA LYS D 222 -22.51 -47.09 -3.77
C LYS D 222 -23.37 -48.25 -4.27
N ASP D 223 -22.78 -49.44 -4.40
CA ASP D 223 -23.50 -50.59 -4.96
C ASP D 223 -24.60 -51.10 -4.01
N ILE D 224 -24.37 -51.07 -2.71
CA ILE D 224 -25.37 -51.56 -1.79
C ILE D 224 -26.61 -50.62 -1.78
N PHE D 225 -26.36 -49.32 -1.83
CA PHE D 225 -27.46 -48.34 -1.89
C PHE D 225 -28.29 -48.55 -3.14
N GLN D 226 -27.63 -48.76 -4.28
CA GLN D 226 -28.32 -48.92 -5.54
C GLN D 226 -29.10 -50.22 -5.51
N GLU D 227 -28.46 -51.28 -5.06
CA GLU D 227 -29.14 -52.56 -4.85
C GLU D 227 -30.39 -52.44 -3.99
N ILE D 228 -30.21 -51.82 -2.84
CA ILE D 228 -31.29 -51.71 -1.92
C ILE D 228 -32.39 -50.84 -2.51
N TYR D 229 -32.02 -49.84 -3.30
CA TYR D 229 -33.00 -49.00 -3.95
C TYR D 229 -33.90 -49.79 -4.92
N GLU D 230 -33.28 -50.49 -5.88
CA GLU D 230 -34.04 -51.25 -6.87
C GLU D 230 -34.94 -52.28 -6.21
N ASN D 231 -34.33 -53.15 -5.42
CA ASN D 231 -35.02 -54.32 -4.90
C ASN D 231 -36.06 -53.89 -3.89
N GLU D 232 -35.88 -52.73 -3.30
CA GLU D 232 -36.67 -52.39 -2.11
C GLU D 232 -37.42 -51.06 -2.06
N TYR D 233 -36.96 -50.03 -2.77
CA TYR D 233 -37.56 -48.70 -2.57
C TYR D 233 -37.99 -47.97 -3.86
N LYS D 234 -37.47 -48.39 -5.00
CA LYS D 234 -37.71 -47.71 -6.26
C LYS D 234 -39.19 -47.47 -6.50
N GLU D 235 -39.98 -48.54 -6.46
CA GLU D 235 -41.40 -48.42 -6.75
C GLU D 235 -42.06 -47.43 -5.78
N LYS D 236 -41.74 -47.52 -4.49
CA LYS D 236 -42.33 -46.59 -3.53
C LYS D 236 -41.87 -45.14 -3.78
N PHE D 237 -40.60 -44.96 -4.08
CA PHE D 237 -40.14 -43.62 -4.41
C PHE D 237 -40.92 -43.07 -5.60
N GLU D 238 -41.07 -43.86 -6.68
CA GLU D 238 -41.77 -43.35 -7.87
C GLU D 238 -43.20 -43.00 -7.52
N ALA D 239 -43.93 -43.95 -6.92
CA ALA D 239 -45.28 -43.62 -6.52
C ALA D 239 -45.36 -42.22 -5.88
N LYS D 240 -44.37 -41.79 -5.09
CA LYS D 240 -44.49 -40.44 -4.47
C LYS D 240 -43.65 -39.38 -5.14
N ASN D 241 -43.10 -39.73 -6.30
CA ASN D 241 -42.21 -38.89 -7.08
C ASN D 241 -40.95 -38.45 -6.33
N LEU D 242 -40.51 -39.25 -5.36
CA LEU D 242 -39.20 -39.03 -4.73
C LEU D 242 -38.07 -39.60 -5.59
N GLN D 243 -36.92 -38.97 -5.52
CA GLN D 243 -35.74 -39.45 -6.25
C GLN D 243 -34.59 -39.81 -5.32
N TYR D 244 -33.77 -40.76 -5.76
CA TYR D 244 -32.54 -41.11 -5.10
C TYR D 244 -31.37 -40.61 -5.95
N PHE D 245 -30.58 -39.67 -5.42
CA PHE D 245 -29.44 -39.12 -6.11
C PHE D 245 -28.11 -39.65 -5.51
N TYR D 246 -27.45 -40.52 -6.25
CA TYR D 246 -26.14 -40.89 -5.88
C TYR D 246 -25.17 -39.90 -6.49
N THR D 247 -24.13 -39.53 -5.78
CA THR D 247 -23.18 -38.61 -6.39
C THR D 247 -21.84 -38.42 -5.68
N LEU D 248 -20.94 -37.73 -6.34
CA LEU D 248 -19.68 -37.38 -5.74
C LEU D 248 -19.90 -36.19 -4.76
N ILE D 249 -19.16 -36.24 -3.66
CA ILE D 249 -19.24 -35.26 -2.61
C ILE D 249 -19.08 -33.83 -3.17
N ASP D 250 -18.12 -33.61 -4.05
CA ASP D 250 -18.00 -32.30 -4.69
C ASP D 250 -19.30 -31.86 -5.43
N ASP D 251 -19.78 -32.71 -6.33
CA ASP D 251 -21.00 -32.45 -7.08
C ASP D 251 -22.21 -32.23 -6.15
N ALA D 252 -22.23 -32.89 -5.00
CA ALA D 252 -23.42 -32.77 -4.15
C ALA D 252 -23.42 -31.46 -3.35
N VAL D 253 -22.27 -31.05 -2.83
CA VAL D 253 -22.31 -29.82 -2.08
C VAL D 253 -22.55 -28.65 -3.05
N ALA D 254 -22.05 -28.71 -4.29
CA ALA D 254 -22.32 -27.63 -5.23
C ALA D 254 -23.80 -27.59 -5.55
N ARG D 255 -24.37 -28.75 -5.85
CA ARG D 255 -25.80 -28.83 -6.16
C ARG D 255 -26.69 -28.46 -4.94
N ILE D 256 -26.33 -28.92 -3.74
CA ILE D 256 -27.18 -28.68 -2.57
C ILE D 256 -27.10 -27.23 -2.12
N ILE D 257 -25.92 -26.63 -2.24
CA ILE D 257 -25.76 -25.22 -1.86
C ILE D 257 -26.56 -24.33 -2.83
N ARG D 258 -26.93 -24.92 -3.95
CA ARG D 258 -27.61 -24.18 -5.00
C ARG D 258 -29.13 -24.34 -4.83
N SER D 259 -29.53 -25.16 -3.87
CA SER D 259 -30.92 -25.51 -3.74
C SER D 259 -31.62 -24.78 -2.64
N GLU D 260 -32.85 -25.21 -2.39
CA GLU D 260 -33.64 -24.66 -1.33
C GLU D 260 -33.67 -25.53 -0.07
N GLY D 261 -32.89 -26.61 -0.09
CA GLY D 261 -32.83 -27.52 1.02
C GLY D 261 -33.96 -28.50 0.89
N GLY D 262 -34.36 -29.12 1.99
CA GLY D 262 -35.50 -29.99 1.94
C GLY D 262 -35.23 -31.38 1.45
N MET D 263 -34.04 -31.90 1.70
CA MET D 263 -33.73 -33.25 1.24
C MET D 263 -32.98 -33.95 2.37
N VAL D 264 -32.82 -35.27 2.22
CA VAL D 264 -32.11 -36.11 3.15
C VAL D 264 -30.75 -36.40 2.52
N TRP D 265 -29.66 -36.13 3.27
CA TRP D 265 -28.32 -36.22 2.78
C TRP D 265 -27.50 -37.16 3.64
N ALA D 266 -27.08 -38.28 3.08
CA ALA D 266 -26.34 -39.28 3.85
C ALA D 266 -24.92 -39.27 3.37
N CYS D 267 -24.01 -39.57 4.27
CA CYS D 267 -22.60 -39.61 3.96
C CYS D 267 -21.96 -40.76 4.76
N LYS D 268 -20.77 -41.23 4.35
CA LYS D 268 -20.00 -42.27 5.06
C LYS D 268 -19.64 -41.86 6.49
N ASN D 269 -19.64 -42.83 7.41
CA ASN D 269 -19.21 -42.57 8.79
C ASN D 269 -17.98 -41.66 8.81
N ASP D 273 -19.38 -35.58 8.58
CA ASP D 273 -18.53 -35.41 9.77
C ASP D 273 -17.79 -34.07 9.70
N VAL D 274 -18.52 -32.99 9.43
CA VAL D 274 -17.88 -31.76 8.99
C VAL D 274 -18.72 -31.15 7.88
N MET D 275 -19.13 -31.98 6.92
CA MET D 275 -20.16 -31.60 5.98
C MET D 275 -21.42 -31.37 6.81
N SER D 276 -21.57 -32.13 7.89
CA SER D 276 -22.80 -32.09 8.67
C SER D 276 -22.86 -30.93 9.66
N ASP D 277 -21.74 -30.55 10.26
CA ASP D 277 -21.76 -29.38 11.12
C ASP D 277 -21.96 -28.12 10.32
N MET D 278 -21.48 -28.14 9.08
CA MET D 278 -21.65 -27.01 8.17
C MET D 278 -23.13 -26.85 7.98
N VAL D 279 -23.82 -27.94 7.72
CA VAL D 279 -25.24 -27.83 7.48
C VAL D 279 -25.94 -27.30 8.71
N ALA D 280 -25.68 -27.93 9.85
CA ALA D 280 -26.23 -27.48 11.11
C ALA D 280 -26.00 -25.99 11.30
N SER D 281 -24.75 -25.55 11.29
CA SER D 281 -24.43 -24.15 11.53
C SER D 281 -24.99 -23.18 10.50
N ALA D 282 -25.06 -23.62 9.25
CA ALA D 282 -25.60 -22.78 8.19
C ALA D 282 -27.01 -22.32 8.51
N PHE D 283 -27.77 -23.14 9.21
CA PHE D 283 -29.17 -22.84 9.46
C PHE D 283 -29.38 -21.99 10.71
N GLY D 284 -28.47 -22.09 11.66
CA GLY D 284 -28.59 -21.34 12.91
C GLY D 284 -28.14 -22.25 14.04
N SER D 285 -28.47 -21.91 15.26
CA SER D 285 -27.92 -22.64 16.40
C SER D 285 -28.16 -24.15 16.28
N LEU D 286 -27.29 -24.91 16.91
CA LEU D 286 -27.37 -26.35 16.85
C LEU D 286 -28.45 -26.79 17.84
N ALA D 287 -28.94 -25.85 18.62
CA ALA D 287 -30.04 -26.19 19.54
C ALA D 287 -31.37 -26.28 18.79
N MET D 288 -31.49 -25.52 17.71
CA MET D 288 -32.72 -25.38 16.95
C MET D 288 -32.86 -26.57 16.01
N MET D 289 -32.97 -27.75 16.58
CA MET D 289 -32.68 -28.94 15.80
C MET D 289 -33.38 -30.16 16.31
N THR D 290 -33.96 -30.96 15.44
CA THR D 290 -34.53 -32.25 15.87
C THR D 290 -33.52 -33.34 15.61
N SER D 291 -33.64 -34.46 16.33
CA SER D 291 -32.78 -35.60 16.13
C SER D 291 -33.69 -36.80 16.08
N VAL D 292 -33.63 -37.60 15.01
CA VAL D 292 -34.52 -38.74 14.86
C VAL D 292 -33.76 -40.02 14.48
N LEU D 293 -34.00 -41.08 15.24
CA LEU D 293 -33.44 -42.37 15.02
C LEU D 293 -34.47 -43.12 14.18
N VAL D 294 -34.04 -43.73 13.08
CA VAL D 294 -34.89 -44.61 12.26
C VAL D 294 -34.20 -45.93 12.09
N SER D 295 -34.93 -47.06 12.17
CA SER D 295 -34.28 -48.35 11.95
C SER D 295 -34.60 -48.92 10.56
N PRO D 296 -33.82 -49.89 10.09
CA PRO D 296 -34.05 -50.53 8.76
C PRO D 296 -35.49 -51.05 8.69
N ASP D 297 -35.97 -51.24 9.89
CA ASP D 297 -37.18 -51.89 10.25
C ASP D 297 -38.38 -50.90 10.29
N GLY D 298 -38.13 -49.62 10.11
CA GLY D 298 -39.18 -48.59 10.28
C GLY D 298 -39.54 -48.24 11.72
N LYS D 299 -38.68 -48.55 12.68
CA LYS D 299 -38.83 -48.01 14.05
C LYS D 299 -38.23 -46.59 14.20
N TYR D 300 -38.93 -45.71 14.93
CA TYR D 300 -38.54 -44.29 15.13
C TYR D 300 -38.42 -43.89 16.59
N GLU D 301 -37.40 -43.11 16.91
CA GLU D 301 -37.33 -42.48 18.18
C GLU D 301 -37.02 -41.02 17.93
N PHE D 302 -37.83 -40.11 18.46
CA PHE D 302 -37.57 -38.66 18.33
C PHE D 302 -36.98 -38.08 19.60
N GLU D 303 -35.93 -37.27 19.49
CA GLU D 303 -35.31 -36.59 20.65
C GLU D 303 -34.90 -35.18 20.27
N ALA D 304 -34.74 -34.31 21.27
CA ALA D 304 -34.09 -32.99 21.02
C ALA D 304 -32.61 -33.20 20.66
N ALA D 305 -32.08 -32.39 19.76
CA ALA D 305 -30.67 -32.53 19.36
C ALA D 305 -29.72 -32.35 20.55
N ASN D 325 -33.64 -26.07 24.80
CA ASN D 325 -34.47 -25.20 23.98
C ASN D 325 -35.81 -25.87 23.70
N SER D 326 -36.84 -25.42 24.42
CA SER D 326 -38.20 -25.94 24.34
C SER D 326 -38.72 -26.17 22.94
N MET D 327 -38.21 -25.44 21.96
CA MET D 327 -38.62 -25.67 20.58
C MET D 327 -38.26 -27.07 20.11
N ALA D 328 -37.00 -27.49 20.33
CA ALA D 328 -36.57 -28.85 19.96
C ALA D 328 -37.41 -29.92 20.63
N THR D 329 -37.80 -29.69 21.88
CA THR D 329 -38.56 -30.66 22.64
C THR D 329 -40.00 -30.69 22.20
N ILE D 330 -40.53 -29.54 21.82
CA ILE D 330 -41.85 -29.49 21.21
C ILE D 330 -41.83 -30.32 19.93
N PHE D 331 -40.86 -30.07 19.06
CA PHE D 331 -40.84 -30.72 17.75
C PHE D 331 -40.46 -32.21 17.87
N ALA D 332 -39.77 -32.63 18.93
CA ALA D 332 -39.63 -34.06 19.17
C ALA D 332 -41.04 -34.63 19.41
N TRP D 333 -41.86 -33.97 20.24
CA TRP D 333 -43.21 -34.53 20.51
C TRP D 333 -44.12 -34.54 19.28
N THR D 334 -44.08 -33.47 18.50
CA THR D 334 -44.92 -33.41 17.32
C THR D 334 -44.46 -34.34 16.21
N GLY D 335 -43.17 -34.49 16.01
CA GLY D 335 -42.71 -35.52 15.05
C GLY D 335 -43.28 -36.88 15.48
N ALA D 336 -43.26 -37.15 16.79
CA ALA D 336 -43.64 -38.47 17.30
C ALA D 336 -45.14 -38.63 17.17
N LEU D 337 -45.87 -37.59 17.53
CA LEU D 337 -47.33 -37.69 17.40
C LEU D 337 -47.70 -37.86 15.95
N LYS D 338 -47.05 -37.11 15.07
CA LYS D 338 -47.42 -37.15 13.67
C LYS D 338 -47.11 -38.56 13.14
N LYS D 339 -45.94 -39.08 13.45
CA LYS D 339 -45.61 -40.42 13.07
C LYS D 339 -46.61 -41.42 13.68
N ARG D 340 -46.94 -41.30 14.95
CA ARG D 340 -47.78 -42.30 15.61
C ARG D 340 -49.16 -42.29 14.94
N GLY D 341 -49.64 -41.10 14.57
CA GLY D 341 -50.92 -40.97 13.90
C GLY D 341 -50.96 -41.45 12.47
N GLU D 342 -49.87 -41.28 11.74
CA GLU D 342 -49.83 -41.77 10.37
C GLU D 342 -49.99 -43.28 10.43
N LEU D 343 -49.30 -43.90 11.40
CA LEU D 343 -49.31 -45.34 11.52
C LEU D 343 -50.70 -45.85 11.84
N ASP D 344 -51.42 -45.12 12.69
CA ASP D 344 -52.71 -45.58 13.18
C ASP D 344 -53.88 -45.00 12.41
N GLY D 345 -53.60 -44.29 11.32
CA GLY D 345 -54.67 -43.70 10.56
C GLY D 345 -55.47 -42.64 11.31
N ILE D 346 -54.87 -41.97 12.30
CA ILE D 346 -55.58 -40.90 13.02
C ILE D 346 -55.30 -39.52 12.41
N LYS D 347 -56.12 -39.18 11.44
CA LYS D 347 -55.98 -37.94 10.70
C LYS D 347 -55.89 -36.76 11.68
N GLU D 348 -56.84 -36.70 12.61
CA GLU D 348 -56.89 -35.64 13.60
C GLU D 348 -55.54 -35.49 14.30
N LEU D 349 -54.89 -36.60 14.65
CA LEU D 349 -53.62 -36.50 15.36
C LEU D 349 -52.50 -35.95 14.46
N VAL D 350 -52.46 -36.35 13.19
CA VAL D 350 -51.41 -35.77 12.37
C VAL D 350 -51.59 -34.27 12.15
N ASP D 351 -52.83 -33.85 11.95
CA ASP D 351 -53.16 -32.45 11.79
C ASP D 351 -52.86 -31.68 13.06
N PHE D 352 -53.26 -32.21 14.21
CA PHE D 352 -52.87 -31.53 15.44
C PHE D 352 -51.36 -31.17 15.44
N ALA D 353 -50.54 -32.18 15.20
CA ALA D 353 -49.09 -32.09 15.28
C ALA D 353 -48.57 -31.03 14.33
N THR D 354 -49.10 -30.97 13.13
CA THR D 354 -48.73 -29.92 12.19
C THR D 354 -49.16 -28.55 12.68
N LYS D 355 -50.35 -28.47 13.24
CA LYS D 355 -50.90 -27.19 13.70
C LYS D 355 -50.07 -26.65 14.87
N LEU D 356 -49.63 -27.54 15.76
CA LEU D 356 -48.89 -27.11 16.96
C LEU D 356 -47.49 -26.65 16.60
N GLU D 357 -46.91 -27.30 15.60
CA GLU D 357 -45.63 -26.84 15.02
C GLU D 357 -45.75 -25.45 14.42
N GLN D 358 -46.75 -25.27 13.57
CA GLN D 358 -47.00 -23.98 12.95
C GLN D 358 -47.26 -22.88 13.97
N ALA D 359 -47.97 -23.19 15.04
CA ALA D 359 -48.26 -22.27 16.10
C ALA D 359 -46.99 -21.88 16.89
N SER D 360 -46.16 -22.88 17.22
CA SER D 360 -44.87 -22.63 17.81
C SER D 360 -44.09 -21.61 16.97
N VAL D 361 -43.93 -21.89 15.68
CA VAL D 361 -43.19 -21.00 14.85
C VAL D 361 -43.92 -19.65 14.77
N GLN D 362 -45.23 -19.69 14.61
CA GLN D 362 -45.95 -18.43 14.40
C GLN D 362 -45.79 -17.50 15.61
N THR D 363 -45.69 -18.05 16.83
CA THR D 363 -45.61 -17.15 17.97
C THR D 363 -44.27 -16.43 18.06
N ILE D 364 -43.24 -17.09 17.55
CA ILE D 364 -41.97 -16.45 17.45
C ILE D 364 -42.06 -15.37 16.40
N GLU D 365 -42.64 -15.72 15.26
CA GLU D 365 -42.82 -14.74 14.23
C GLU D 365 -43.64 -13.53 14.70
N ASN D 366 -44.56 -13.69 15.63
CA ASN D 366 -45.30 -12.50 16.13
C ASN D 366 -44.47 -11.72 17.13
N GLY D 367 -43.29 -12.23 17.45
CA GLY D 367 -42.40 -11.52 18.33
C GLY D 367 -42.45 -11.90 19.80
N VAL D 368 -43.11 -12.99 20.16
CA VAL D 368 -42.99 -13.40 21.54
C VAL D 368 -42.05 -14.63 21.59
N MET D 369 -41.06 -14.59 22.47
CA MET D 369 -40.09 -15.66 22.48
C MET D 369 -39.17 -15.56 23.68
N THR D 370 -38.32 -16.56 23.84
CA THR D 370 -37.34 -16.58 24.94
C THR D 370 -36.06 -15.84 24.53
N LYS D 371 -35.18 -15.64 25.50
CA LYS D 371 -34.00 -14.81 25.35
C LYS D 371 -33.13 -15.37 24.25
N ASP D 372 -33.13 -16.69 24.11
CA ASP D 372 -32.22 -17.30 23.15
C ASP D 372 -32.79 -17.24 21.74
N LEU D 373 -34.10 -17.46 21.59
CA LEU D 373 -34.70 -17.21 20.29
C LEU D 373 -34.48 -15.76 19.83
N ALA D 374 -34.45 -14.82 20.79
CA ALA D 374 -34.36 -13.40 20.45
C ALA D 374 -33.04 -13.00 19.92
N SER D 375 -31.97 -13.69 20.33
CA SER D 375 -30.65 -13.31 19.88
C SER D 375 -30.42 -13.87 18.49
N LEU D 376 -31.31 -14.77 18.09
CA LEU D 376 -31.26 -15.37 16.75
C LEU D 376 -32.23 -14.67 15.80
N SER D 377 -33.39 -14.28 16.29
CA SER D 377 -34.44 -13.78 15.41
C SER D 377 -34.27 -12.35 14.90
N GLU D 378 -34.91 -12.05 13.78
CA GLU D 378 -34.85 -10.67 13.22
C GLU D 378 -36.15 -9.89 13.40
N VAL D 379 -37.16 -10.43 14.08
CA VAL D 379 -38.37 -9.65 14.08
C VAL D 379 -38.13 -8.35 14.86
N PRO D 380 -38.62 -7.25 14.28
CA PRO D 380 -38.38 -5.88 14.70
C PRO D 380 -38.91 -5.58 16.09
N GLU D 381 -39.99 -6.17 16.53
CA GLU D 381 -40.43 -5.87 17.88
C GLU D 381 -40.55 -7.19 18.62
N LYS D 382 -39.76 -7.37 19.67
CA LYS D 382 -39.74 -8.63 20.37
C LYS D 382 -40.12 -8.44 21.81
N LYS D 383 -40.97 -9.33 22.31
CA LYS D 383 -41.27 -9.39 23.75
C LYS D 383 -40.56 -10.64 24.25
N ILE D 384 -39.64 -10.46 25.19
CA ILE D 384 -38.86 -11.56 25.73
C ILE D 384 -39.58 -12.03 27.01
N VAL D 385 -39.82 -13.33 27.12
CA VAL D 385 -40.51 -13.88 28.28
C VAL D 385 -39.81 -15.18 28.71
N ASN D 386 -40.21 -15.74 29.85
CA ASN D 386 -39.59 -17.00 30.29
C ASN D 386 -40.16 -18.26 29.57
N THR D 387 -39.58 -19.42 29.83
CA THR D 387 -39.91 -20.61 29.07
C THR D 387 -41.39 -20.92 29.26
N GLU D 388 -41.83 -20.85 30.52
CA GLU D 388 -43.22 -21.09 30.88
C GLU D 388 -44.21 -20.16 30.14
N ASP D 389 -43.99 -18.85 30.26
CA ASP D 389 -44.82 -17.88 29.52
C ASP D 389 -44.76 -18.17 28.01
N PHE D 390 -43.59 -18.53 27.50
CA PHE D 390 -43.47 -18.85 26.09
C PHE D 390 -44.43 -20.02 25.76
N LEU D 391 -44.33 -21.14 26.48
CA LEU D 391 -45.27 -22.24 26.19
C LEU D 391 -46.69 -21.77 26.24
N LYS D 392 -46.99 -20.75 27.05
CA LYS D 392 -48.37 -20.30 27.21
C LYS D 392 -48.79 -19.52 26.01
N GLU D 393 -47.84 -18.78 25.45
CA GLU D 393 -48.12 -17.96 24.28
C GLU D 393 -48.34 -18.84 23.05
N ILE D 394 -47.51 -19.86 22.88
CA ILE D 394 -47.79 -20.82 21.78
C ILE D 394 -49.20 -21.35 21.93
N ARG D 395 -49.60 -21.65 23.16
CA ARG D 395 -50.95 -22.11 23.42
C ARG D 395 -52.02 -21.08 23.05
N LYS D 396 -51.76 -19.80 23.34
CA LYS D 396 -52.65 -18.71 22.87
C LYS D 396 -52.70 -18.71 21.34
N THR D 397 -51.54 -18.80 20.68
CA THR D 397 -51.55 -18.80 19.21
C THR D 397 -52.31 -19.99 18.64
N PHE D 398 -52.09 -21.16 19.23
CA PHE D 398 -52.80 -22.34 18.82
C PHE D 398 -54.31 -22.12 18.92
N GLU D 399 -54.79 -21.47 19.96
CA GLU D 399 -56.23 -21.30 20.10
C GLU D 399 -56.78 -20.33 19.05
N GLY D 400 -55.96 -19.41 18.58
CA GLY D 400 -56.39 -18.42 17.59
C GLY D 400 -56.48 -19.04 16.19
N MET D 401 -55.85 -20.18 16.01
CA MET D 401 -55.75 -20.78 14.68
C MET D 401 -57.01 -21.53 14.27
#